data_4GHC
#
_entry.id   4GHC
#
_cell.length_a   110.356
_cell.length_b   151.736
_cell.length_c   96.335
_cell.angle_alpha   90.00
_cell.angle_beta   90.00
_cell.angle_gamma   90.00
#
_symmetry.space_group_name_H-M   'P 21 21 2'
#
loop_
_entity.id
_entity.type
_entity.pdbx_description
1 polymer 'Homoprotocatechuate 2,3-dioxygenase'
2 non-polymer 'FE (II) ION'
3 non-polymer 'CHLORIDE ION'
4 non-polymer GLYCEROL
5 non-polymer 'CALCIUM ION'
6 water water
#
_entity_poly.entity_id   1
_entity_poly.type   'polypeptide(L)'
_entity_poly.pdbx_seq_one_letter_code
;MSNEIPKPVAPAPDILRCAYAELVVTDLAKSRNFYVDVLGLHVSYEDENQIYLRSFEEFIHHNLVLTKGPVAALKAMAFR
VRTPEDVDKAEAYYQELGCRTERRKDGFVKGIGDALRVEDPLGFPYEFFFETTHVERLHMRYDLYSAGELVRLDHFNQVT
PDVPRGRKYLEDLGFRVTEDIQDDEGTTYAAWMHRKGTVHDTALTGGNGPRLHHVAFSTHEKHNIIQICDKMGALRISDR
IERGPGRHGVSNAFYLFILDPDNHRIEIYTQDYYTGDPDNPTITWNVHDNQRRDWWGNPVVPSWYTEASKVLDLDGNVQE
IIERTDDSELEVTIGADGFSFTRAGDEDGSYHGQASKGFKLGNQL
;
_entity_poly.pdbx_strand_id   A,B,C,D
#
loop_
_chem_comp.id
_chem_comp.type
_chem_comp.name
_chem_comp.formula
CA non-polymer 'CALCIUM ION' 'Ca 2'
CL non-polymer 'CHLORIDE ION' 'Cl -1'
FE2 non-polymer 'FE (II) ION' 'Fe 2'
GOL non-polymer GLYCEROL 'C3 H8 O3'
#
# COMPACT_ATOMS: atom_id res chain seq x y z
N ASN A 3 31.08 -36.61 0.23
CA ASN A 3 31.81 -36.84 1.52
C ASN A 3 31.83 -35.60 2.38
N GLU A 4 31.66 -35.79 3.69
CA GLU A 4 31.49 -34.68 4.64
C GLU A 4 32.65 -33.68 4.55
N ILE A 5 32.30 -32.39 4.58
CA ILE A 5 33.28 -31.32 4.62
C ILE A 5 33.66 -31.16 6.10
N PRO A 6 34.95 -31.32 6.44
CA PRO A 6 35.30 -31.26 7.86
C PRO A 6 35.19 -29.86 8.43
N LYS A 7 34.99 -29.77 9.74
CA LYS A 7 34.99 -28.50 10.44
C LYS A 7 36.42 -28.14 10.80
N PRO A 8 36.91 -26.99 10.27
CA PRO A 8 38.29 -26.58 10.57
C PRO A 8 38.55 -26.32 12.05
N VAL A 9 39.79 -26.50 12.49
CA VAL A 9 40.19 -26.04 13.80
C VAL A 9 40.21 -24.51 13.81
N ALA A 10 40.64 -23.89 12.71
CA ALA A 10 40.70 -22.43 12.61
C ALA A 10 39.29 -21.80 12.75
N PRO A 11 39.18 -20.67 13.46
CA PRO A 11 37.86 -20.06 13.67
C PRO A 11 37.26 -19.50 12.40
N ALA A 12 35.94 -19.56 12.28
CA ALA A 12 35.27 -19.00 11.12
C ALA A 12 35.39 -17.47 11.17
N PRO A 13 35.47 -16.82 10.00
CA PRO A 13 35.32 -15.36 9.97
C PRO A 13 33.91 -14.96 10.38
N ASP A 14 33.79 -13.82 11.05
CA ASP A 14 32.49 -13.29 11.45
C ASP A 14 31.88 -12.60 10.26
N ILE A 15 30.90 -13.26 9.63
CA ILE A 15 30.26 -12.75 8.43
C ILE A 15 29.06 -11.91 8.83
N LEU A 16 28.98 -10.69 8.30
CA LEU A 16 27.86 -9.79 8.57
C LEU A 16 26.64 -10.07 7.75
N ARG A 17 26.83 -10.22 6.46
CA ARG A 17 25.71 -10.21 5.51
C ARG A 17 26.22 -10.46 4.11
N CYS A 18 25.32 -10.87 3.23
CA CYS A 18 25.56 -10.73 1.80
C CYS A 18 25.72 -9.25 1.46
N ALA A 19 26.62 -8.94 0.52
CA ALA A 19 26.98 -7.54 0.24
C ALA A 19 26.90 -7.17 -1.23
N TYR A 20 27.45 -7.98 -2.11
CA TYR A 20 27.32 -7.75 -3.55
C TYR A 20 27.56 -9.00 -4.37
N ALA A 21 27.07 -8.99 -5.62
CA ALA A 21 27.42 -10.02 -6.60
C ALA A 21 28.12 -9.35 -7.76
N GLU A 22 29.09 -10.04 -8.32
CA GLU A 22 29.67 -9.68 -9.60
C GLU A 22 29.20 -10.68 -10.66
N LEU A 23 28.43 -10.18 -11.62
CA LEU A 23 27.88 -10.95 -12.73
C LEU A 23 28.58 -10.58 -14.01
N VAL A 24 28.99 -11.58 -14.76
CA VAL A 24 29.47 -11.34 -16.11
C VAL A 24 28.28 -11.33 -17.05
N VAL A 25 28.25 -10.30 -17.92
CA VAL A 25 27.19 -10.07 -18.90
C VAL A 25 27.81 -9.92 -20.28
N THR A 26 27.06 -10.27 -21.32
CA THR A 26 27.62 -10.29 -22.67
C THR A 26 27.48 -8.96 -23.42
N ASP A 27 26.43 -8.18 -23.12
CA ASP A 27 26.20 -6.88 -23.77
C ASP A 27 25.92 -5.86 -22.67
N LEU A 28 26.91 -5.05 -22.38
CA LEU A 28 26.86 -4.20 -21.21
C LEU A 28 25.74 -3.16 -21.35
N ALA A 29 25.53 -2.62 -22.55
CA ALA A 29 24.45 -1.63 -22.75
C ALA A 29 23.06 -2.22 -22.56
N LYS A 30 22.85 -3.45 -23.03
CA LYS A 30 21.54 -4.10 -22.85
C LYS A 30 21.32 -4.41 -21.38
N SER A 31 22.36 -4.86 -20.71
CA SER A 31 22.26 -5.12 -19.26
C SER A 31 22.02 -3.83 -18.48
N ARG A 32 22.67 -2.74 -18.88
CA ARG A 32 22.41 -1.43 -18.26
C ARG A 32 20.94 -1.02 -18.40
N ASN A 33 20.37 -1.20 -19.59
N ASN A 33 20.38 -1.19 -19.60
CA ASN A 33 18.98 -0.85 -19.80
CA ASN A 33 18.98 -0.87 -19.82
C ASN A 33 18.03 -1.64 -18.89
C ASN A 33 18.11 -1.61 -18.80
N PHE A 34 18.38 -2.89 -18.59
CA PHE A 34 17.58 -3.71 -17.67
C PHE A 34 17.73 -3.22 -16.23
N TYR A 35 18.98 -3.17 -15.74
CA TYR A 35 19.20 -2.89 -14.34
C TYR A 35 18.98 -1.43 -13.93
N VAL A 36 19.30 -0.51 -14.84
CA VAL A 36 19.15 0.93 -14.53
C VAL A 36 17.81 1.43 -15.05
N ASP A 37 17.52 1.27 -16.34
CA ASP A 37 16.30 1.88 -16.89
C ASP A 37 15.02 1.15 -16.51
N VAL A 38 15.03 -0.19 -16.52
CA VAL A 38 13.84 -0.94 -16.13
C VAL A 38 13.76 -0.99 -14.60
N LEU A 39 14.81 -1.45 -13.93
CA LEU A 39 14.74 -1.69 -12.48
C LEU A 39 15.13 -0.53 -11.59
N GLY A 40 15.81 0.48 -12.12
CA GLY A 40 16.04 1.70 -11.35
C GLY A 40 17.19 1.64 -10.35
N LEU A 41 18.07 0.65 -10.46
CA LEU A 41 19.24 0.65 -9.59
C LEU A 41 20.13 1.88 -9.87
N HIS A 42 20.91 2.28 -8.87
CA HIS A 42 21.68 3.53 -8.89
C HIS A 42 23.10 3.27 -9.25
N VAL A 43 23.65 4.05 -10.18
CA VAL A 43 25.02 3.85 -10.66
C VAL A 43 26.01 4.53 -9.71
N SER A 44 26.90 3.73 -9.15
CA SER A 44 28.00 4.23 -8.31
C SER A 44 29.21 4.59 -9.17
N TYR A 45 29.40 3.86 -10.27
CA TYR A 45 30.55 4.02 -11.17
C TYR A 45 30.28 3.23 -12.43
N GLU A 46 30.70 3.74 -13.59
CA GLU A 46 30.67 2.93 -14.80
C GLU A 46 31.72 3.35 -15.79
N ASP A 47 32.14 2.41 -16.60
CA ASP A 47 33.01 2.66 -17.72
C ASP A 47 32.56 1.74 -18.87
N GLU A 48 33.44 1.47 -19.83
CA GLU A 48 33.09 0.65 -20.97
C GLU A 48 33.11 -0.83 -20.68
N ASN A 49 33.66 -1.21 -19.53
CA ASN A 49 33.78 -2.62 -19.16
C ASN A 49 32.87 -3.06 -18.00
N GLN A 50 32.53 -2.13 -17.11
CA GLN A 50 31.78 -2.48 -15.92
C GLN A 50 30.79 -1.41 -15.53
N ILE A 51 29.71 -1.83 -14.88
CA ILE A 51 28.76 -0.94 -14.22
C ILE A 51 28.59 -1.38 -12.78
N TYR A 52 28.78 -0.43 -11.87
CA TYR A 52 28.67 -0.67 -10.44
C TYR A 52 27.35 -0.06 -10.00
N LEU A 53 26.48 -0.87 -9.39
CA LEU A 53 25.10 -0.48 -9.04
C LEU A 53 24.84 -0.70 -7.55
N ARG A 54 24.01 0.16 -6.96
CA ARG A 54 23.62 0.01 -5.56
C ARG A 54 22.14 0.27 -5.39
N SER A 55 21.60 -0.31 -4.33
CA SER A 55 20.20 -0.13 -3.97
C SER A 55 20.00 1.21 -3.24
N PHE A 56 18.73 1.57 -3.06
CA PHE A 56 18.33 2.88 -2.50
C PHE A 56 18.92 3.17 -1.11
N GLU A 57 19.04 2.14 -0.26
CA GLU A 57 19.44 2.37 1.13
C GLU A 57 20.89 1.98 1.42
N GLU A 58 21.65 1.61 0.38
CA GLU A 58 22.99 1.14 0.60
C GLU A 58 24.00 2.27 0.83
N PHE A 59 24.98 2.05 1.73
CA PHE A 59 26.08 3.02 1.93
C PHE A 59 27.42 2.46 1.46
N ILE A 60 27.57 1.14 1.33
CA ILE A 60 28.81 0.59 0.76
C ILE A 60 28.81 0.86 -0.76
N HIS A 61 29.95 0.67 -1.41
CA HIS A 61 30.08 1.18 -2.76
C HIS A 61 29.07 0.64 -3.73
N HIS A 62 28.75 -0.66 -3.64
CA HIS A 62 27.82 -1.27 -4.59
C HIS A 62 27.24 -2.54 -4.04
N ASN A 63 26.12 -2.95 -4.64
CA ASN A 63 25.50 -4.27 -4.42
C ASN A 63 25.57 -5.20 -5.63
N LEU A 64 25.92 -4.67 -6.79
CA LEU A 64 25.96 -5.45 -8.00
C LEU A 64 27.01 -4.83 -8.92
N VAL A 65 27.90 -5.68 -9.44
CA VAL A 65 28.86 -5.28 -10.45
C VAL A 65 28.54 -6.09 -11.70
N LEU A 66 28.27 -5.39 -12.79
CA LEU A 66 28.11 -6.01 -14.09
C LEU A 66 29.43 -5.85 -14.84
N THR A 67 30.00 -6.97 -15.25
CA THR A 67 31.30 -7.01 -15.92
C THR A 67 31.13 -7.62 -17.29
N LYS A 68 31.56 -6.91 -18.32
CA LYS A 68 31.50 -7.44 -19.68
C LYS A 68 32.45 -8.64 -19.82
N GLY A 69 31.97 -9.69 -20.45
CA GLY A 69 32.78 -10.86 -20.70
C GLY A 69 32.15 -11.78 -21.72
N PRO A 70 32.89 -12.83 -22.12
CA PRO A 70 32.43 -13.64 -23.22
C PRO A 70 31.29 -14.63 -22.88
N VAL A 71 31.23 -15.08 -21.62
CA VAL A 71 30.23 -16.06 -21.20
C VAL A 71 29.55 -15.55 -19.94
N ALA A 72 28.23 -15.39 -20.01
CA ALA A 72 27.45 -14.90 -18.86
C ALA A 72 27.54 -15.90 -17.71
N ALA A 73 27.83 -15.42 -16.50
CA ALA A 73 28.11 -16.29 -15.36
C ALA A 73 28.26 -15.45 -14.08
N LEU A 74 28.16 -16.10 -12.93
CA LEU A 74 28.54 -15.48 -11.67
C LEU A 74 30.07 -15.49 -11.54
N LYS A 75 30.67 -14.32 -11.34
CA LYS A 75 32.11 -14.24 -11.08
C LYS A 75 32.43 -14.26 -9.58
N ALA A 76 31.59 -13.63 -8.76
CA ALA A 76 31.82 -13.64 -7.29
C ALA A 76 30.54 -13.31 -6.54
N MET A 77 30.31 -14.04 -5.46
CA MET A 77 29.27 -13.69 -4.49
C MET A 77 29.99 -13.25 -3.23
N ALA A 78 29.81 -11.99 -2.84
CA ALA A 78 30.60 -11.38 -1.77
C ALA A 78 29.80 -11.17 -0.51
N PHE A 79 30.43 -11.54 0.60
CA PHE A 79 29.96 -11.31 1.96
C PHE A 79 30.87 -10.34 2.68
N ARG A 80 30.32 -9.35 3.35
CA ARG A 80 31.11 -8.49 4.21
C ARG A 80 31.33 -9.14 5.58
N VAL A 81 32.54 -9.00 6.09
CA VAL A 81 32.91 -9.50 7.43
C VAL A 81 33.09 -8.34 8.40
N ARG A 82 33.13 -8.65 9.69
CA ARG A 82 32.98 -7.62 10.72
C ARG A 82 34.21 -6.73 10.88
N THR A 83 35.40 -7.30 10.70
CA THR A 83 36.66 -6.55 10.92
C THR A 83 37.68 -6.92 9.86
N PRO A 84 38.71 -6.07 9.68
CA PRO A 84 39.79 -6.45 8.80
C PRO A 84 40.42 -7.80 9.16
N GLU A 85 40.55 -8.10 10.46
CA GLU A 85 41.12 -9.37 10.94
C GLU A 85 40.32 -10.59 10.44
N ASP A 86 39.00 -10.40 10.18
CA ASP A 86 38.18 -11.50 9.70
C ASP A 86 38.51 -11.92 8.27
N VAL A 87 39.12 -11.04 7.50
CA VAL A 87 39.59 -11.45 6.17
C VAL A 87 40.75 -12.43 6.36
N ASP A 88 41.66 -12.15 7.32
CA ASP A 88 42.71 -13.13 7.69
C ASP A 88 42.10 -14.44 8.18
N LYS A 89 41.05 -14.36 9.00
CA LYS A 89 40.42 -15.57 9.48
C LYS A 89 39.82 -16.37 8.35
N ALA A 90 39.21 -15.69 7.38
CA ALA A 90 38.61 -16.38 6.23
C ALA A 90 39.69 -17.11 5.40
N GLU A 91 40.83 -16.46 5.23
CA GLU A 91 41.92 -17.07 4.48
C GLU A 91 42.43 -18.36 5.16
N ALA A 92 42.69 -18.28 6.47
CA ALA A 92 43.13 -19.44 7.24
C ALA A 92 42.09 -20.57 7.20
N TYR A 93 40.82 -20.20 7.34
CA TYR A 93 39.74 -21.19 7.37
C TYR A 93 39.65 -21.96 6.05
N TYR A 94 39.67 -21.25 4.93
CA TYR A 94 39.56 -21.89 3.63
C TYR A 94 40.84 -22.64 3.23
N GLN A 95 42.00 -22.15 3.65
CA GLN A 95 43.25 -22.89 3.44
C GLN A 95 43.19 -24.22 4.18
N GLU A 96 42.62 -24.21 5.40
CA GLU A 96 42.48 -25.44 6.18
C GLU A 96 41.53 -26.42 5.52
N LEU A 97 40.48 -25.88 4.86
CA LEU A 97 39.56 -26.70 4.07
C LEU A 97 40.16 -27.26 2.78
N GLY A 98 41.35 -26.78 2.38
CA GLY A 98 42.00 -27.26 1.16
C GLY A 98 41.55 -26.56 -0.10
N CYS A 99 40.97 -25.36 0.08
CA CYS A 99 40.39 -24.64 -1.04
C CYS A 99 41.37 -23.66 -1.62
N ARG A 100 41.23 -23.43 -2.92
CA ARG A 100 42.00 -22.41 -3.59
C ARG A 100 41.57 -21.04 -3.10
N THR A 101 42.56 -20.20 -2.78
CA THR A 101 42.33 -18.86 -2.28
C THR A 101 43.14 -17.86 -3.10
N GLU A 102 42.68 -16.61 -3.12
CA GLU A 102 43.44 -15.53 -3.71
C GLU A 102 43.11 -14.27 -2.92
N ARG A 103 44.14 -13.60 -2.44
CA ARG A 103 44.00 -12.40 -1.61
C ARG A 103 44.59 -11.19 -2.31
N ARG A 104 43.82 -10.11 -2.39
CA ARG A 104 44.29 -8.86 -2.97
C ARG A 104 44.04 -7.69 -2.04
N LYS A 105 45.12 -7.07 -1.62
CA LYS A 105 45.06 -6.00 -0.61
C LYS A 105 44.31 -4.78 -1.11
N ASP A 106 44.23 -4.60 -2.43
CA ASP A 106 43.50 -3.46 -2.98
C ASP A 106 42.26 -3.89 -3.76
N GLY A 107 41.81 -5.12 -3.54
CA GLY A 107 40.52 -5.56 -4.05
C GLY A 107 40.53 -6.14 -5.44
N PHE A 108 39.43 -6.80 -5.78
CA PHE A 108 39.19 -7.35 -7.12
C PHE A 108 38.31 -6.45 -8.00
N VAL A 109 37.53 -5.58 -7.37
CA VAL A 109 36.65 -4.65 -8.08
C VAL A 109 36.78 -3.27 -7.42
N LYS A 110 36.39 -2.21 -8.15
CA LYS A 110 36.43 -0.85 -7.61
C LYS A 110 35.56 -0.77 -6.35
N GLY A 111 36.02 0.02 -5.39
CA GLY A 111 35.22 0.30 -4.20
C GLY A 111 35.30 -0.75 -3.10
N ILE A 112 36.13 -1.77 -3.30
CA ILE A 112 36.40 -2.78 -2.28
C ILE A 112 37.92 -2.80 -2.08
N GLY A 113 38.31 -2.91 -0.82
CA GLY A 113 39.72 -2.96 -0.42
C GLY A 113 40.15 -4.39 -0.22
N ASP A 114 40.90 -4.65 0.83
CA ASP A 114 41.51 -5.96 1.06
C ASP A 114 40.40 -7.02 0.97
N ALA A 115 40.59 -7.96 0.06
CA ALA A 115 39.59 -8.97 -0.20
C ALA A 115 40.17 -10.35 -0.46
N LEU A 116 39.44 -11.37 -0.04
CA LEU A 116 39.80 -12.76 -0.26
C LEU A 116 38.74 -13.38 -1.15
N ARG A 117 39.14 -13.96 -2.28
CA ARG A 117 38.24 -14.80 -3.07
C ARG A 117 38.66 -16.26 -2.96
N VAL A 118 37.67 -17.15 -2.97
CA VAL A 118 37.93 -18.56 -2.78
C VAL A 118 37.07 -19.37 -3.73
N GLU A 119 37.58 -20.54 -4.13
CA GLU A 119 36.73 -21.57 -4.76
C GLU A 119 36.30 -22.47 -3.63
N ASP A 120 35.04 -22.34 -3.22
CA ASP A 120 34.63 -22.97 -1.97
C ASP A 120 34.39 -24.46 -2.18
N PRO A 121 34.09 -25.19 -1.10
CA PRO A 121 33.92 -26.66 -1.24
C PRO A 121 32.78 -27.13 -2.17
N LEU A 122 31.84 -26.24 -2.47
CA LEU A 122 30.73 -26.52 -3.36
C LEU A 122 30.97 -25.97 -4.77
N GLY A 123 32.15 -25.41 -4.99
CA GLY A 123 32.53 -24.89 -6.30
C GLY A 123 32.16 -23.45 -6.58
N PHE A 124 31.75 -22.71 -5.54
CA PHE A 124 31.27 -21.32 -5.74
C PHE A 124 32.37 -20.31 -5.44
N PRO A 125 32.41 -19.23 -6.23
CA PRO A 125 33.35 -18.16 -6.01
C PRO A 125 32.83 -17.20 -4.93
N TYR A 126 33.27 -17.39 -3.70
CA TYR A 126 32.92 -16.54 -2.56
C TYR A 126 33.99 -15.47 -2.39
N GLU A 127 33.58 -14.24 -2.06
CA GLU A 127 34.49 -13.19 -1.61
C GLU A 127 34.14 -12.80 -0.19
N PHE A 128 35.17 -12.50 0.59
CA PHE A 128 35.06 -11.93 1.93
C PHE A 128 35.89 -10.66 1.94
N PHE A 129 35.30 -9.58 2.42
CA PHE A 129 36.00 -8.30 2.54
C PHE A 129 35.43 -7.54 3.72
N PHE A 130 36.20 -6.60 4.25
CA PHE A 130 35.72 -5.60 5.17
C PHE A 130 35.75 -4.20 4.52
N GLU A 131 36.91 -3.80 4.03
CA GLU A 131 37.14 -2.45 3.53
C GLU A 131 36.32 -2.17 2.28
N THR A 132 35.59 -1.06 2.30
CA THR A 132 34.80 -0.64 1.14
C THR A 132 34.64 0.88 1.16
N THR A 133 34.59 1.48 -0.02
CA THR A 133 34.38 2.91 -0.17
C THR A 133 32.93 3.27 0.14
N HIS A 134 32.72 4.13 1.12
CA HIS A 134 31.37 4.62 1.43
C HIS A 134 30.93 5.61 0.40
N VAL A 135 29.64 5.59 0.07
CA VAL A 135 29.03 6.49 -0.90
C VAL A 135 27.81 7.14 -0.27
N GLU A 136 27.21 8.09 -0.96
CA GLU A 136 26.00 8.75 -0.48
C GLU A 136 24.88 7.73 -0.30
N ARG A 137 24.42 7.58 0.94
N ARG A 137 24.42 7.53 0.94
CA ARG A 137 23.30 6.71 1.24
CA ARG A 137 23.32 6.61 1.19
C ARG A 137 22.06 7.41 0.69
C ARG A 137 22.03 7.32 0.78
N LEU A 138 21.34 6.75 -0.23
CA LEU A 138 20.21 7.43 -0.91
C LEU A 138 18.84 7.20 -0.25
N HIS A 139 18.84 6.75 1.00
CA HIS A 139 17.64 6.27 1.64
C HIS A 139 16.53 7.29 1.79
N MET A 140 16.87 8.59 1.76
CA MET A 140 15.85 9.65 1.83
C MET A 140 15.80 10.48 0.56
N ARG A 141 16.39 9.97 -0.51
CA ARG A 141 16.38 10.67 -1.80
C ARG A 141 15.10 10.36 -2.57
N TYR A 142 14.00 10.82 -2.00
CA TYR A 142 12.71 10.53 -2.59
C TYR A 142 12.46 11.23 -3.91
N ASP A 143 13.32 12.20 -4.23
CA ASP A 143 13.36 12.78 -5.58
C ASP A 143 13.85 11.82 -6.67
N LEU A 144 14.55 10.76 -6.24
CA LEU A 144 15.01 9.68 -7.11
C LEU A 144 14.18 8.40 -7.01
N TYR A 145 13.31 8.30 -6.03
CA TYR A 145 12.59 7.07 -5.73
C TYR A 145 11.64 6.67 -6.85
N SER A 146 11.83 5.45 -7.34
N SER A 146 11.81 5.46 -7.37
CA SER A 146 10.98 4.82 -8.35
CA SER A 146 10.90 4.96 -8.40
C SER A 146 9.74 4.16 -7.72
C SER A 146 9.76 4.18 -7.76
N ALA A 147 8.66 4.07 -8.50
CA ALA A 147 7.50 3.31 -8.04
C ALA A 147 7.84 1.82 -7.82
N GLY A 148 8.92 1.33 -8.39
CA GLY A 148 9.39 -0.06 -8.17
C GLY A 148 10.70 -0.14 -7.40
N GLU A 149 10.99 0.86 -6.56
CA GLU A 149 12.36 1.01 -5.98
C GLU A 149 12.91 -0.21 -5.24
N LEU A 150 14.09 -0.61 -5.64
CA LEU A 150 14.84 -1.68 -4.96
C LEU A 150 15.70 -1.05 -3.86
N VAL A 151 15.44 -1.45 -2.61
CA VAL A 151 15.97 -0.74 -1.44
C VAL A 151 17.17 -1.37 -0.76
N ARG A 152 17.30 -2.69 -0.89
N ARG A 152 17.28 -2.70 -0.82
CA ARG A 152 18.36 -3.44 -0.24
CA ARG A 152 18.41 -3.41 -0.24
C ARG A 152 18.73 -4.66 -1.08
C ARG A 152 18.73 -4.64 -1.09
N LEU A 153 19.98 -5.11 -0.99
CA LEU A 153 20.32 -6.46 -1.40
C LEU A 153 19.90 -7.39 -0.28
N ASP A 154 19.14 -8.44 -0.57
CA ASP A 154 18.71 -9.37 0.50
C ASP A 154 19.45 -10.71 0.58
N HIS A 155 19.62 -11.40 -0.54
CA HIS A 155 20.24 -12.73 -0.49
C HIS A 155 20.67 -13.25 -1.82
N PHE A 156 21.47 -14.31 -1.77
CA PHE A 156 21.79 -15.14 -2.92
C PHE A 156 21.06 -16.48 -2.76
N ASN A 157 20.93 -17.21 -3.86
CA ASN A 157 20.43 -18.59 -3.82
C ASN A 157 21.27 -19.43 -4.77
N GLN A 158 21.86 -20.50 -4.23
CA GLN A 158 22.83 -21.37 -4.94
C GLN A 158 22.23 -22.74 -5.26
N VAL A 159 22.46 -23.25 -6.47
CA VAL A 159 22.05 -24.60 -6.85
C VAL A 159 23.25 -25.53 -6.63
N THR A 160 23.02 -26.59 -5.86
CA THR A 160 24.08 -27.52 -5.49
C THR A 160 23.45 -28.92 -5.40
N PRO A 161 24.19 -29.98 -5.79
CA PRO A 161 23.56 -31.29 -5.89
C PRO A 161 23.21 -32.00 -4.58
N ASP A 162 23.97 -31.74 -3.53
CA ASP A 162 23.83 -32.44 -2.23
C ASP A 162 23.58 -31.39 -1.15
N VAL A 163 22.31 -31.20 -0.79
CA VAL A 163 22.00 -30.11 0.11
C VAL A 163 22.52 -30.32 1.53
N PRO A 164 22.39 -31.55 2.10
CA PRO A 164 22.94 -31.72 3.44
C PRO A 164 24.45 -31.45 3.58
N ARG A 165 25.20 -31.85 2.57
CA ARG A 165 26.65 -31.66 2.57
C ARG A 165 26.97 -30.18 2.61
N GLY A 166 26.29 -29.41 1.78
CA GLY A 166 26.46 -27.97 1.75
C GLY A 166 25.99 -27.28 3.02
N ARG A 167 24.87 -27.74 3.56
CA ARG A 167 24.32 -27.18 4.78
C ARG A 167 25.30 -27.26 5.97
N LYS A 168 25.91 -28.42 6.17
CA LYS A 168 26.84 -28.62 7.26
C LYS A 168 28.02 -27.65 7.14
N TYR A 169 28.53 -27.52 5.92
CA TYR A 169 29.64 -26.61 5.63
C TYR A 169 29.26 -25.17 5.97
N LEU A 170 28.06 -24.75 5.54
CA LEU A 170 27.63 -23.37 5.82
C LEU A 170 27.35 -23.15 7.32
N GLU A 171 26.84 -24.17 8.00
CA GLU A 171 26.63 -24.06 9.44
C GLU A 171 27.94 -23.89 10.19
N ASP A 172 28.97 -24.67 9.81
CA ASP A 172 30.28 -24.53 10.42
C ASP A 172 30.85 -23.13 10.18
N LEU A 173 30.53 -22.56 9.01
CA LEU A 173 30.96 -21.23 8.67
C LEU A 173 30.19 -20.14 9.42
N GLY A 174 29.12 -20.53 10.10
CA GLY A 174 28.39 -19.62 10.98
C GLY A 174 26.97 -19.28 10.55
N PHE A 175 26.57 -19.71 9.35
CA PHE A 175 25.19 -19.47 8.90
C PHE A 175 24.27 -20.34 9.73
N ARG A 176 23.08 -19.81 10.04
CA ARG A 176 22.09 -20.50 10.84
C ARG A 176 20.90 -20.83 9.96
N VAL A 177 20.54 -22.11 9.91
CA VAL A 177 19.40 -22.55 9.11
C VAL A 177 18.10 -22.05 9.72
N THR A 178 17.24 -21.46 8.90
CA THR A 178 15.96 -20.96 9.33
C THR A 178 14.82 -21.83 8.85
N GLU A 179 14.84 -22.22 7.59
CA GLU A 179 13.79 -23.04 6.99
C GLU A 179 14.41 -24.04 6.02
N ASP A 180 13.70 -25.15 5.78
CA ASP A 180 14.11 -26.13 4.79
C ASP A 180 12.93 -26.90 4.25
N ILE A 181 13.18 -27.62 3.14
CA ILE A 181 12.19 -28.47 2.50
C ILE A 181 12.76 -29.90 2.45
N GLN A 182 11.99 -30.86 2.97
CA GLN A 182 12.37 -32.27 2.98
C GLN A 182 11.18 -33.12 2.59
N ASP A 183 11.40 -34.41 2.39
CA ASP A 183 10.30 -35.35 2.28
C ASP A 183 10.36 -36.40 3.38
N ASP A 184 9.41 -37.33 3.34
CA ASP A 184 9.31 -38.36 4.38
C ASP A 184 10.27 -39.55 4.20
N GLU A 185 11.13 -39.45 3.19
CA GLU A 185 12.09 -40.49 2.88
C GLU A 185 13.52 -40.05 3.10
N GLY A 186 13.70 -38.92 3.76
CA GLY A 186 15.02 -38.48 4.19
C GLY A 186 15.74 -37.57 3.21
N THR A 187 15.06 -37.13 2.15
CA THR A 187 15.69 -36.27 1.15
C THR A 187 15.49 -34.82 1.51
N THR A 188 16.54 -34.02 1.40
CA THR A 188 16.46 -32.58 1.54
C THR A 188 16.51 -31.94 0.17
N TYR A 189 15.58 -31.03 -0.11
CA TYR A 189 15.49 -30.39 -1.41
C TYR A 189 16.01 -28.95 -1.41
N ALA A 190 16.00 -28.30 -0.27
CA ALA A 190 16.39 -26.91 -0.17
C ALA A 190 16.57 -26.52 1.29
N ALA A 191 17.41 -25.52 1.53
CA ALA A 191 17.66 -24.98 2.88
C ALA A 191 18.01 -23.51 2.77
N TRP A 192 17.56 -22.75 3.76
CA TRP A 192 17.76 -21.32 3.86
C TRP A 192 18.56 -21.00 5.08
N MET A 193 19.52 -20.07 4.98
CA MET A 193 20.38 -19.80 6.13
C MET A 193 20.91 -18.38 6.18
N HIS A 194 21.11 -17.89 7.40
CA HIS A 194 21.35 -16.45 7.60
C HIS A 194 22.48 -16.10 8.50
N ARG A 195 22.99 -14.88 8.31
CA ARG A 195 23.84 -14.19 9.26
C ARG A 195 23.18 -12.91 9.80
N LYS A 196 22.56 -12.11 8.93
CA LYS A 196 22.10 -10.76 9.35
C LYS A 196 20.76 -10.65 10.07
N GLY A 197 20.09 -11.75 10.28
CA GLY A 197 18.83 -11.63 11.07
C GLY A 197 17.53 -11.49 10.25
N THR A 198 17.64 -11.78 8.96
CA THR A 198 16.50 -12.03 8.10
C THR A 198 16.46 -13.53 7.80
N VAL A 199 15.51 -13.98 7.00
CA VAL A 199 15.38 -15.41 6.75
C VAL A 199 16.66 -16.01 6.14
N HIS A 200 17.33 -15.25 5.27
CA HIS A 200 18.56 -15.72 4.70
C HIS A 200 19.46 -14.69 4.12
N ASP A 201 20.75 -15.06 4.06
CA ASP A 201 21.76 -14.39 3.26
C ASP A 201 22.16 -15.23 2.06
N THR A 202 22.12 -16.56 2.23
CA THR A 202 22.20 -17.46 1.09
C THR A 202 21.28 -18.65 1.34
N ALA A 203 21.11 -19.43 0.30
CA ALA A 203 20.25 -20.60 0.32
C ALA A 203 20.77 -21.61 -0.64
N LEU A 204 20.45 -22.87 -0.37
CA LEU A 204 20.87 -23.98 -1.22
C LEU A 204 19.59 -24.58 -1.81
N THR A 205 19.56 -24.70 -3.12
CA THR A 205 18.48 -25.35 -3.85
C THR A 205 19.08 -26.59 -4.49
N GLY A 206 18.47 -27.75 -4.27
CA GLY A 206 18.97 -28.99 -4.86
C GLY A 206 18.87 -28.99 -6.37
N GLY A 207 19.98 -29.30 -7.03
CA GLY A 207 20.00 -29.38 -8.47
C GLY A 207 21.43 -29.56 -8.98
N ASN A 208 21.57 -29.70 -10.27
CA ASN A 208 22.91 -29.80 -10.86
C ASN A 208 23.68 -28.51 -10.57
N GLY A 209 24.92 -28.61 -10.11
CA GLY A 209 25.68 -27.42 -9.75
C GLY A 209 27.18 -27.65 -9.72
N PRO A 210 27.95 -26.59 -9.38
CA PRO A 210 27.48 -25.28 -8.94
C PRO A 210 26.84 -24.40 -10.03
N ARG A 211 25.66 -23.86 -9.73
CA ARG A 211 25.05 -22.80 -10.53
C ARG A 211 24.45 -21.78 -9.58
N LEU A 212 24.33 -20.55 -10.02
CA LEU A 212 23.68 -19.51 -9.24
C LEU A 212 22.20 -19.48 -9.60
N HIS A 213 21.34 -19.71 -8.62
CA HIS A 213 19.91 -19.66 -8.91
C HIS A 213 19.42 -18.24 -9.09
N HIS A 214 19.66 -17.38 -8.12
CA HIS A 214 19.30 -15.97 -8.24
C HIS A 214 19.99 -15.09 -7.25
N VAL A 215 19.87 -13.78 -7.52
CA VAL A 215 20.19 -12.71 -6.58
C VAL A 215 18.87 -12.00 -6.25
N ALA A 216 18.66 -11.67 -4.97
CA ALA A 216 17.40 -11.04 -4.54
C ALA A 216 17.62 -9.66 -3.96
N PHE A 217 16.78 -8.72 -4.42
CA PHE A 217 16.69 -7.38 -3.83
C PHE A 217 15.35 -7.18 -3.17
N SER A 218 15.33 -6.37 -2.12
N SER A 218 15.31 -6.39 -2.11
CA SER A 218 14.12 -6.03 -1.40
CA SER A 218 14.06 -6.12 -1.44
C SER A 218 13.46 -4.76 -1.94
C SER A 218 13.49 -4.76 -1.83
N THR A 219 12.17 -4.64 -1.70
CA THR A 219 11.47 -3.37 -1.79
C THR A 219 10.88 -3.05 -0.41
N HIS A 220 10.35 -1.84 -0.25
CA HIS A 220 9.67 -1.49 0.99
C HIS A 220 8.33 -2.21 1.10
N GLU A 221 7.54 -2.18 0.02
CA GLU A 221 6.14 -2.63 0.09
C GLU A 221 5.76 -3.53 -1.08
N LYS A 222 4.63 -4.19 -0.94
CA LYS A 222 4.20 -5.14 -1.94
C LYS A 222 3.84 -4.43 -3.25
N HIS A 223 3.30 -3.21 -3.17
CA HIS A 223 2.91 -2.51 -4.37
C HIS A 223 4.12 -2.17 -5.21
N ASN A 224 5.32 -2.09 -4.61
CA ASN A 224 6.53 -1.80 -5.39
C ASN A 224 6.82 -2.97 -6.34
N ILE A 225 6.56 -4.19 -5.87
CA ILE A 225 6.74 -5.41 -6.70
C ILE A 225 5.70 -5.50 -7.79
N ILE A 226 4.45 -5.20 -7.46
N ILE A 226 4.45 -5.21 -7.45
CA ILE A 226 3.40 -5.14 -8.47
CA ILE A 226 3.39 -5.12 -8.45
C ILE A 226 3.76 -4.13 -9.57
C ILE A 226 3.76 -4.13 -9.56
N GLN A 227 4.32 -2.98 -9.19
CA GLN A 227 4.72 -1.97 -10.20
C GLN A 227 5.77 -2.49 -11.16
N ILE A 228 6.71 -3.30 -10.68
CA ILE A 228 7.73 -3.84 -11.60
C ILE A 228 7.06 -4.70 -12.65
N CYS A 229 6.08 -5.51 -12.23
CA CYS A 229 5.32 -6.31 -13.17
C CYS A 229 4.56 -5.43 -14.18
N ASP A 230 3.90 -4.41 -13.65
CA ASP A 230 3.12 -3.49 -14.49
C ASP A 230 4.00 -2.79 -15.50
N LYS A 231 5.18 -2.35 -15.05
CA LYS A 231 6.14 -1.69 -15.95
C LYS A 231 6.60 -2.61 -17.07
N MET A 232 6.86 -3.88 -16.72
CA MET A 232 7.35 -4.86 -17.68
C MET A 232 6.26 -5.13 -18.72
N GLY A 233 5.00 -5.18 -18.29
CA GLY A 233 3.88 -5.23 -19.23
C GLY A 233 3.84 -4.02 -20.17
N ALA A 234 4.01 -2.82 -19.62
CA ALA A 234 3.98 -1.61 -20.45
C ALA A 234 5.13 -1.57 -21.45
N LEU A 235 6.28 -2.11 -21.05
CA LEU A 235 7.43 -2.24 -21.94
C LEU A 235 7.34 -3.43 -22.89
N ARG A 236 6.26 -4.18 -22.80
CA ARG A 236 6.00 -5.35 -23.62
C ARG A 236 7.15 -6.37 -23.51
N ILE A 237 7.62 -6.55 -22.28
CA ILE A 237 8.63 -7.56 -21.96
C ILE A 237 8.12 -8.48 -20.82
N SER A 238 6.83 -8.73 -20.80
CA SER A 238 6.24 -9.62 -19.80
C SER A 238 6.78 -11.05 -19.91
N ASP A 239 7.34 -11.39 -21.07
CA ASP A 239 7.97 -12.70 -21.25
C ASP A 239 9.25 -12.85 -20.41
N ARG A 240 9.73 -11.75 -19.84
CA ARG A 240 10.88 -11.77 -18.94
C ARG A 240 10.45 -11.83 -17.46
N ILE A 241 9.14 -11.87 -17.21
CA ILE A 241 8.62 -12.21 -15.88
C ILE A 241 8.53 -13.73 -15.87
N GLU A 242 9.38 -14.37 -15.06
CA GLU A 242 9.49 -15.82 -15.05
C GLU A 242 8.37 -16.43 -14.21
N ARG A 243 8.16 -15.88 -13.03
CA ARG A 243 7.29 -16.49 -12.04
C ARG A 243 6.86 -15.47 -11.01
N GLY A 244 5.58 -15.44 -10.72
CA GLY A 244 5.04 -14.56 -9.68
C GLY A 244 4.16 -13.48 -10.31
N PRO A 245 3.83 -12.46 -9.55
CA PRO A 245 4.21 -12.28 -8.16
C PRO A 245 3.46 -13.23 -7.26
N GLY A 246 3.97 -13.43 -6.06
CA GLY A 246 3.33 -14.34 -5.11
C GLY A 246 3.71 -14.04 -3.68
N ARG A 247 3.17 -14.87 -2.80
CA ARG A 247 3.61 -14.95 -1.41
C ARG A 247 4.33 -16.29 -1.23
N HIS A 248 5.55 -16.28 -0.70
CA HIS A 248 6.25 -17.54 -0.42
C HIS A 248 5.65 -18.18 0.82
N GLY A 249 5.67 -19.51 0.89
CA GLY A 249 5.43 -20.21 2.16
C GLY A 249 6.69 -20.07 2.98
N VAL A 250 7.73 -20.78 2.56
CA VAL A 250 9.07 -20.62 3.11
C VAL A 250 9.44 -19.14 3.01
N SER A 251 9.77 -18.54 4.15
CA SER A 251 10.17 -17.13 4.30
C SER A 251 9.03 -16.15 4.48
N ASN A 252 7.81 -16.51 4.05
CA ASN A 252 6.65 -15.64 4.17
C ASN A 252 6.80 -14.32 3.41
N ALA A 253 7.76 -14.24 2.50
CA ALA A 253 7.98 -12.99 1.79
C ALA A 253 7.14 -12.88 0.52
N PHE A 254 6.78 -11.65 0.17
CA PHE A 254 6.13 -11.38 -1.11
C PHE A 254 7.25 -11.31 -2.15
N TYR A 255 7.03 -11.88 -3.34
CA TYR A 255 8.11 -12.12 -4.28
C TYR A 255 7.75 -12.01 -5.75
N LEU A 256 8.79 -11.92 -6.57
CA LEU A 256 8.70 -11.92 -8.03
C LEU A 256 10.05 -12.39 -8.58
N PHE A 257 10.02 -13.23 -9.64
CA PHE A 257 11.25 -13.64 -10.34
C PHE A 257 11.21 -13.16 -11.78
N ILE A 258 12.27 -12.46 -12.17
CA ILE A 258 12.41 -11.93 -13.52
C ILE A 258 13.78 -12.34 -14.07
N LEU A 259 13.93 -12.21 -15.39
CA LEU A 259 15.14 -12.64 -16.08
C LEU A 259 15.85 -11.48 -16.76
N ASP A 260 17.14 -11.32 -16.51
CA ASP A 260 17.92 -10.26 -17.18
C ASP A 260 18.27 -10.69 -18.62
N PRO A 261 18.97 -9.82 -19.38
CA PRO A 261 19.19 -10.13 -20.79
C PRO A 261 20.03 -11.37 -21.06
N ASP A 262 20.86 -11.78 -20.09
CA ASP A 262 21.68 -13.00 -20.18
C ASP A 262 21.01 -14.18 -19.44
N ASN A 263 19.72 -14.02 -19.12
N ASN A 263 19.72 -14.03 -19.14
CA ASN A 263 18.94 -15.00 -18.38
CA ASN A 263 18.95 -15.00 -18.35
C ASN A 263 19.32 -15.15 -16.89
C ASN A 263 19.46 -15.24 -16.92
N HIS A 264 20.17 -14.28 -16.34
CA HIS A 264 20.39 -14.28 -14.89
C HIS A 264 19.06 -13.95 -14.23
N ARG A 265 18.70 -14.72 -13.20
CA ARG A 265 17.45 -14.57 -12.50
C ARG A 265 17.61 -13.63 -11.33
N ILE A 266 16.68 -12.67 -11.27
CA ILE A 266 16.63 -11.70 -10.21
C ILE A 266 15.30 -11.88 -9.48
N GLU A 267 15.37 -11.96 -8.16
CA GLU A 267 14.16 -11.99 -7.32
C GLU A 267 13.98 -10.62 -6.70
N ILE A 268 12.73 -10.19 -6.63
CA ILE A 268 12.34 -9.02 -5.84
C ILE A 268 11.53 -9.57 -4.66
N TYR A 269 11.79 -9.06 -3.47
CA TYR A 269 11.40 -9.73 -2.22
C TYR A 269 11.05 -8.71 -1.15
N THR A 270 10.07 -9.00 -0.31
CA THR A 270 9.81 -8.07 0.79
C THR A 270 9.07 -8.76 1.93
N GLN A 271 9.35 -8.29 3.14
CA GLN A 271 8.52 -8.58 4.33
C GLN A 271 8.59 -10.01 4.84
N ASP A 272 9.82 -10.53 4.88
CA ASP A 272 10.10 -11.70 5.72
C ASP A 272 10.25 -11.27 7.20
N TYR A 273 10.69 -12.18 8.07
CA TYR A 273 10.63 -11.99 9.52
C TYR A 273 12.04 -12.02 10.15
N TYR A 274 12.10 -11.66 11.44
CA TYR A 274 13.30 -11.54 12.21
C TYR A 274 13.76 -12.90 12.70
N THR A 275 15.04 -13.17 12.48
CA THR A 275 15.64 -14.48 12.81
C THR A 275 16.86 -14.34 13.72
N GLY A 276 17.10 -13.15 14.24
CA GLY A 276 18.35 -12.87 14.94
C GLY A 276 18.57 -13.53 16.30
N ASP A 277 17.53 -14.08 16.90
CA ASP A 277 17.72 -14.78 18.19
C ASP A 277 18.33 -16.16 17.91
N PRO A 278 19.24 -16.63 18.78
CA PRO A 278 19.96 -17.85 18.42
C PRO A 278 19.11 -19.11 18.44
N ASP A 279 17.99 -19.08 19.17
CA ASP A 279 17.03 -20.20 19.19
C ASP A 279 15.80 -19.94 18.28
N ASN A 280 15.97 -19.09 17.29
CA ASN A 280 14.96 -18.87 16.28
C ASN A 280 14.40 -20.20 15.84
N PRO A 281 13.07 -20.36 15.89
CA PRO A 281 12.53 -21.67 15.56
C PRO A 281 12.72 -22.01 14.10
N THR A 282 13.25 -23.19 13.79
CA THR A 282 13.39 -23.63 12.41
C THR A 282 12.06 -24.18 11.94
N ILE A 283 11.82 -24.09 10.64
CA ILE A 283 10.59 -24.55 10.01
C ILE A 283 10.95 -25.50 8.85
N THR A 284 10.43 -26.74 8.89
CA THR A 284 10.61 -27.70 7.83
C THR A 284 9.26 -27.92 7.12
N TRP A 285 9.28 -27.77 5.81
CA TRP A 285 8.13 -28.04 4.97
C TRP A 285 8.30 -29.33 4.24
N ASN A 286 7.20 -30.02 3.98
CA ASN A 286 7.23 -31.19 3.12
C ASN A 286 7.24 -30.76 1.65
N VAL A 287 8.03 -31.46 0.84
CA VAL A 287 8.21 -31.08 -0.57
C VAL A 287 6.89 -31.15 -1.36
N HIS A 288 5.93 -31.95 -0.90
CA HIS A 288 4.65 -32.12 -1.60
C HIS A 288 3.60 -31.12 -1.18
N ASP A 289 3.93 -30.26 -0.22
CA ASP A 289 2.99 -29.22 0.25
C ASP A 289 2.95 -28.10 -0.80
N ASN A 290 1.79 -27.97 -1.43
CA ASN A 290 1.62 -27.03 -2.53
C ASN A 290 1.56 -25.58 -2.05
N GLN A 291 1.65 -25.31 -0.73
CA GLN A 291 1.76 -23.93 -0.26
C GLN A 291 3.21 -23.55 0.17
N ARG A 292 4.18 -24.44 -0.03
CA ARG A 292 5.52 -24.20 0.49
C ARG A 292 6.31 -23.12 -0.29
N ARG A 293 6.13 -23.06 -1.61
CA ARG A 293 6.90 -22.14 -2.44
C ARG A 293 6.06 -20.93 -2.84
N ASP A 294 4.81 -21.19 -3.19
CA ASP A 294 3.78 -20.16 -3.38
C ASP A 294 2.65 -20.52 -2.43
N TRP A 295 2.47 -19.66 -1.45
CA TRP A 295 1.50 -19.86 -0.38
C TRP A 295 0.06 -19.92 -0.90
N TRP A 296 -0.18 -19.31 -2.06
CA TRP A 296 -1.49 -19.31 -2.69
C TRP A 296 -1.72 -20.50 -3.59
N GLY A 297 -0.75 -21.40 -3.64
CA GLY A 297 -0.84 -22.61 -4.41
C GLY A 297 -0.59 -22.45 -5.90
N ASN A 298 -0.15 -21.27 -6.34
CA ASN A 298 0.16 -21.11 -7.75
C ASN A 298 1.34 -22.02 -8.13
N PRO A 299 1.30 -22.56 -9.35
CA PRO A 299 2.28 -23.56 -9.73
C PRO A 299 3.66 -22.94 -9.93
N VAL A 300 4.70 -23.71 -9.58
CA VAL A 300 6.08 -23.28 -9.82
C VAL A 300 6.40 -23.57 -11.29
N VAL A 301 6.77 -22.54 -12.03
CA VAL A 301 7.07 -22.68 -13.44
C VAL A 301 8.29 -23.61 -13.58
N PRO A 302 8.28 -24.50 -14.57
CA PRO A 302 9.32 -25.54 -14.64
C PRO A 302 10.74 -24.97 -14.83
N SER A 303 10.87 -23.84 -15.52
CA SER A 303 12.20 -23.24 -15.70
C SER A 303 12.84 -22.83 -14.37
N TRP A 304 12.00 -22.60 -13.35
CA TRP A 304 12.53 -22.26 -12.04
C TRP A 304 13.34 -23.38 -11.49
N TYR A 305 12.97 -24.62 -11.85
CA TYR A 305 13.71 -25.79 -11.37
C TYR A 305 14.86 -26.19 -12.27
N THR A 306 14.82 -25.82 -13.55
CA THR A 306 15.80 -26.33 -14.50
C THR A 306 16.92 -25.34 -14.88
N GLU A 307 16.61 -24.04 -14.86
CA GLU A 307 17.53 -23.01 -15.36
C GLU A 307 18.21 -22.29 -14.21
N ALA A 308 19.51 -22.05 -14.37
CA ALA A 308 20.32 -21.32 -13.38
C ALA A 308 21.63 -20.92 -14.06
N SER A 309 22.32 -19.94 -13.49
CA SER A 309 23.50 -19.38 -14.13
C SER A 309 24.75 -20.18 -13.87
N LYS A 310 25.63 -20.22 -14.87
CA LYS A 310 26.98 -20.73 -14.72
C LYS A 310 27.72 -19.91 -13.67
N VAL A 311 28.73 -20.53 -13.03
CA VAL A 311 29.62 -19.83 -12.11
C VAL A 311 31.05 -20.03 -12.58
N LEU A 312 31.91 -19.05 -12.29
CA LEU A 312 33.30 -19.09 -12.70
C LEU A 312 34.20 -19.51 -11.56
N ASP A 313 35.34 -20.13 -11.90
CA ASP A 313 36.46 -20.31 -10.96
C ASP A 313 37.34 -19.06 -10.92
N LEU A 314 38.45 -19.11 -10.17
CA LEU A 314 39.26 -17.91 -9.96
C LEU A 314 40.08 -17.51 -11.18
N ASP A 315 40.15 -18.42 -12.17
CA ASP A 315 40.81 -18.14 -13.45
C ASP A 315 39.84 -17.63 -14.52
N GLY A 316 38.56 -17.51 -14.17
CA GLY A 316 37.56 -16.97 -15.07
C GLY A 316 36.94 -17.97 -16.00
N ASN A 317 37.13 -19.25 -15.69
CA ASN A 317 36.59 -20.35 -16.47
C ASN A 317 35.33 -20.93 -15.81
N VAL A 318 34.39 -21.39 -16.62
CA VAL A 318 33.12 -21.95 -16.11
C VAL A 318 33.42 -23.23 -15.30
N GLN A 319 32.85 -23.31 -14.10
CA GLN A 319 32.94 -24.52 -13.28
C GLN A 319 32.14 -25.67 -13.92
N GLU A 320 32.74 -26.86 -13.92
CA GLU A 320 32.07 -28.06 -14.34
C GLU A 320 30.87 -28.34 -13.44
N ILE A 321 29.77 -28.76 -14.05
CA ILE A 321 28.52 -29.08 -13.35
C ILE A 321 28.46 -30.56 -12.98
N ILE A 322 28.15 -30.81 -11.71
CA ILE A 322 28.00 -32.15 -11.17
C ILE A 322 26.51 -32.40 -11.06
N GLU A 323 26.06 -33.55 -11.53
CA GLU A 323 24.63 -33.87 -11.56
C GLU A 323 24.10 -34.31 -10.19
N ARG A 324 22.92 -33.83 -9.85
CA ARG A 324 22.24 -34.29 -8.66
C ARG A 324 21.76 -35.72 -8.85
N THR A 325 21.99 -36.55 -7.85
CA THR A 325 21.45 -37.91 -7.83
C THR A 325 20.26 -38.08 -6.89
N ASP A 326 20.15 -37.23 -5.87
CA ASP A 326 18.95 -37.18 -5.03
C ASP A 326 17.70 -36.84 -5.88
N ASP A 327 16.53 -37.13 -5.35
CA ASP A 327 15.26 -36.86 -6.06
C ASP A 327 15.12 -35.38 -6.45
N SER A 328 14.46 -35.18 -7.59
CA SER A 328 14.24 -33.84 -8.16
C SER A 328 12.92 -33.24 -7.67
N GLU A 329 12.98 -32.03 -7.12
CA GLU A 329 11.79 -31.35 -6.65
C GLU A 329 10.77 -31.21 -7.80
N LEU A 330 11.21 -30.88 -9.01
CA LEU A 330 10.30 -30.79 -10.14
C LEU A 330 9.59 -32.12 -10.35
N GLU A 331 10.36 -33.20 -10.42
CA GLU A 331 9.77 -34.50 -10.75
C GLU A 331 8.81 -34.96 -9.69
N VAL A 332 9.16 -34.77 -8.42
CA VAL A 332 8.29 -35.31 -7.35
C VAL A 332 7.04 -34.47 -7.07
N THR A 333 6.99 -33.24 -7.59
CA THR A 333 5.84 -32.36 -7.38
C THR A 333 4.96 -32.10 -8.61
N ILE A 334 5.58 -31.78 -9.75
CA ILE A 334 4.80 -31.37 -10.93
C ILE A 334 5.05 -32.18 -12.20
N GLY A 335 5.97 -33.13 -12.13
CA GLY A 335 6.26 -34.05 -13.24
C GLY A 335 5.18 -35.09 -13.39
N ALA A 336 5.33 -35.93 -14.40
CA ALA A 336 4.33 -36.93 -14.75
C ALA A 336 4.02 -37.92 -13.63
N ASP A 337 4.98 -38.16 -12.74
CA ASP A 337 4.78 -39.06 -11.61
C ASP A 337 4.79 -38.31 -10.28
N GLY A 338 4.58 -36.99 -10.33
CA GLY A 338 4.60 -36.19 -9.13
C GLY A 338 3.28 -36.10 -8.39
N PHE A 339 3.33 -35.41 -7.28
CA PHE A 339 2.21 -35.21 -6.39
C PHE A 339 2.38 -33.96 -5.56
N SER A 340 1.30 -33.21 -5.40
N SER A 340 1.28 -33.23 -5.38
CA SER A 340 1.26 -32.17 -4.37
CA SER A 340 1.24 -32.15 -4.40
C SER A 340 -0.12 -32.11 -3.72
C SER A 340 -0.13 -32.09 -3.74
N PHE A 341 -0.17 -31.58 -2.50
CA PHE A 341 -1.42 -31.48 -1.73
C PHE A 341 -1.65 -30.04 -1.27
N THR A 342 -2.91 -29.71 -1.02
CA THR A 342 -3.28 -28.47 -0.36
C THR A 342 -3.37 -28.69 1.16
N ARG A 343 -4.04 -29.77 1.54
CA ARG A 343 -4.17 -30.16 2.95
C ARG A 343 -3.60 -31.56 3.10
N ALA A 344 -2.68 -31.75 4.04
CA ALA A 344 -2.03 -33.06 4.20
C ALA A 344 -3.11 -34.10 4.48
N GLY A 345 -3.04 -35.21 3.73
CA GLY A 345 -3.97 -36.31 3.90
C GLY A 345 -5.33 -36.17 3.25
N ASP A 346 -5.56 -35.07 2.56
CA ASP A 346 -6.83 -34.79 1.86
C ASP A 346 -6.64 -34.93 0.37
N GLU A 347 -7.38 -35.85 -0.23
CA GLU A 347 -7.38 -36.02 -1.67
C GLU A 347 -7.94 -34.79 -2.43
N ASP A 348 -8.90 -34.12 -1.81
N ASP A 348 -8.95 -34.14 -1.85
CA ASP A 348 -9.49 -32.93 -2.39
CA ASP A 348 -9.50 -32.91 -2.43
C ASP A 348 -8.46 -31.81 -2.37
C ASP A 348 -8.43 -31.84 -2.39
N GLY A 349 -8.20 -31.18 -3.52
CA GLY A 349 -7.16 -30.16 -3.64
C GLY A 349 -5.75 -30.71 -3.80
N SER A 350 -5.66 -31.99 -4.15
CA SER A 350 -4.37 -32.60 -4.46
C SER A 350 -4.23 -32.75 -5.97
N TYR A 351 -2.99 -32.87 -6.41
CA TYR A 351 -2.61 -32.89 -7.81
C TYR A 351 -1.71 -34.09 -8.09
N HIS A 352 -2.10 -34.91 -9.06
CA HIS A 352 -1.37 -36.11 -9.46
C HIS A 352 -0.86 -35.97 -10.87
N GLY A 353 0.46 -35.96 -11.04
CA GLY A 353 1.05 -35.98 -12.36
C GLY A 353 0.90 -34.68 -13.13
N GLN A 354 0.66 -33.60 -12.38
CA GLN A 354 0.51 -32.29 -12.99
C GLN A 354 0.67 -31.20 -11.99
N ALA A 355 0.67 -29.96 -12.48
CA ALA A 355 0.82 -28.79 -11.63
C ALA A 355 -0.53 -28.38 -11.09
N SER A 356 -0.52 -27.44 -10.15
CA SER A 356 -1.77 -26.90 -9.63
C SER A 356 -2.46 -25.99 -10.66
N LYS A 357 -3.72 -25.67 -10.37
CA LYS A 357 -4.51 -24.71 -11.10
C LYS A 357 -4.82 -25.12 -12.53
N GLY A 358 -4.74 -26.41 -12.85
CA GLY A 358 -5.21 -26.90 -14.14
C GLY A 358 -4.15 -27.08 -15.22
N PHE A 359 -2.88 -26.90 -14.86
CA PHE A 359 -1.77 -26.98 -15.82
C PHE A 359 -0.94 -28.26 -15.71
N LYS A 360 -0.36 -28.66 -16.84
CA LYS A 360 0.67 -29.69 -16.91
C LYS A 360 1.93 -29.00 -17.44
N LEU A 361 3.04 -29.72 -17.45
CA LEU A 361 4.30 -29.14 -17.96
C LEU A 361 4.29 -29.08 -19.49
N GLY A 362 4.77 -27.96 -20.03
CA GLY A 362 4.77 -27.75 -21.49
C GLY A 362 5.85 -28.51 -22.20
N ASN B 3 29.06 13.73 35.28
CA ASN B 3 30.27 12.95 35.69
C ASN B 3 30.27 11.56 35.01
N GLU B 4 31.35 11.27 34.26
CA GLU B 4 31.35 10.15 33.32
C GLU B 4 31.15 8.82 34.04
N ILE B 5 30.46 7.93 33.35
CA ILE B 5 30.22 6.59 33.81
C ILE B 5 31.41 5.77 33.30
N PRO B 6 32.20 5.18 34.21
CA PRO B 6 33.42 4.49 33.76
C PRO B 6 33.10 3.23 32.98
N LYS B 7 33.96 2.84 32.06
CA LYS B 7 33.86 1.57 31.39
C LYS B 7 34.36 0.45 32.31
N PRO B 8 33.48 -0.52 32.68
CA PRO B 8 33.92 -1.65 33.48
C PRO B 8 35.04 -2.46 32.85
N VAL B 9 35.81 -3.12 33.68
CA VAL B 9 36.72 -4.14 33.23
C VAL B 9 35.95 -5.40 32.83
N ALA B 10 34.90 -5.73 33.58
CA ALA B 10 34.02 -6.86 33.27
C ALA B 10 33.43 -6.72 31.86
N PRO B 11 33.35 -7.83 31.10
CA PRO B 11 32.81 -7.76 29.74
C PRO B 11 31.30 -7.47 29.71
N ALA B 12 30.85 -6.70 28.72
CA ALA B 12 29.43 -6.40 28.61
C ALA B 12 28.68 -7.68 28.21
N PRO B 13 27.44 -7.85 28.69
CA PRO B 13 26.62 -8.94 28.21
C PRO B 13 26.35 -8.72 26.73
N ASP B 14 26.25 -9.79 25.96
CA ASP B 14 25.90 -9.72 24.53
C ASP B 14 24.39 -9.58 24.40
N ILE B 15 23.93 -8.35 24.17
CA ILE B 15 22.51 -8.03 24.03
C ILE B 15 22.06 -8.24 22.59
N LEU B 16 20.96 -8.98 22.41
CA LEU B 16 20.42 -9.27 21.07
C LEU B 16 19.53 -8.12 20.57
N ARG B 17 18.62 -7.69 21.44
CA ARG B 17 17.50 -6.83 21.05
C ARG B 17 16.68 -6.42 22.24
N CYS B 18 15.90 -5.35 22.09
CA CYS B 18 14.78 -5.12 22.99
C CYS B 18 13.81 -6.28 22.84
N ALA B 19 13.17 -6.68 23.94
CA ALA B 19 12.32 -7.87 23.96
C ALA B 19 10.93 -7.63 24.52
N TYR B 20 10.81 -6.96 25.66
CA TYR B 20 9.50 -6.61 26.21
C TYR B 20 9.60 -5.48 27.19
N ALA B 21 8.47 -4.83 27.41
CA ALA B 21 8.35 -3.86 28.51
C ALA B 21 7.30 -4.31 29.45
N GLU B 22 7.50 -4.06 30.73
CA GLU B 22 6.46 -4.23 31.75
C GLU B 22 5.98 -2.87 32.18
N LEU B 23 4.71 -2.53 31.88
CA LEU B 23 4.08 -1.28 32.26
C LEU B 23 3.09 -1.52 33.37
N VAL B 24 3.17 -0.72 34.41
CA VAL B 24 2.13 -0.70 35.42
C VAL B 24 0.98 0.17 34.95
N VAL B 25 -0.23 -0.35 35.06
CA VAL B 25 -1.46 0.32 34.62
C VAL B 25 -2.43 0.37 35.79
N THR B 26 -3.34 1.35 35.79
CA THR B 26 -4.25 1.52 36.94
C THR B 26 -5.56 0.75 36.79
N ASP B 27 -6.04 0.58 35.55
CA ASP B 27 -7.30 -0.13 35.30
C ASP B 27 -7.04 -1.18 34.22
N LEU B 28 -6.91 -2.43 34.64
CA LEU B 28 -6.46 -3.47 33.74
C LEU B 28 -7.42 -3.67 32.57
N ALA B 29 -8.72 -3.64 32.86
CA ALA B 29 -9.71 -3.83 31.80
C ALA B 29 -9.68 -2.70 30.76
N LYS B 30 -9.50 -1.46 31.21
CA LYS B 30 -9.40 -0.34 30.28
C LYS B 30 -8.14 -0.47 29.42
N SER B 31 -7.06 -0.88 30.06
CA SER B 31 -5.80 -1.09 29.33
C SER B 31 -5.94 -2.24 28.30
N ARG B 32 -6.62 -3.31 28.68
CA ARG B 32 -6.86 -4.41 27.77
C ARG B 32 -7.63 -3.94 26.55
N ASN B 33 -8.65 -3.11 26.76
CA ASN B 33 -9.45 -2.61 25.65
C ASN B 33 -8.55 -1.90 24.65
N PHE B 34 -7.60 -1.11 25.15
CA PHE B 34 -6.73 -0.35 24.27
C PHE B 34 -5.77 -1.27 23.51
N TYR B 35 -5.03 -2.11 24.24
CA TYR B 35 -4.00 -2.92 23.60
C TYR B 35 -4.50 -4.12 22.80
N VAL B 36 -5.62 -4.69 23.21
CA VAL B 36 -6.19 -5.83 22.52
C VAL B 36 -7.31 -5.40 21.55
N ASP B 37 -8.34 -4.75 22.05
CA ASP B 37 -9.47 -4.41 21.21
C ASP B 37 -9.14 -3.32 20.19
N VAL B 38 -8.41 -2.28 20.60
CA VAL B 38 -8.05 -1.23 19.66
C VAL B 38 -6.83 -1.65 18.82
N LEU B 39 -5.73 -1.99 19.46
CA LEU B 39 -4.49 -2.24 18.74
C LEU B 39 -4.28 -3.67 18.23
N GLY B 40 -5.05 -4.63 18.72
CA GLY B 40 -4.98 -5.99 18.18
C GLY B 40 -3.82 -6.86 18.61
N LEU B 41 -3.11 -6.48 19.68
CA LEU B 41 -2.06 -7.37 20.17
C LEU B 41 -2.66 -8.70 20.64
N HIS B 42 -1.83 -9.74 20.64
CA HIS B 42 -2.25 -11.13 20.90
C HIS B 42 -1.97 -11.54 22.31
N VAL B 43 -2.98 -12.08 22.97
CA VAL B 43 -2.87 -12.46 24.36
C VAL B 43 -2.16 -13.81 24.51
N SER B 44 -1.02 -13.77 25.18
CA SER B 44 -0.26 -14.97 25.57
C SER B 44 -0.77 -15.57 26.91
N TYR B 45 -1.19 -14.71 27.81
CA TYR B 45 -1.75 -15.11 29.09
C TYR B 45 -2.39 -13.91 29.76
N GLU B 46 -3.47 -14.12 30.52
CA GLU B 46 -3.97 -13.06 31.36
C GLU B 46 -4.63 -13.61 32.61
N ASP B 47 -4.62 -12.78 33.64
CA ASP B 47 -5.38 -13.06 34.86
C ASP B 47 -5.90 -11.72 35.44
N GLU B 48 -6.35 -11.70 36.69
CA GLU B 48 -6.92 -10.49 37.27
C GLU B 48 -5.89 -9.38 37.52
N ASN B 49 -4.60 -9.73 37.46
CA ASN B 49 -3.50 -8.85 37.83
C ASN B 49 -2.65 -8.42 36.66
N GLN B 50 -2.56 -9.26 35.63
CA GLN B 50 -1.67 -8.99 34.49
C GLN B 50 -2.22 -9.46 33.18
N ILE B 51 -1.81 -8.77 32.13
CA ILE B 51 -2.03 -9.22 30.76
C ILE B 51 -0.70 -9.29 30.02
N TYR B 52 -0.43 -10.43 29.40
CA TYR B 52 0.77 -10.69 28.61
C TYR B 52 0.43 -10.69 27.13
N LEU B 53 1.09 -9.85 26.35
CA LEU B 53 0.73 -9.60 24.97
C LEU B 53 1.94 -9.74 24.07
N ARG B 54 1.70 -10.19 22.85
CA ARG B 54 2.76 -10.30 21.86
C ARG B 54 2.29 -9.83 20.49
N SER B 55 3.28 -9.47 19.70
CA SER B 55 3.07 -9.06 18.34
C SER B 55 2.93 -10.24 17.37
N PHE B 56 2.55 -9.96 16.13
CA PHE B 56 2.17 -10.99 15.16
C PHE B 56 3.29 -11.96 14.81
N GLU B 57 4.53 -11.48 14.75
CA GLU B 57 5.64 -12.33 14.35
C GLU B 57 6.49 -12.84 15.51
N GLU B 58 6.09 -12.58 16.74
CA GLU B 58 6.93 -12.95 17.87
C GLU B 58 6.83 -14.44 18.21
N PHE B 59 7.94 -15.03 18.64
CA PHE B 59 7.93 -16.40 19.17
C PHE B 59 8.27 -16.52 20.66
N ILE B 60 8.92 -15.50 21.24
CA ILE B 60 9.09 -15.49 22.70
C ILE B 60 7.74 -15.21 23.34
N HIS B 61 7.65 -15.37 24.66
CA HIS B 61 6.35 -15.43 25.31
C HIS B 61 5.54 -14.15 25.16
N HIS B 62 6.20 -13.00 25.24
CA HIS B 62 5.49 -11.72 25.16
C HIS B 62 6.42 -10.58 24.81
N ASN B 63 5.84 -9.49 24.30
CA ASN B 63 6.51 -8.21 24.11
C ASN B 63 6.04 -7.11 25.05
N LEU B 64 4.94 -7.33 25.76
CA LEU B 64 4.39 -6.34 26.66
C LEU B 64 3.68 -7.04 27.80
N VAL B 65 3.97 -6.61 29.03
CA VAL B 65 3.26 -7.09 30.20
C VAL B 65 2.59 -5.88 30.83
N LEU B 66 1.29 -5.96 31.01
CA LEU B 66 0.53 -4.94 31.70
C LEU B 66 0.25 -5.47 33.09
N THR B 67 0.70 -4.75 34.11
CA THR B 67 0.57 -5.17 35.50
C THR B 67 -0.25 -4.15 36.25
N LYS B 68 -1.31 -4.59 36.90
CA LYS B 68 -2.11 -3.68 37.70
C LYS B 68 -1.29 -3.14 38.89
N GLY B 69 -1.38 -1.83 39.12
CA GLY B 69 -0.74 -1.23 40.28
C GLY B 69 -1.31 0.14 40.56
N PRO B 70 -0.89 0.74 41.68
CA PRO B 70 -1.52 1.99 42.10
C PRO B 70 -1.07 3.24 41.33
N VAL B 71 0.13 3.19 40.77
CA VAL B 71 0.72 4.35 40.08
C VAL B 71 1.25 3.86 38.71
N ALA B 72 0.70 4.41 37.63
CA ALA B 72 1.16 4.06 36.30
C ALA B 72 2.61 4.46 36.11
N ALA B 73 3.39 3.53 35.58
CA ALA B 73 4.84 3.69 35.47
C ALA B 73 5.46 2.55 34.67
N LEU B 74 6.66 2.76 34.15
CA LEU B 74 7.47 1.66 33.62
C LEU B 74 8.05 0.84 34.78
N LYS B 75 7.80 -0.47 34.81
CA LYS B 75 8.42 -1.36 35.81
C LYS B 75 9.74 -1.98 35.31
N ALA B 76 9.82 -2.33 34.02
CA ALA B 76 11.03 -2.85 33.42
C ALA B 76 11.06 -2.74 31.92
N MET B 77 12.19 -2.32 31.37
N MET B 77 12.23 -2.39 31.39
CA MET B 77 12.43 -2.51 29.95
CA MET B 77 12.56 -2.42 29.98
C MET B 77 13.41 -3.65 29.86
C MET B 77 13.50 -3.62 29.77
N ALA B 78 13.04 -4.67 29.09
CA ALA B 78 13.78 -5.93 29.06
C ALA B 78 14.47 -6.16 27.71
N PHE B 79 15.72 -6.56 27.79
CA PHE B 79 16.54 -6.93 26.64
C PHE B 79 16.88 -8.40 26.74
N ARG B 80 16.80 -9.10 25.63
CA ARG B 80 17.19 -10.49 25.58
C ARG B 80 18.67 -10.53 25.27
N VAL B 81 19.41 -11.41 25.95
CA VAL B 81 20.81 -11.61 25.73
C VAL B 81 21.07 -12.93 25.01
N ARG B 82 22.27 -13.10 24.48
CA ARG B 82 22.53 -14.18 23.52
C ARG B 82 22.55 -15.57 24.15
N THR B 83 23.08 -15.65 25.39
CA THR B 83 23.23 -16.94 26.07
C THR B 83 22.87 -16.84 27.54
N PRO B 84 22.62 -17.98 28.19
CA PRO B 84 22.33 -17.96 29.61
C PRO B 84 23.46 -17.30 30.39
N GLU B 85 24.71 -17.53 29.95
CA GLU B 85 25.90 -16.99 30.58
C GLU B 85 25.95 -15.46 30.53
N ASP B 86 25.27 -14.87 29.56
CA ASP B 86 25.22 -13.41 29.46
C ASP B 86 24.44 -12.74 30.58
N VAL B 87 23.56 -13.48 31.26
CA VAL B 87 22.85 -12.95 32.42
C VAL B 87 23.86 -12.76 33.57
N ASP B 88 24.71 -13.75 33.81
CA ASP B 88 25.83 -13.57 34.75
C ASP B 88 26.74 -12.42 34.34
N LYS B 89 27.04 -12.27 33.06
CA LYS B 89 27.87 -11.15 32.61
C LYS B 89 27.18 -9.80 32.93
N ALA B 90 25.87 -9.70 32.67
CA ALA B 90 25.12 -8.51 33.01
C ALA B 90 25.23 -8.20 34.50
N GLU B 91 25.09 -9.23 35.35
CA GLU B 91 25.14 -9.00 36.81
C GLU B 91 26.50 -8.43 37.24
N ALA B 92 27.58 -9.04 36.75
CA ALA B 92 28.94 -8.58 37.09
C ALA B 92 29.19 -7.17 36.58
N TYR B 93 28.69 -6.89 35.38
CA TYR B 93 28.88 -5.60 34.73
C TYR B 93 28.24 -4.44 35.52
N TYR B 94 26.97 -4.61 35.87
CA TYR B 94 26.26 -3.61 36.66
C TYR B 94 26.74 -3.53 38.08
N GLN B 95 27.19 -4.64 38.66
CA GLN B 95 27.81 -4.56 39.99
C GLN B 95 29.07 -3.72 39.95
N GLU B 96 29.87 -3.86 38.89
CA GLU B 96 31.09 -3.06 38.77
C GLU B 96 30.73 -1.58 38.59
N LEU B 97 29.63 -1.29 37.88
CA LEU B 97 29.10 0.08 37.80
C LEU B 97 28.54 0.64 39.14
N GLY B 98 28.40 -0.21 40.15
CA GLY B 98 27.88 0.20 41.47
C GLY B 98 26.36 0.29 41.54
N CYS B 99 25.70 -0.41 40.64
CA CYS B 99 24.24 -0.37 40.57
C CYS B 99 23.58 -1.47 41.38
N ARG B 100 22.36 -1.20 41.85
N ARG B 100 22.37 -1.20 41.88
CA ARG B 100 21.55 -2.18 42.55
CA ARG B 100 21.60 -2.21 42.57
C ARG B 100 20.99 -3.20 41.58
C ARG B 100 21.08 -3.21 41.55
N THR B 101 21.14 -4.49 41.91
CA THR B 101 20.73 -5.58 41.03
C THR B 101 19.89 -6.59 41.80
N GLU B 102 19.03 -7.30 41.08
CA GLU B 102 18.21 -8.34 41.68
C GLU B 102 18.13 -9.50 40.68
N ARG B 103 18.46 -10.69 41.14
CA ARG B 103 18.53 -11.87 40.29
C ARG B 103 17.45 -12.84 40.72
N ARG B 104 16.62 -13.28 39.79
N ARG B 104 16.64 -13.30 39.78
CA ARG B 104 15.60 -14.30 40.03
CA ARG B 104 15.61 -14.30 40.05
C ARG B 104 15.74 -15.44 39.03
C ARG B 104 15.73 -15.43 39.04
N LYS B 105 16.11 -16.61 39.52
CA LYS B 105 16.36 -17.77 38.66
C LYS B 105 15.13 -18.26 37.92
N ASP B 106 13.94 -17.96 38.42
CA ASP B 106 12.73 -18.35 37.75
C ASP B 106 11.92 -17.17 37.25
N GLY B 107 12.58 -16.01 37.13
CA GLY B 107 12.00 -14.84 36.50
C GLY B 107 11.17 -13.93 37.39
N PHE B 108 10.89 -12.74 36.85
CA PHE B 108 10.05 -11.75 37.50
C PHE B 108 8.60 -11.77 37.00
N VAL B 109 8.43 -12.19 35.75
CA VAL B 109 7.11 -12.30 35.10
C VAL B 109 6.99 -13.69 34.46
N LYS B 110 5.74 -14.12 34.23
CA LYS B 110 5.51 -15.38 33.58
C LYS B 110 6.15 -15.43 32.19
N GLY B 111 6.64 -16.61 31.82
CA GLY B 111 7.21 -16.83 30.51
C GLY B 111 8.65 -16.38 30.35
N ILE B 112 9.27 -15.88 31.42
CA ILE B 112 10.69 -15.58 31.43
C ILE B 112 11.31 -16.42 32.52
N GLY B 113 12.49 -16.97 32.23
CA GLY B 113 13.26 -17.75 33.22
C GLY B 113 14.26 -16.87 33.92
N ASP B 114 15.48 -17.39 34.09
CA ASP B 114 16.53 -16.69 34.83
C ASP B 114 16.68 -15.26 34.31
N ALA B 115 16.56 -14.29 35.20
CA ALA B 115 16.57 -12.88 34.81
C ALA B 115 17.23 -12.01 35.85
N LEU B 116 17.86 -10.94 35.36
CA LEU B 116 18.47 -9.94 36.19
C LEU B 116 17.79 -8.61 35.94
N ARG B 117 17.32 -7.96 37.00
CA ARG B 117 16.87 -6.59 36.90
C ARG B 117 17.83 -5.68 37.62
N VAL B 118 18.00 -4.48 37.08
CA VAL B 118 18.98 -3.52 37.60
C VAL B 118 18.39 -2.11 37.63
N GLU B 119 18.86 -1.29 38.58
CA GLU B 119 18.62 0.14 38.54
C GLU B 119 19.84 0.69 37.87
N ASP B 120 19.72 1.05 36.59
CA ASP B 120 20.91 1.40 35.82
C ASP B 120 21.43 2.79 36.22
N PRO B 121 22.61 3.18 35.69
CA PRO B 121 23.19 4.47 36.10
C PRO B 121 22.37 5.69 35.77
N LEU B 122 21.42 5.56 34.83
CA LEU B 122 20.48 6.64 34.51
C LEU B 122 19.15 6.52 35.27
N GLY B 123 19.06 5.57 36.19
CA GLY B 123 17.86 5.37 36.99
C GLY B 123 16.77 4.53 36.35
N PHE B 124 17.08 3.85 35.25
CA PHE B 124 16.08 3.04 34.58
C PHE B 124 16.12 1.59 35.01
N PRO B 125 14.94 0.97 35.10
CA PRO B 125 14.86 -0.45 35.42
C PRO B 125 15.03 -1.30 34.16
N TYR B 126 16.23 -1.82 33.96
CA TYR B 126 16.51 -2.73 32.86
C TYR B 126 16.43 -4.17 33.34
N GLU B 127 15.93 -5.06 32.48
CA GLU B 127 16.02 -6.49 32.69
C GLU B 127 16.86 -7.11 31.61
N PHE B 128 17.65 -8.12 31.98
CA PHE B 128 18.38 -8.96 31.03
C PHE B 128 17.98 -10.41 31.28
N PHE B 129 17.64 -11.14 30.22
CA PHE B 129 17.28 -12.53 30.32
C PHE B 129 17.64 -13.23 29.04
N PHE B 130 17.81 -14.55 29.12
CA PHE B 130 17.86 -15.39 27.93
C PHE B 130 16.64 -16.32 27.84
N GLU B 131 16.39 -17.05 28.93
N GLU B 131 16.38 -17.07 28.91
CA GLU B 131 15.32 -18.07 28.99
CA GLU B 131 15.35 -18.10 28.85
C GLU B 131 13.92 -17.47 28.82
C GLU B 131 13.95 -17.51 28.81
N THR B 132 13.14 -18.02 27.88
CA THR B 132 11.76 -17.59 27.72
C THR B 132 10.95 -18.73 27.12
N THR B 133 9.69 -18.82 27.53
CA THR B 133 8.80 -19.85 26.98
C THR B 133 8.41 -19.48 25.54
N HIS B 134 8.68 -20.37 24.61
CA HIS B 134 8.28 -20.15 23.22
C HIS B 134 6.80 -20.38 23.07
N VAL B 135 6.18 -19.61 22.17
CA VAL B 135 4.75 -19.73 21.91
C VAL B 135 4.56 -19.87 20.40
N GLU B 136 3.33 -20.07 19.93
CA GLU B 136 3.04 -20.19 18.49
C GLU B 136 3.39 -18.89 17.77
N ARG B 137 4.31 -18.96 16.83
N ARG B 137 4.34 -18.94 16.84
CA ARG B 137 4.68 -17.80 16.04
CA ARG B 137 4.67 -17.73 16.08
C ARG B 137 3.57 -17.54 15.04
C ARG B 137 3.58 -17.53 15.04
N LEU B 138 2.90 -16.39 15.12
CA LEU B 138 1.68 -16.16 14.32
C LEU B 138 1.94 -15.49 12.98
N HIS B 139 3.18 -15.54 12.49
CA HIS B 139 3.58 -14.73 11.34
C HIS B 139 2.88 -15.04 10.04
N MET B 140 2.33 -16.25 9.91
CA MET B 140 1.53 -16.61 8.73
C MET B 140 0.06 -16.85 9.05
N ARG B 141 -0.38 -16.40 10.22
CA ARG B 141 -1.77 -16.57 10.63
C ARG B 141 -2.62 -15.42 10.08
N TYR B 142 -2.73 -15.40 8.76
CA TYR B 142 -3.44 -14.33 8.09
C TYR B 142 -4.93 -14.36 8.35
N ASP B 143 -5.43 -15.48 8.89
CA ASP B 143 -6.79 -15.54 9.40
C ASP B 143 -7.04 -14.68 10.67
N LEU B 144 -5.95 -14.29 11.32
CA LEU B 144 -5.96 -13.41 12.49
C LEU B 144 -5.49 -11.97 12.20
N TYR B 145 -4.88 -11.77 11.04
CA TYR B 145 -4.23 -10.51 10.71
C TYR B 145 -5.22 -9.37 10.63
N SER B 146 -4.95 -8.33 11.41
N SER B 146 -5.01 -8.32 11.40
CA SER B 146 -5.72 -7.08 11.46
CA SER B 146 -5.89 -7.16 11.33
C SER B 146 -5.27 -6.11 10.38
C SER B 146 -5.31 -6.13 10.39
N ALA B 147 -6.17 -5.25 9.92
CA ALA B 147 -5.79 -4.17 9.03
C ALA B 147 -4.74 -3.22 9.63
N GLY B 148 -4.62 -3.18 10.97
CA GLY B 148 -3.62 -2.39 11.64
C GLY B 148 -2.54 -3.20 12.34
N GLU B 149 -2.27 -4.41 11.86
CA GLU B 149 -1.47 -5.39 12.65
C GLU B 149 -0.11 -4.92 13.09
N LEU B 150 0.16 -5.06 14.38
CA LEU B 150 1.48 -4.82 14.99
C LEU B 150 2.31 -6.09 14.90
N VAL B 151 3.43 -6.02 14.17
CA VAL B 151 4.15 -7.22 13.77
C VAL B 151 5.39 -7.54 14.60
N ARG B 152 6.04 -6.52 15.15
N ARG B 152 6.06 -6.53 15.13
CA ARG B 152 7.22 -6.69 15.99
CA ARG B 152 7.24 -6.72 15.99
C ARG B 152 7.25 -5.62 17.07
C ARG B 152 7.29 -5.63 17.04
N LEU B 153 7.95 -5.89 18.16
CA LEU B 153 8.43 -4.82 19.04
C LEU B 153 9.70 -4.24 18.42
N ASP B 154 9.78 -2.92 18.28
CA ASP B 154 10.95 -2.31 17.67
C ASP B 154 11.91 -1.65 18.65
N HIS B 155 11.43 -0.81 19.56
CA HIS B 155 12.36 -0.08 20.44
C HIS B 155 11.70 0.54 21.62
N PHE B 156 12.56 1.01 22.53
CA PHE B 156 12.21 1.89 23.63
C PHE B 156 12.79 3.29 23.40
N ASN B 157 12.25 4.28 24.08
CA ASN B 157 12.83 5.62 24.05
C ASN B 157 12.72 6.20 25.44
N GLN B 158 13.86 6.62 25.99
CA GLN B 158 14.05 7.04 27.37
C GLN B 158 14.32 8.53 27.48
N VAL B 159 13.73 9.19 28.47
CA VAL B 159 14.02 10.61 28.72
C VAL B 159 15.07 10.69 29.84
N THR B 160 16.18 11.39 29.57
CA THR B 160 17.27 11.52 30.54
C THR B 160 17.86 12.92 30.39
N PRO B 161 18.36 13.50 31.50
CA PRO B 161 18.73 14.91 31.44
C PRO B 161 20.06 15.22 30.71
N ASP B 162 21.00 14.28 30.72
CA ASP B 162 22.36 14.44 30.16
C ASP B 162 22.59 13.37 29.11
N VAL B 163 22.35 13.71 27.83
CA VAL B 163 22.40 12.72 26.77
C VAL B 163 23.81 12.16 26.54
N PRO B 164 24.85 13.03 26.51
CA PRO B 164 26.17 12.44 26.31
C PRO B 164 26.62 11.47 27.39
N ARG B 165 26.24 11.73 28.63
CA ARG B 165 26.60 10.84 29.73
C ARG B 165 25.97 9.46 29.51
N GLY B 166 24.69 9.45 29.16
CA GLY B 166 23.99 8.21 28.91
C GLY B 166 24.50 7.50 27.66
N ARG B 167 24.85 8.29 26.65
CA ARG B 167 25.29 7.72 25.38
C ARG B 167 26.58 6.94 25.58
N LYS B 168 27.52 7.51 26.33
CA LYS B 168 28.79 6.81 26.57
C LYS B 168 28.55 5.48 27.26
N TYR B 169 27.68 5.49 28.26
CA TYR B 169 27.36 4.28 29.00
C TYR B 169 26.75 3.21 28.08
N LEU B 170 25.80 3.61 27.25
CA LEU B 170 25.17 2.64 26.34
C LEU B 170 26.15 2.15 25.28
N GLU B 171 27.06 3.00 24.80
CA GLU B 171 28.08 2.54 23.84
C GLU B 171 29.01 1.51 24.50
N ASP B 172 29.42 1.74 25.74
CA ASP B 172 30.27 0.76 26.45
C ASP B 172 29.56 -0.59 26.61
N LEU B 173 28.24 -0.53 26.79
CA LEU B 173 27.38 -1.70 26.92
C LEU B 173 27.18 -2.42 25.61
N GLY B 174 27.58 -1.78 24.51
CA GLY B 174 27.60 -2.37 23.17
C GLY B 174 26.62 -1.80 22.14
N PHE B 175 25.78 -0.85 22.55
CA PHE B 175 24.88 -0.20 21.60
C PHE B 175 25.72 0.70 20.69
N ARG B 176 25.33 0.80 19.43
CA ARG B 176 26.01 1.69 18.48
C ARG B 176 25.03 2.81 18.11
N VAL B 177 25.51 4.04 18.21
CA VAL B 177 24.71 5.20 17.86
C VAL B 177 24.59 5.26 16.33
N THR B 178 23.36 5.38 15.85
CA THR B 178 23.05 5.46 14.43
C THR B 178 22.73 6.88 13.99
N GLU B 179 22.02 7.64 14.84
CA GLU B 179 21.65 9.01 14.55
C GLU B 179 21.61 9.81 15.83
N ASP B 180 21.82 11.12 15.70
CA ASP B 180 21.64 12.02 16.82
C ASP B 180 21.19 13.40 16.35
N ILE B 181 20.77 14.20 17.31
CA ILE B 181 20.39 15.59 17.11
C ILE B 181 21.24 16.45 18.00
N GLN B 182 21.98 17.39 17.39
CA GLN B 182 22.85 18.30 18.12
C GLN B 182 22.64 19.71 17.61
N ASP B 183 23.18 20.70 18.31
CA ASP B 183 23.29 22.04 17.75
C ASP B 183 24.75 22.39 17.51
N ASP B 184 25.00 23.60 17.02
CA ASP B 184 26.37 24.05 16.73
C ASP B 184 27.13 24.58 17.95
N GLU B 185 26.55 24.44 19.14
CA GLU B 185 27.11 24.96 20.39
C GLU B 185 27.44 23.85 21.35
N GLY B 186 27.46 22.61 20.85
CA GLY B 186 27.91 21.48 21.63
C GLY B 186 26.86 20.74 22.43
N THR B 187 25.59 21.07 22.23
CA THR B 187 24.50 20.40 22.99
C THR B 187 23.98 19.23 22.20
N THR B 188 23.78 18.09 22.86
CA THR B 188 23.10 16.94 22.28
C THR B 188 21.69 16.89 22.85
N TYR B 189 20.70 16.79 21.96
CA TYR B 189 19.27 16.76 22.33
C TYR B 189 18.69 15.35 22.32
N ALA B 190 19.28 14.45 21.54
CA ALA B 190 18.75 13.10 21.39
C ALA B 190 19.76 12.22 20.70
N ALA B 191 19.75 10.93 21.01
CA ALA B 191 20.60 9.93 20.36
C ALA B 191 19.81 8.63 20.23
N TRP B 192 20.06 7.89 19.15
CA TRP B 192 19.40 6.60 18.82
C TRP B 192 20.48 5.53 18.74
N MET B 193 20.26 4.35 19.30
CA MET B 193 21.34 3.35 19.35
C MET B 193 20.80 1.93 19.29
N HIS B 194 21.55 1.05 18.64
CA HIS B 194 21.06 -0.29 18.33
C HIS B 194 21.97 -1.41 18.71
N ARG B 195 21.35 -2.57 18.86
CA ARG B 195 22.00 -3.85 18.83
C ARG B 195 21.55 -4.72 17.64
N LYS B 196 20.26 -4.78 17.34
CA LYS B 196 19.75 -5.72 16.35
C LYS B 196 19.86 -5.35 14.89
N GLY B 197 20.36 -4.19 14.55
CA GLY B 197 20.59 -3.94 13.12
C GLY B 197 19.46 -3.16 12.45
N THR B 198 18.59 -2.61 13.27
CA THR B 198 17.65 -1.55 12.86
C THR B 198 18.17 -0.23 13.40
N VAL B 199 17.45 0.87 13.16
CA VAL B 199 17.98 2.15 13.62
C VAL B 199 18.22 2.17 15.13
N HIS B 200 17.34 1.53 15.89
CA HIS B 200 17.53 1.45 17.32
C HIS B 200 16.81 0.34 18.03
N ASP B 201 17.34 -0.01 19.21
CA ASP B 201 16.63 -0.75 20.23
C ASP B 201 16.27 0.11 21.42
N THR B 202 17.06 1.17 21.70
CA THR B 202 16.63 2.21 22.61
C THR B 202 17.16 3.53 22.12
N ALA B 203 16.74 4.58 22.77
CA ALA B 203 17.10 5.93 22.41
C ALA B 203 17.04 6.78 23.64
N LEU B 204 17.78 7.89 23.58
CA LEU B 204 17.79 8.86 24.66
C LEU B 204 17.25 10.17 24.12
N THR B 205 16.28 10.73 24.83
CA THR B 205 15.67 12.02 24.50
C THR B 205 15.98 12.93 25.68
N GLY B 206 16.59 14.07 25.42
CA GLY B 206 16.93 15.02 26.48
C GLY B 206 15.69 15.53 27.21
N GLY B 207 15.70 15.45 28.54
CA GLY B 207 14.62 16.02 29.33
C GLY B 207 14.74 15.59 30.77
N ASN B 208 13.83 16.05 31.60
CA ASN B 208 13.84 15.64 33.00
C ASN B 208 13.63 14.14 33.09
N GLY B 209 14.41 13.46 33.92
CA GLY B 209 14.31 12.01 33.97
C GLY B 209 14.95 11.40 35.20
N PRO B 210 14.84 10.07 35.34
CA PRO B 210 14.37 9.11 34.34
C PRO B 210 12.86 9.10 34.12
N ARG B 211 12.46 9.14 32.86
CA ARG B 211 11.08 8.87 32.46
C ARG B 211 11.13 8.04 31.19
N LEU B 212 10.08 7.26 30.93
CA LEU B 212 9.97 6.48 29.69
C LEU B 212 9.20 7.31 28.66
N HIS B 213 9.83 7.59 27.53
CA HIS B 213 9.14 8.38 26.52
C HIS B 213 8.12 7.57 25.78
N HIS B 214 8.52 6.40 25.27
CA HIS B 214 7.60 5.52 24.57
C HIS B 214 8.16 4.14 24.36
N VAL B 215 7.24 3.22 24.02
CA VAL B 215 7.55 1.90 23.48
C VAL B 215 7.01 1.88 22.04
N ALA B 216 7.79 1.33 21.10
CA ALA B 216 7.42 1.31 19.69
C ALA B 216 7.24 -0.09 19.14
N PHE B 217 6.14 -0.27 18.42
CA PHE B 217 5.85 -1.47 17.66
C PHE B 217 5.86 -1.17 16.17
N SER B 218 6.25 -2.15 15.37
N SER B 218 6.25 -2.17 15.39
CA SER B 218 6.30 -1.94 13.93
CA SER B 218 6.32 -2.08 13.94
C SER B 218 5.13 -2.61 13.22
C SER B 218 5.04 -2.57 13.27
N THR B 219 4.81 -2.10 12.05
CA THR B 219 3.83 -2.70 11.11
C THR B 219 4.57 -3.09 9.83
N HIS B 220 3.92 -3.88 8.96
CA HIS B 220 4.51 -4.20 7.68
C HIS B 220 4.58 -2.99 6.76
N GLU B 221 3.47 -2.26 6.66
CA GLU B 221 3.31 -1.23 5.64
C GLU B 221 2.71 0.04 6.21
N LYS B 222 2.82 1.09 5.43
CA LYS B 222 2.38 2.40 5.87
C LYS B 222 0.87 2.42 6.05
N HIS B 223 0.15 1.72 5.18
CA HIS B 223 -1.31 1.69 5.25
C HIS B 223 -1.77 1.10 6.56
N ASN B 224 -0.99 0.23 7.16
CA ASN B 224 -1.36 -0.33 8.46
C ASN B 224 -1.42 0.74 9.53
N ILE B 225 -0.47 1.68 9.49
CA ILE B 225 -0.47 2.81 10.42
C ILE B 225 -1.64 3.75 10.17
N ILE B 226 -1.93 4.02 8.90
N ILE B 226 -1.93 4.01 8.90
CA ILE B 226 -3.08 4.83 8.50
CA ILE B 226 -3.09 4.84 8.53
C ILE B 226 -4.37 4.20 9.06
C ILE B 226 -4.37 4.21 9.07
N GLN B 227 -4.48 2.88 8.99
CA GLN B 227 -5.66 2.18 9.52
C GLN B 227 -5.84 2.37 11.01
N ILE B 228 -4.73 2.40 11.77
CA ILE B 228 -4.84 2.65 13.23
C ILE B 228 -5.48 4.01 13.48
N CYS B 229 -5.02 5.02 12.74
CA CYS B 229 -5.62 6.36 12.80
C CYS B 229 -7.10 6.33 12.45
N ASP B 230 -7.40 5.67 11.35
CA ASP B 230 -8.78 5.60 10.87
C ASP B 230 -9.70 4.92 11.89
N LYS B 231 -9.22 3.81 12.48
CA LYS B 231 -9.99 3.10 13.46
C LYS B 231 -10.19 3.96 14.70
N MET B 232 -9.15 4.69 15.13
CA MET B 232 -9.28 5.56 16.28
C MET B 232 -10.33 6.67 16.02
N GLY B 233 -10.37 7.18 14.80
CA GLY B 233 -11.45 8.09 14.39
C GLY B 233 -12.82 7.44 14.54
N ALA B 234 -12.95 6.22 14.04
CA ALA B 234 -14.24 5.52 14.06
C ALA B 234 -14.69 5.23 15.49
N LEU B 235 -13.75 4.94 16.37
CA LEU B 235 -14.06 4.72 17.77
C LEU B 235 -14.20 6.01 18.57
N ARG B 236 -14.04 7.14 17.89
CA ARG B 236 -14.17 8.47 18.46
C ARG B 236 -13.21 8.64 19.62
N ILE B 237 -11.97 8.19 19.40
CA ILE B 237 -10.85 8.36 20.34
C ILE B 237 -9.66 9.01 19.63
N SER B 238 -9.94 9.90 18.68
CA SER B 238 -8.88 10.63 17.97
C SER B 238 -8.12 11.56 18.90
N ASP B 239 -8.71 11.92 20.04
CA ASP B 239 -7.98 12.70 21.06
C ASP B 239 -6.81 11.91 21.67
N ARG B 240 -6.76 10.59 21.46
CA ARG B 240 -5.65 9.75 21.93
C ARG B 240 -4.58 9.56 20.87
N ILE B 241 -4.76 10.21 19.70
CA ILE B 241 -3.69 10.35 18.72
C ILE B 241 -2.93 11.61 19.12
N GLU B 242 -1.71 11.43 19.59
CA GLU B 242 -0.93 12.58 20.08
C GLU B 242 -0.28 13.35 18.95
N ARG B 243 0.31 12.63 18.02
CA ARG B 243 1.17 13.23 17.00
C ARG B 243 1.31 12.28 15.83
N GLY B 244 1.15 12.80 14.63
CA GLY B 244 1.29 12.06 13.40
C GLY B 244 -0.03 11.80 12.71
N PRO B 245 -0.04 10.90 11.71
CA PRO B 245 1.09 10.14 11.24
C PRO B 245 2.06 11.01 10.45
N GLY B 246 3.29 10.54 10.35
CA GLY B 246 4.31 11.28 9.63
C GLY B 246 5.44 10.40 9.13
N ARG B 247 6.41 11.04 8.48
CA ARG B 247 7.68 10.42 8.11
C ARG B 247 8.70 11.06 9.03
N HIS B 248 9.49 10.27 9.74
CA HIS B 248 10.60 10.84 10.52
C HIS B 248 11.75 11.27 9.61
N GLY B 249 12.49 12.29 10.02
CA GLY B 249 13.79 12.56 9.45
C GLY B 249 14.77 11.55 10.01
N VAL B 250 15.12 11.69 11.29
CA VAL B 250 15.87 10.69 12.02
C VAL B 250 15.12 9.35 11.91
N SER B 251 15.81 8.35 11.40
CA SER B 251 15.34 6.98 11.17
C SER B 251 14.66 6.73 9.84
N ASN B 252 14.11 7.78 9.20
CA ASN B 252 13.37 7.64 7.93
C ASN B 252 12.11 6.76 8.03
N ALA B 253 11.66 6.47 9.23
CA ALA B 253 10.50 5.60 9.44
C ALA B 253 9.18 6.36 9.35
N PHE B 254 8.15 5.69 8.84
CA PHE B 254 6.79 6.20 8.93
C PHE B 254 6.29 5.91 10.35
N TYR B 255 5.57 6.83 10.93
CA TYR B 255 5.29 6.80 12.38
C TYR B 255 3.94 7.40 12.77
N LEU B 256 3.55 7.05 13.99
CA LEU B 256 2.37 7.56 14.68
C LEU B 256 2.59 7.44 16.20
N PHE B 257 2.23 8.48 16.95
CA PHE B 257 2.25 8.42 18.42
C PHE B 257 0.82 8.48 18.98
N ILE B 258 0.52 7.52 19.85
CA ILE B 258 -0.77 7.43 20.51
C ILE B 258 -0.59 7.27 22.00
N LEU B 259 -1.65 7.54 22.74
CA LEU B 259 -1.61 7.50 24.21
C LEU B 259 -2.55 6.44 24.77
N ASP B 260 -2.02 5.56 25.61
CA ASP B 260 -2.85 4.55 26.30
C ASP B 260 -3.66 5.18 27.46
N PRO B 261 -4.51 4.40 28.12
CA PRO B 261 -5.39 4.99 29.13
C PRO B 261 -4.69 5.64 30.31
N ASP B 262 -3.45 5.23 30.60
CA ASP B 262 -2.65 5.85 31.66
C ASP B 262 -1.65 6.88 31.12
N ASN B 263 -1.85 7.26 29.87
N ASN B 263 -1.88 7.31 29.88
CA ASN B 263 -1.02 8.24 29.17
CA ASN B 263 -0.99 8.21 29.14
C ASN B 263 0.35 7.70 28.78
C ASN B 263 0.41 7.70 28.91
N HIS B 264 0.57 6.38 28.88
CA HIS B 264 1.82 5.81 28.35
C HIS B 264 1.75 5.98 26.86
N ARG B 265 2.85 6.44 26.28
CA ARG B 265 2.93 6.73 24.86
C ARG B 265 3.44 5.51 24.09
N ILE B 266 2.72 5.20 23.02
CA ILE B 266 3.05 4.09 22.14
C ILE B 266 3.29 4.64 20.75
N GLU B 267 4.41 4.25 20.14
CA GLU B 267 4.71 4.61 18.77
C GLU B 267 4.41 3.42 17.88
N ILE B 268 3.86 3.68 16.70
CA ILE B 268 3.74 2.70 15.63
C ILE B 268 4.71 3.16 14.52
N TYR B 269 5.46 2.21 13.95
CA TYR B 269 6.72 2.54 13.25
C TYR B 269 6.94 1.56 12.12
N THR B 270 7.39 2.02 10.96
CA THR B 270 7.74 1.08 9.89
C THR B 270 8.77 1.65 8.95
N GLN B 271 9.59 0.75 8.41
CA GLN B 271 10.43 1.01 7.20
C GLN B 271 11.62 1.93 7.44
N ASP B 272 12.29 1.69 8.55
CA ASP B 272 13.66 2.21 8.75
C ASP B 272 14.65 1.31 8.01
N TYR B 273 15.93 1.55 8.22
CA TYR B 273 16.97 0.99 7.37
C TYR B 273 17.91 0.10 8.18
N TYR B 274 18.76 -0.61 7.46
CA TYR B 274 19.72 -1.57 8.03
C TYR B 274 20.97 -0.87 8.59
N THR B 275 21.34 -1.23 9.80
CA THR B 275 22.45 -0.59 10.53
C THR B 275 23.49 -1.59 11.04
N GLY B 276 23.37 -2.84 10.63
CA GLY B 276 24.21 -3.92 11.20
C GLY B 276 25.69 -3.90 10.90
N ASP B 277 26.12 -3.13 9.91
CA ASP B 277 27.56 -3.04 9.65
C ASP B 277 28.20 -2.18 10.76
N PRO B 278 29.40 -2.56 11.22
CA PRO B 278 29.96 -1.87 12.39
C PRO B 278 30.41 -0.44 12.13
N ASP B 279 30.61 -0.08 10.87
CA ASP B 279 30.94 1.29 10.47
C ASP B 279 29.75 2.00 9.83
N ASN B 280 28.55 1.51 10.16
CA ASN B 280 27.33 2.17 9.74
C ASN B 280 27.49 3.68 9.93
N PRO B 281 27.23 4.48 8.87
CA PRO B 281 27.46 5.92 9.06
C PRO B 281 26.53 6.56 10.05
N THR B 282 27.07 7.31 11.01
N THR B 282 27.09 7.26 11.02
CA THR B 282 26.26 7.98 12.02
CA THR B 282 26.29 8.02 11.95
C THR B 282 25.81 9.35 11.51
C THR B 282 25.73 9.22 11.20
N ILE B 283 24.49 9.58 11.52
CA ILE B 283 23.89 10.78 10.96
C ILE B 283 23.60 11.76 12.09
N THR B 284 24.10 13.00 11.97
CA THR B 284 23.80 14.07 12.91
C THR B 284 22.92 15.11 12.24
N TRP B 285 21.76 15.38 12.84
CA TRP B 285 20.88 16.45 12.41
C TRP B 285 21.04 17.63 13.30
N ASN B 286 20.87 18.82 12.72
CA ASN B 286 20.84 20.03 13.51
C ASN B 286 19.47 20.18 14.17
N VAL B 287 19.45 20.60 15.43
CA VAL B 287 18.20 20.74 16.17
C VAL B 287 17.24 21.75 15.54
N HIS B 288 17.76 22.69 14.75
CA HIS B 288 16.87 23.70 14.13
C HIS B 288 16.33 23.30 12.78
N ASP B 289 16.72 22.11 12.32
CA ASP B 289 16.26 21.58 11.03
C ASP B 289 14.82 21.10 11.20
N ASN B 290 13.90 21.81 10.56
CA ASN B 290 12.48 21.48 10.70
C ASN B 290 12.04 20.18 10.00
N GLN B 291 12.96 19.51 9.32
CA GLN B 291 12.67 18.19 8.76
C GLN B 291 13.24 17.04 9.58
N ARG B 292 13.84 17.32 10.75
CA ARG B 292 14.59 16.26 11.47
C ARG B 292 13.68 15.26 12.20
N ARG B 293 12.53 15.72 12.70
CA ARG B 293 11.61 14.86 13.46
C ARG B 293 10.42 14.45 12.62
N ASP B 294 9.84 15.40 11.90
CA ASP B 294 8.85 15.17 10.86
C ASP B 294 9.41 15.74 9.54
N TRP B 295 9.70 14.84 8.63
CA TRP B 295 10.35 15.12 7.35
C TRP B 295 9.55 16.07 6.51
N TRP B 296 8.24 16.08 6.75
CA TRP B 296 7.31 16.92 5.99
C TRP B 296 7.16 18.29 6.61
N GLY B 297 7.86 18.52 7.71
CA GLY B 297 7.88 19.79 8.39
C GLY B 297 6.70 20.03 9.31
N ASN B 298 5.86 19.04 9.54
CA ASN B 298 4.74 19.24 10.45
C ASN B 298 5.30 19.49 11.85
N PRO B 299 4.60 20.31 12.63
CA PRO B 299 5.13 20.76 13.92
C PRO B 299 5.11 19.61 14.94
N VAL B 300 6.09 19.58 15.82
CA VAL B 300 6.11 18.59 16.90
C VAL B 300 5.23 19.12 18.03
N VAL B 301 4.23 18.32 18.38
CA VAL B 301 3.26 18.70 19.40
C VAL B 301 3.98 18.89 20.75
N PRO B 302 3.64 19.95 21.48
CA PRO B 302 4.43 20.26 22.69
C PRO B 302 4.46 19.15 23.74
N SER B 303 3.35 18.42 23.88
CA SER B 303 3.30 17.34 24.86
C SER B 303 4.34 16.28 24.57
N TRP B 304 4.76 16.17 23.31
CA TRP B 304 5.83 15.22 22.96
C TRP B 304 7.13 15.52 23.68
N TYR B 305 7.41 16.80 23.89
CA TYR B 305 8.60 17.22 24.61
C TYR B 305 8.44 17.34 26.13
N THR B 306 7.23 17.42 26.64
CA THR B 306 7.03 17.64 28.08
C THR B 306 6.53 16.41 28.86
N GLU B 307 5.79 15.53 28.20
CA GLU B 307 5.13 14.41 28.87
C GLU B 307 5.85 13.10 28.64
N ALA B 308 5.99 12.33 29.72
CA ALA B 308 6.59 10.99 29.66
C ALA B 308 6.22 10.25 30.94
N SER B 309 6.41 8.94 30.93
CA SER B 309 5.95 8.09 32.02
C SER B 309 6.98 7.99 33.15
N LYS B 310 6.47 7.90 34.37
CA LYS B 310 7.30 7.60 35.51
C LYS B 310 7.97 6.23 35.35
N VAL B 311 9.12 6.03 36.00
CA VAL B 311 9.73 4.70 36.08
C VAL B 311 9.90 4.29 37.55
N LEU B 312 9.87 2.99 37.77
CA LEU B 312 10.01 2.43 39.13
C LEU B 312 11.42 1.94 39.41
N ASP B 313 11.80 2.02 40.68
CA ASP B 313 12.99 1.35 41.17
C ASP B 313 12.67 -0.11 41.51
N LEU B 314 13.65 -0.87 41.99
CA LEU B 314 13.44 -2.30 42.24
C LEU B 314 12.51 -2.59 43.42
N ASP B 315 12.29 -1.61 44.28
CA ASP B 315 11.29 -1.73 45.35
C ASP B 315 9.86 -1.40 44.92
N GLY B 316 9.68 -0.95 43.69
CA GLY B 316 8.37 -0.56 43.20
C GLY B 316 7.99 0.88 43.46
N ASN B 317 8.95 1.70 43.90
CA ASN B 317 8.73 3.11 44.15
C ASN B 317 9.15 3.94 42.94
N VAL B 318 8.48 5.06 42.72
CA VAL B 318 8.79 5.92 41.58
C VAL B 318 10.18 6.53 41.81
N GLN B 319 11.00 6.52 40.76
CA GLN B 319 12.31 7.14 40.77
C GLN B 319 12.18 8.64 40.76
N GLU B 320 12.98 9.32 41.60
CA GLU B 320 13.03 10.78 41.61
C GLU B 320 13.49 11.30 40.26
N ILE B 321 12.92 12.41 39.86
CA ILE B 321 13.23 13.07 38.59
C ILE B 321 14.34 14.09 38.79
N ILE B 322 15.34 14.05 37.91
CA ILE B 322 16.43 15.02 37.90
C ILE B 322 16.19 15.95 36.71
N GLU B 323 16.23 17.25 36.94
CA GLU B 323 15.94 18.23 35.91
C GLU B 323 17.10 18.37 34.92
N ARG B 324 16.77 18.41 33.64
CA ARG B 324 17.71 18.77 32.60
C ARG B 324 18.16 20.25 32.76
N THR B 325 19.47 20.47 32.70
CA THR B 325 20.06 21.82 32.70
C THR B 325 20.52 22.25 31.29
N ASP B 326 20.84 21.28 30.42
CA ASP B 326 21.11 21.57 29.01
C ASP B 326 19.89 22.22 28.35
N ASP B 327 20.11 22.85 27.21
CA ASP B 327 19.03 23.54 26.50
C ASP B 327 17.89 22.57 26.14
N SER B 328 16.68 23.12 26.11
CA SER B 328 15.46 22.39 25.78
C SER B 328 15.21 22.40 24.30
N GLU B 329 14.99 21.22 23.71
CA GLU B 329 14.67 21.13 22.29
C GLU B 329 13.39 21.91 21.96
N LEU B 330 12.39 21.81 22.83
CA LEU B 330 11.16 22.57 22.67
C LEU B 330 11.49 24.05 22.58
N GLU B 331 12.18 24.55 23.57
CA GLU B 331 12.42 25.98 23.65
C GLU B 331 13.24 26.50 22.48
N VAL B 332 14.26 25.75 22.05
CA VAL B 332 15.12 26.27 20.99
C VAL B 332 14.51 26.16 19.58
N THR B 333 13.40 25.41 19.42
CA THR B 333 12.79 25.20 18.10
C THR B 333 11.43 25.85 17.94
N ILE B 334 10.56 25.66 18.92
CA ILE B 334 9.16 26.13 18.81
C ILE B 334 8.71 27.08 19.92
N GLY B 335 9.58 27.34 20.89
CA GLY B 335 9.31 28.28 21.96
C GLY B 335 9.45 29.70 21.49
N ALA B 336 9.19 30.64 22.40
CA ALA B 336 9.14 32.05 22.06
C ALA B 336 10.45 32.61 21.53
N ASP B 337 11.59 32.02 21.92
CA ASP B 337 12.90 32.45 21.43
C ASP B 337 13.48 31.37 20.51
N GLY B 338 12.62 30.50 20.02
CA GLY B 338 13.04 29.40 19.17
C GLY B 338 13.26 29.79 17.72
N PHE B 339 13.81 28.83 16.99
CA PHE B 339 14.06 28.99 15.57
C PHE B 339 14.08 27.65 14.89
N SER B 340 13.52 27.60 13.68
N SER B 340 13.51 27.59 13.69
CA SER B 340 13.70 26.44 12.82
CA SER B 340 13.70 26.41 12.83
C SER B 340 13.80 26.87 11.38
C SER B 340 13.70 26.80 11.36
N PHE B 341 14.41 26.02 10.56
CA PHE B 341 14.53 26.26 9.13
C PHE B 341 14.04 25.09 8.30
N THR B 342 13.70 25.40 7.06
CA THR B 342 13.46 24.38 6.06
C THR B 342 14.72 24.10 5.25
N ARG B 343 15.39 25.17 4.83
CA ARG B 343 16.65 25.10 4.10
C ARG B 343 17.67 25.90 4.89
N ALA B 344 18.81 25.26 5.20
CA ALA B 344 19.85 25.93 5.96
C ALA B 344 20.28 27.19 5.21
N GLY B 345 20.33 28.29 5.94
CA GLY B 345 20.74 29.59 5.39
C GLY B 345 19.67 30.35 4.62
N ASP B 346 18.46 29.83 4.55
CA ASP B 346 17.36 30.50 3.87
C ASP B 346 16.35 31.01 4.89
N GLU B 347 16.09 32.31 4.84
CA GLU B 347 15.06 32.92 5.67
C GLU B 347 13.67 32.50 5.27
N ASP B 348 13.48 32.28 3.98
N ASP B 348 13.46 32.31 3.96
CA ASP B 348 12.22 31.83 3.45
CA ASP B 348 12.20 31.82 3.44
C ASP B 348 12.00 30.39 3.92
C ASP B 348 12.01 30.40 3.96
N GLY B 349 10.84 30.14 4.53
CA GLY B 349 10.56 28.82 5.12
C GLY B 349 11.18 28.61 6.49
N SER B 350 11.60 29.70 7.11
N SER B 350 11.61 29.70 7.11
CA SER B 350 12.09 29.63 8.47
CA SER B 350 12.09 29.62 8.49
C SER B 350 11.00 30.13 9.42
C SER B 350 11.03 30.17 9.43
N TYR B 351 11.15 29.76 10.69
CA TYR B 351 10.16 30.02 11.74
C TYR B 351 10.88 30.62 12.92
N HIS B 352 10.39 31.78 13.36
CA HIS B 352 10.95 32.50 14.49
C HIS B 352 9.94 32.62 15.60
N GLY B 353 10.22 31.97 16.74
CA GLY B 353 9.36 32.07 17.91
C GLY B 353 7.99 31.43 17.76
N GLN B 354 7.89 30.43 16.88
N GLN B 354 7.84 30.49 16.84
CA GLN B 354 6.67 29.69 16.74
CA GLN B 354 6.64 29.68 16.79
C GLN B 354 6.94 28.38 16.05
C GLN B 354 6.91 28.41 16.00
N ALA B 355 5.89 27.57 15.90
CA ALA B 355 5.97 26.30 15.21
C ALA B 355 5.74 26.50 13.72
N SER B 356 5.95 25.45 12.96
CA SER B 356 5.68 25.45 11.56
C SER B 356 4.16 25.40 11.30
N LYS B 357 3.81 25.59 10.03
CA LYS B 357 2.45 25.42 9.49
C LYS B 357 1.44 26.40 10.09
N GLY B 358 1.90 27.48 10.72
CA GLY B 358 1.00 28.52 11.20
C GLY B 358 0.55 28.44 12.63
N PHE B 359 1.21 27.59 13.42
CA PHE B 359 0.86 27.36 14.78
C PHE B 359 1.86 27.95 15.78
N LYS B 360 1.35 28.24 16.97
CA LYS B 360 2.13 28.59 18.16
C LYS B 360 1.77 27.61 19.25
N LEU B 361 2.58 27.57 20.30
CA LEU B 361 2.31 26.73 21.48
C LEU B 361 1.02 27.16 22.18
N GLY B 362 0.14 26.22 22.51
CA GLY B 362 -1.09 26.53 23.23
C GLY B 362 -0.88 26.83 24.70
N SER C 2 -33.27 -13.19 -39.48
CA SER C 2 -32.16 -12.78 -38.57
C SER C 2 -32.41 -13.24 -37.13
N ASN C 3 -31.31 -13.47 -36.40
CA ASN C 3 -31.31 -13.73 -34.95
C ASN C 3 -31.39 -12.46 -34.11
N GLU C 4 -31.34 -11.29 -34.75
CA GLU C 4 -31.20 -10.04 -34.00
C GLU C 4 -32.32 -9.85 -32.99
N ILE C 5 -31.99 -9.21 -31.89
CA ILE C 5 -32.99 -8.84 -30.93
C ILE C 5 -33.40 -7.42 -31.33
N PRO C 6 -34.66 -7.22 -31.80
CA PRO C 6 -34.95 -5.87 -32.29
C PRO C 6 -35.07 -4.87 -31.17
N LYS C 7 -34.73 -3.61 -31.41
CA LYS C 7 -34.91 -2.57 -30.42
C LYS C 7 -36.40 -2.27 -30.23
N PRO C 8 -36.89 -2.35 -28.99
CA PRO C 8 -38.26 -1.95 -28.74
C PRO C 8 -38.54 -0.50 -29.07
N VAL C 9 -39.79 -0.18 -29.41
CA VAL C 9 -40.23 1.20 -29.49
C VAL C 9 -40.40 1.81 -28.10
N ALA C 10 -40.77 0.95 -27.14
CA ALA C 10 -40.88 1.36 -25.73
C ALA C 10 -39.54 1.87 -25.25
N PRO C 11 -39.54 2.95 -24.46
CA PRO C 11 -38.29 3.52 -23.97
C PRO C 11 -37.61 2.57 -22.98
N ALA C 12 -36.29 2.46 -23.07
CA ALA C 12 -35.51 1.67 -22.11
C ALA C 12 -35.63 2.24 -20.70
N PRO C 13 -35.68 1.37 -19.67
CA PRO C 13 -35.52 1.88 -18.31
C PRO C 13 -34.15 2.52 -18.16
N ASP C 14 -34.09 3.59 -17.37
CA ASP C 14 -32.83 4.23 -17.01
C ASP C 14 -32.13 3.43 -15.91
N ILE C 15 -31.11 2.68 -16.28
CA ILE C 15 -30.38 1.81 -15.33
C ILE C 15 -29.21 2.59 -14.71
N LEU C 16 -29.15 2.55 -13.38
CA LEU C 16 -28.07 3.23 -12.65
C LEU C 16 -26.79 2.41 -12.59
N ARG C 17 -26.93 1.14 -12.25
CA ARG C 17 -25.78 0.28 -11.87
C ARG C 17 -26.26 -1.12 -11.55
N CYS C 18 -25.33 -2.05 -11.57
CA CYS C 18 -25.55 -3.33 -10.92
C CYS C 18 -25.74 -3.08 -9.44
N ALA C 19 -26.60 -3.87 -8.81
CA ALA C 19 -26.95 -3.62 -7.42
C ALA C 19 -26.83 -4.82 -6.48
N TYR C 20 -27.33 -5.98 -6.91
CA TYR C 20 -27.14 -7.20 -6.13
C TYR C 20 -27.34 -8.44 -6.96
N ALA C 21 -26.85 -9.57 -6.48
CA ALA C 21 -27.16 -10.86 -7.09
C ALA C 21 -27.80 -11.75 -6.04
N GLU C 22 -28.77 -12.55 -6.44
CA GLU C 22 -29.31 -13.61 -5.60
C GLU C 22 -28.75 -14.93 -6.10
N LEU C 23 -27.96 -15.60 -5.24
CA LEU C 23 -27.37 -16.89 -5.56
C LEU C 23 -28.04 -17.96 -4.74
N VAL C 24 -28.45 -19.03 -5.39
CA VAL C 24 -28.91 -20.22 -4.66
C VAL C 24 -27.68 -21.05 -4.27
N VAL C 25 -27.64 -21.43 -2.98
CA VAL C 25 -26.56 -22.20 -2.38
C VAL C 25 -27.17 -23.45 -1.73
N THR C 26 -26.36 -24.50 -1.62
CA THR C 26 -26.87 -25.80 -1.14
C THR C 26 -26.72 -25.97 0.37
N ASP C 27 -25.71 -25.36 0.96
CA ASP C 27 -25.48 -25.45 2.41
C ASP C 27 -25.28 -24.02 2.90
N LEU C 28 -26.30 -23.49 3.55
CA LEU C 28 -26.30 -22.08 3.92
C LEU C 28 -25.19 -21.76 4.94
N ALA C 29 -24.95 -22.65 5.91
CA ALA C 29 -23.92 -22.40 6.93
C ALA C 29 -22.52 -22.37 6.30
N LYS C 30 -22.25 -23.29 5.38
CA LYS C 30 -20.96 -23.32 4.69
C LYS C 30 -20.79 -22.08 3.83
N SER C 31 -21.86 -21.67 3.16
CA SER C 31 -21.79 -20.42 2.38
C SER C 31 -21.59 -19.20 3.27
N ARG C 32 -22.25 -19.19 4.44
CA ARG C 32 -22.07 -18.07 5.37
C ARG C 32 -20.63 -18.00 5.82
N ASN C 33 -20.03 -19.14 6.14
N ASN C 33 -20.03 -19.16 6.10
CA ASN C 33 -18.61 -19.16 6.51
CA ASN C 33 -18.65 -19.17 6.54
C ASN C 33 -17.80 -18.38 5.45
C ASN C 33 -17.68 -18.60 5.46
N PHE C 34 -18.01 -18.76 4.18
CA PHE C 34 -17.19 -18.19 3.11
C PHE C 34 -17.40 -16.70 3.00
N TYR C 35 -18.65 -16.27 2.86
CA TYR C 35 -18.93 -14.86 2.57
C TYR C 35 -18.79 -13.92 3.75
N VAL C 36 -19.12 -14.41 4.94
CA VAL C 36 -18.98 -13.59 6.16
C VAL C 36 -17.64 -13.82 6.81
N ASP C 37 -17.31 -15.07 7.17
CA ASP C 37 -16.11 -15.29 7.96
C ASP C 37 -14.84 -15.16 7.16
N VAL C 38 -14.79 -15.70 5.93
CA VAL C 38 -13.60 -15.57 5.10
C VAL C 38 -13.55 -14.16 4.45
N LEU C 39 -14.61 -13.76 3.75
CA LEU C 39 -14.58 -12.52 2.99
C LEU C 39 -15.04 -11.26 3.72
N GLY C 40 -15.68 -11.40 4.88
CA GLY C 40 -15.96 -10.23 5.70
C GLY C 40 -17.14 -9.37 5.26
N LEU C 41 -18.03 -9.86 4.39
CA LEU C 41 -19.24 -9.11 4.03
C LEU C 41 -20.13 -8.92 5.27
N HIS C 42 -20.95 -7.86 5.24
CA HIS C 42 -21.71 -7.42 6.39
C HIS C 42 -23.13 -7.88 6.30
N VAL C 43 -23.64 -8.41 7.40
CA VAL C 43 -25.00 -8.97 7.45
C VAL C 43 -26.07 -7.87 7.57
N SER C 44 -26.96 -7.84 6.58
CA SER C 44 -28.15 -6.97 6.59
C SER C 44 -29.42 -7.63 7.11
N TYR C 45 -29.50 -8.95 7.00
CA TYR C 45 -30.59 -9.74 7.53
C TYR C 45 -30.21 -11.21 7.38
N GLU C 46 -30.62 -12.05 8.31
CA GLU C 46 -30.47 -13.48 8.09
C GLU C 46 -31.51 -14.29 8.82
N ASP C 47 -31.84 -15.42 8.23
CA ASP C 47 -32.69 -16.40 8.88
C ASP C 47 -32.20 -17.79 8.47
N GLU C 48 -33.00 -18.83 8.70
CA GLU C 48 -32.56 -20.19 8.39
C GLU C 48 -32.57 -20.50 6.89
N ASN C 49 -33.13 -19.62 6.08
CA ASN C 49 -33.23 -19.84 4.63
C ASN C 49 -32.40 -18.91 3.75
N GLN C 50 -32.13 -17.71 4.26
CA GLN C 50 -31.43 -16.71 3.48
C GLN C 50 -30.46 -15.91 4.30
N ILE C 51 -29.41 -15.44 3.65
CA ILE C 51 -28.48 -14.48 4.28
C ILE C 51 -28.35 -13.30 3.34
N TYR C 52 -28.55 -12.10 3.84
CA TYR C 52 -28.48 -10.86 3.05
C TYR C 52 -27.22 -10.13 3.45
N LEU C 53 -26.39 -9.78 2.47
CA LEU C 53 -25.04 -9.26 2.74
C LEU C 53 -24.76 -7.99 1.95
N ARG C 54 -24.00 -7.07 2.52
CA ARG C 54 -23.58 -5.87 1.82
C ARG C 54 -22.09 -5.55 2.01
N SER C 55 -21.58 -4.77 1.07
CA SER C 55 -20.19 -4.28 1.13
C SER C 55 -20.05 -3.05 2.02
N PHE C 56 -18.81 -2.68 2.30
CA PHE C 56 -18.49 -1.67 3.31
C PHE C 56 -19.12 -0.31 3.01
N GLU C 57 -19.20 0.07 1.73
CA GLU C 57 -19.66 1.43 1.38
C GLU C 57 -21.11 1.49 0.91
N GLU C 58 -21.82 0.39 1.00
CA GLU C 58 -23.17 0.34 0.49
C GLU C 58 -24.21 0.95 1.43
N PHE C 59 -25.20 1.64 0.85
CA PHE C 59 -26.34 2.13 1.64
C PHE C 59 -27.65 1.47 1.29
N ILE C 60 -27.76 0.83 0.13
CA ILE C 60 -28.94 0.02 -0.13
C ILE C 60 -28.91 -1.27 0.69
N HIS C 61 -30.02 -2.00 0.73
CA HIS C 61 -30.15 -3.04 1.74
C HIS C 61 -29.12 -4.12 1.62
N HIS C 62 -28.77 -4.54 0.42
CA HIS C 62 -27.81 -5.63 0.21
C HIS C 62 -27.22 -5.60 -1.16
N ASN C 63 -26.07 -6.26 -1.32
CA ASN C 63 -25.44 -6.53 -2.59
C ASN C 63 -25.45 -8.01 -2.96
N LEU C 64 -25.80 -8.87 -2.01
CA LEU C 64 -25.78 -10.29 -2.25
C LEU C 64 -26.83 -10.93 -1.36
N VAL C 65 -27.62 -11.82 -1.94
CA VAL C 65 -28.58 -12.62 -1.19
C VAL C 65 -28.20 -14.07 -1.45
N LEU C 66 -27.97 -14.81 -0.38
CA LEU C 66 -27.72 -16.25 -0.46
C LEU C 66 -29.01 -16.93 -0.05
N THR C 67 -29.54 -17.78 -0.93
CA THR C 67 -30.83 -18.45 -0.72
C THR C 67 -30.61 -19.95 -0.76
N LYS C 68 -30.98 -20.65 0.31
CA LYS C 68 -30.86 -22.11 0.31
C LYS C 68 -31.76 -22.72 -0.73
N GLY C 69 -31.24 -23.68 -1.47
CA GLY C 69 -32.01 -24.35 -2.51
C GLY C 69 -31.35 -25.64 -2.96
N PRO C 70 -32.07 -26.42 -3.79
CA PRO C 70 -31.56 -27.75 -4.11
C PRO C 70 -30.40 -27.81 -5.13
N VAL C 71 -30.33 -26.80 -6.00
CA VAL C 71 -29.34 -26.75 -7.08
C VAL C 71 -28.73 -25.35 -7.07
N ALA C 72 -27.42 -25.30 -6.86
CA ALA C 72 -26.69 -24.02 -6.85
C ALA C 72 -26.78 -23.38 -8.22
N ALA C 73 -27.14 -22.10 -8.24
CA ALA C 73 -27.43 -21.38 -9.47
C ALA C 73 -27.63 -19.92 -9.19
N LEU C 74 -27.47 -19.08 -10.22
CA LEU C 74 -27.92 -17.70 -10.14
C LEU C 74 -29.44 -17.64 -10.22
N LYS C 75 -30.07 -16.99 -9.26
CA LYS C 75 -31.52 -16.80 -9.27
C LYS C 75 -31.90 -15.45 -9.86
N ALA C 76 -31.09 -14.41 -9.63
CA ALA C 76 -31.37 -13.08 -10.20
C ALA C 76 -30.14 -12.21 -10.16
N MET C 77 -29.91 -11.46 -11.23
N MET C 77 -29.90 -11.50 -11.26
CA MET C 77 -28.92 -10.41 -11.21
CA MET C 77 -28.94 -10.40 -11.36
C MET C 77 -29.69 -9.11 -11.36
C MET C 77 -29.78 -9.13 -11.34
N ALA C 78 -29.57 -8.28 -10.34
CA ALA C 78 -30.40 -7.09 -10.18
C ALA C 78 -29.68 -5.81 -10.47
N PHE C 79 -30.36 -4.93 -11.22
CA PHE C 79 -29.91 -3.59 -11.55
C PHE C 79 -30.86 -2.58 -10.92
N ARG C 80 -30.31 -1.55 -10.30
CA ARG C 80 -31.14 -0.48 -9.81
C ARG C 80 -31.42 0.52 -10.92
N VAL C 81 -32.67 0.94 -11.00
CA VAL C 81 -33.12 1.96 -11.96
C VAL C 81 -33.36 3.30 -11.30
N ARG C 82 -33.42 4.37 -12.10
CA ARG C 82 -33.34 5.73 -11.57
C ARG C 82 -34.56 6.17 -10.79
N THR C 83 -35.74 5.75 -11.22
CA THR C 83 -36.99 6.21 -10.65
C THR C 83 -37.99 5.06 -10.57
N PRO C 84 -39.03 5.20 -9.73
CA PRO C 84 -40.05 4.17 -9.62
C PRO C 84 -40.67 3.85 -10.98
N GLU C 85 -40.84 4.87 -11.82
CA GLU C 85 -41.44 4.74 -13.14
C GLU C 85 -40.59 3.89 -14.07
N ASP C 86 -39.29 3.79 -13.80
CA ASP C 86 -38.45 2.97 -14.65
C ASP C 86 -38.76 1.48 -14.51
N VAL C 87 -39.41 1.06 -13.42
CA VAL C 87 -39.79 -0.34 -13.28
C VAL C 87 -40.93 -0.65 -14.28
N ASP C 88 -41.91 0.23 -14.37
CA ASP C 88 -42.93 0.14 -15.44
C ASP C 88 -42.30 0.14 -16.85
N LYS C 89 -41.31 1.00 -17.04
CA LYS C 89 -40.65 1.08 -18.35
C LYS C 89 -39.99 -0.27 -18.63
N ALA C 90 -39.31 -0.84 -17.63
CA ALA C 90 -38.69 -2.15 -17.81
C ALA C 90 -39.72 -3.21 -18.23
N GLU C 91 -40.89 -3.19 -17.58
CA GLU C 91 -41.93 -4.17 -17.86
C GLU C 91 -42.39 -4.08 -19.33
N ALA C 92 -42.71 -2.88 -19.77
CA ALA C 92 -43.15 -2.63 -21.13
C ALA C 92 -42.06 -2.99 -22.16
N TYR C 93 -40.81 -2.69 -21.83
CA TYR C 93 -39.67 -2.98 -22.71
C TYR C 93 -39.53 -4.48 -22.95
N TYR C 94 -39.51 -5.26 -21.86
CA TYR C 94 -39.33 -6.70 -21.98
C TYR C 94 -40.57 -7.42 -22.52
N GLN C 95 -41.75 -6.89 -22.24
CA GLN C 95 -42.97 -7.41 -22.87
C GLN C 95 -42.92 -7.23 -24.40
N GLU C 96 -42.43 -6.08 -24.87
CA GLU C 96 -42.29 -5.85 -26.31
C GLU C 96 -41.27 -6.83 -26.92
N LEU C 97 -40.24 -7.17 -26.17
CA LEU C 97 -39.23 -8.15 -26.62
C LEU C 97 -39.76 -9.59 -26.62
N GLY C 98 -40.94 -9.80 -26.03
CA GLY C 98 -41.58 -11.09 -25.99
C GLY C 98 -41.11 -11.97 -24.84
N CYS C 99 -40.53 -11.35 -23.80
CA CYS C 99 -39.95 -12.09 -22.72
C CYS C 99 -40.92 -12.34 -21.58
N ARG C 100 -40.72 -13.44 -20.87
CA ARG C 100 -41.49 -13.71 -19.69
C ARG C 100 -41.07 -12.72 -18.60
N THR C 101 -42.06 -12.09 -18.00
CA THR C 101 -41.86 -11.15 -16.90
C THR C 101 -42.71 -11.51 -15.70
N GLU C 102 -42.24 -11.13 -14.52
CA GLU C 102 -43.01 -11.24 -13.28
C GLU C 102 -42.81 -9.98 -12.46
N ARG C 103 -43.91 -9.34 -12.09
CA ARG C 103 -43.87 -8.09 -11.33
C ARG C 103 -44.35 -8.35 -9.91
N ARG C 104 -43.56 -7.94 -8.91
CA ARG C 104 -43.98 -8.01 -7.52
C ARG C 104 -43.90 -6.64 -6.89
N LYS C 105 -45.06 -6.07 -6.56
CA LYS C 105 -45.10 -4.73 -6.05
C LYS C 105 -44.42 -4.59 -4.68
N ASP C 106 -44.26 -5.70 -3.95
CA ASP C 106 -43.58 -5.67 -2.66
C ASP C 106 -42.24 -6.42 -2.70
N GLY C 107 -41.76 -6.76 -3.91
CA GLY C 107 -40.41 -7.32 -4.09
C GLY C 107 -40.37 -8.85 -4.04
N PHE C 108 -39.25 -9.39 -4.49
CA PHE C 108 -38.93 -10.81 -4.45
C PHE C 108 -38.08 -11.22 -3.25
N VAL C 109 -37.30 -10.27 -2.72
CA VAL C 109 -36.42 -10.50 -1.58
C VAL C 109 -36.61 -9.37 -0.59
N LYS C 110 -36.23 -9.61 0.67
CA LYS C 110 -36.37 -8.56 1.70
C LYS C 110 -35.55 -7.35 1.33
N GLY C 111 -36.02 -6.16 1.67
CA GLY C 111 -35.27 -4.95 1.49
C GLY C 111 -35.30 -4.34 0.12
N ILE C 112 -36.07 -4.99 -0.77
CA ILE C 112 -36.38 -4.47 -2.10
C ILE C 112 -37.90 -4.34 -2.20
N GLY C 113 -38.35 -3.22 -2.75
CA GLY C 113 -39.76 -3.00 -2.97
C GLY C 113 -40.17 -3.45 -4.37
N ASP C 114 -41.00 -2.64 -5.02
CA ASP C 114 -41.53 -2.92 -6.35
C ASP C 114 -40.40 -3.33 -7.31
N ALA C 115 -40.52 -4.54 -7.87
CA ALA C 115 -39.48 -5.14 -8.66
C ALA C 115 -40.06 -5.93 -9.83
N LEU C 116 -39.33 -5.90 -10.94
CA LEU C 116 -39.67 -6.70 -12.11
C LEU C 116 -38.55 -7.71 -12.33
N ARG C 117 -38.87 -8.99 -12.42
CA ARG C 117 -37.92 -9.97 -12.90
C ARG C 117 -38.31 -10.46 -14.28
N VAL C 118 -37.30 -10.75 -15.08
CA VAL C 118 -37.52 -11.16 -16.47
C VAL C 118 -36.58 -12.30 -16.85
N GLU C 119 -37.05 -13.18 -17.73
CA GLU C 119 -36.18 -14.11 -18.45
C GLU C 119 -35.78 -13.37 -19.73
N ASP C 120 -34.58 -12.82 -19.74
CA ASP C 120 -34.18 -11.89 -20.79
C ASP C 120 -33.86 -12.66 -22.07
N PRO C 121 -33.60 -11.97 -23.19
CA PRO C 121 -33.46 -12.70 -24.46
C PRO C 121 -32.24 -13.61 -24.56
N LEU C 122 -31.28 -13.45 -23.65
CA LEU C 122 -30.14 -14.35 -23.58
C LEU C 122 -30.35 -15.45 -22.51
N GLY C 123 -31.54 -15.51 -21.92
CA GLY C 123 -31.84 -16.53 -20.93
C GLY C 123 -31.50 -16.18 -19.50
N PHE C 124 -31.11 -14.94 -19.23
CA PHE C 124 -30.68 -14.57 -17.85
C PHE C 124 -31.79 -13.99 -17.02
N PRO C 125 -31.79 -14.28 -15.70
CA PRO C 125 -32.81 -13.69 -14.85
C PRO C 125 -32.36 -12.33 -14.38
N TYR C 126 -32.85 -11.30 -15.05
CA TYR C 126 -32.59 -9.92 -14.66
C TYR C 126 -33.69 -9.43 -13.72
N GLU C 127 -33.31 -8.61 -12.74
CA GLU C 127 -34.27 -7.84 -11.95
C GLU C 127 -33.99 -6.36 -12.11
N PHE C 128 -35.07 -5.60 -12.16
CA PHE C 128 -35.05 -4.15 -12.12
C PHE C 128 -35.88 -3.64 -10.96
N PHE C 129 -35.29 -2.75 -10.17
CA PHE C 129 -36.01 -2.16 -9.05
C PHE C 129 -35.48 -0.76 -8.78
N PHE C 130 -36.31 0.05 -8.14
CA PHE C 130 -35.88 1.32 -7.54
C PHE C 130 -35.89 1.28 -6.02
N GLU C 131 -37.04 0.94 -5.44
CA GLU C 131 -37.28 1.03 -3.98
C GLU C 131 -36.42 0.01 -3.25
N THR C 132 -35.68 0.48 -2.24
CA THR C 132 -34.90 -0.40 -1.40
C THR C 132 -34.77 0.22 -0.04
N THR C 133 -34.71 -0.65 0.97
CA THR C 133 -34.55 -0.19 2.34
C THR C 133 -33.14 0.29 2.58
N HIS C 134 -32.97 1.55 2.96
CA HIS C 134 -31.64 2.06 3.29
C HIS C 134 -31.17 1.53 4.63
N VAL C 135 -29.87 1.29 4.72
CA VAL C 135 -29.23 0.79 5.93
C VAL C 135 -28.05 1.70 6.28
N GLU C 136 -27.39 1.39 7.41
CA GLU C 136 -26.25 2.20 7.84
C GLU C 136 -25.12 2.03 6.83
N ARG C 137 -24.70 3.11 6.21
CA ARG C 137 -23.59 3.09 5.30
C ARG C 137 -22.32 2.96 6.15
N LEU C 138 -21.58 1.87 5.97
CA LEU C 138 -20.45 1.56 6.85
C LEU C 138 -19.10 2.15 6.40
N HIS C 139 -19.13 3.14 5.52
CA HIS C 139 -17.91 3.56 4.81
C HIS C 139 -16.83 4.15 5.68
N MET C 140 -17.18 4.60 6.88
CA MET C 140 -16.21 5.12 7.85
C MET C 140 -16.15 4.28 9.11
N ARG C 141 -16.69 3.08 9.04
CA ARG C 141 -16.68 2.20 10.22
C ARG C 141 -15.38 1.39 10.24
N TYR C 142 -14.29 2.11 10.42
CA TYR C 142 -12.98 1.48 10.41
C TYR C 142 -12.73 0.54 11.58
N ASP C 143 -13.57 0.59 12.61
CA ASP C 143 -13.62 -0.43 13.66
C ASP C 143 -14.08 -1.80 13.18
N LEU C 144 -14.73 -1.84 12.01
CA LEU C 144 -15.21 -3.08 11.41
C LEU C 144 -14.39 -3.50 10.19
N TYR C 145 -13.51 -2.64 9.72
CA TYR C 145 -12.79 -2.84 8.47
C TYR C 145 -11.78 -3.98 8.55
N SER C 146 -11.91 -4.89 7.59
N SER C 146 -11.90 -4.96 7.67
CA SER C 146 -11.05 -6.07 7.46
CA SER C 146 -10.95 -6.06 7.65
C SER C 146 -9.82 -5.75 6.63
C SER C 146 -9.84 -5.77 6.67
N ALA C 147 -8.72 -6.47 6.85
CA ALA C 147 -7.56 -6.31 6.01
C ALA C 147 -7.87 -6.66 4.53
N GLY C 148 -8.92 -7.43 4.28
CA GLY C 148 -9.36 -7.73 2.92
C GLY C 148 -10.70 -7.12 2.51
N GLU C 149 -11.03 -5.98 3.09
CA GLU C 149 -12.40 -5.45 3.01
C GLU C 149 -12.93 -5.25 1.58
N LEU C 150 -14.13 -5.78 1.36
CA LEU C 150 -14.85 -5.60 0.08
C LEU C 150 -15.71 -4.38 0.23
N VAL C 151 -15.47 -3.38 -0.63
CA VAL C 151 -16.04 -2.04 -0.43
C VAL C 151 -17.27 -1.72 -1.28
N ARG C 152 -17.34 -2.28 -2.49
N ARG C 152 -17.35 -2.30 -2.48
CA ARG C 152 -18.47 -2.07 -3.42
CA ARG C 152 -18.47 -2.10 -3.40
C ARG C 152 -18.72 -3.34 -4.21
C ARG C 152 -18.74 -3.37 -4.17
N LEU C 153 -19.96 -3.51 -4.65
CA LEU C 153 -20.27 -4.44 -5.74
C LEU C 153 -19.86 -3.70 -7.03
N ASP C 154 -19.05 -4.33 -7.87
CA ASP C 154 -18.65 -3.68 -9.11
C ASP C 154 -19.37 -4.15 -10.37
N HIS C 155 -19.49 -5.46 -10.59
CA HIS C 155 -20.06 -5.94 -11.85
C HIS C 155 -20.48 -7.37 -11.82
N PHE C 156 -21.22 -7.77 -12.86
CA PHE C 156 -21.48 -9.17 -13.19
C PHE C 156 -20.70 -9.50 -14.46
N ASN C 157 -20.56 -10.78 -14.74
CA ASN C 157 -20.01 -11.25 -16.01
C ASN C 157 -20.78 -12.51 -16.41
N GLN C 158 -21.31 -12.48 -17.63
CA GLN C 158 -22.23 -13.50 -18.14
C GLN C 158 -21.59 -14.27 -19.27
N VAL C 159 -21.79 -15.58 -19.28
CA VAL C 159 -21.36 -16.41 -20.40
C VAL C 159 -22.53 -16.61 -21.38
N THR C 160 -22.28 -16.32 -22.65
CA THR C 160 -23.34 -16.38 -23.67
C THR C 160 -22.67 -16.77 -25.00
N PRO C 161 -23.39 -17.55 -25.85
CA PRO C 161 -22.70 -18.11 -27.03
C PRO C 161 -22.40 -17.13 -28.16
N ASP C 162 -23.21 -16.08 -28.31
CA ASP C 162 -23.11 -15.12 -29.43
C ASP C 162 -22.93 -13.72 -28.85
N VAL C 163 -21.69 -13.25 -28.80
CA VAL C 163 -21.41 -12.01 -28.11
C VAL C 163 -21.97 -10.80 -28.86
N PRO C 164 -21.80 -10.72 -30.18
CA PRO C 164 -22.42 -9.57 -30.88
C PRO C 164 -23.94 -9.47 -30.68
N ARG C 165 -24.64 -10.59 -30.68
CA ARG C 165 -26.08 -10.54 -30.51
C ARG C 165 -26.45 -9.97 -29.15
N GLY C 166 -25.77 -10.44 -28.12
CA GLY C 166 -26.00 -9.93 -26.76
C GLY C 166 -25.57 -8.48 -26.59
N ARG C 167 -24.44 -8.12 -27.19
CA ARG C 167 -23.90 -6.76 -27.11
C ARG C 167 -24.91 -5.74 -27.68
N LYS C 168 -25.52 -6.04 -28.82
CA LYS C 168 -26.46 -5.11 -29.43
C LYS C 168 -27.68 -4.90 -28.54
N TYR C 169 -28.18 -5.99 -27.98
CA TYR C 169 -29.28 -5.97 -27.01
C TYR C 169 -28.93 -5.12 -25.79
N LEU C 170 -27.75 -5.31 -25.21
CA LEU C 170 -27.36 -4.49 -24.07
C LEU C 170 -27.14 -3.02 -24.43
N GLU C 171 -26.59 -2.72 -25.61
CA GLU C 171 -26.46 -1.34 -26.06
C GLU C 171 -27.84 -0.65 -26.20
N ASP C 172 -28.82 -1.38 -26.74
CA ASP C 172 -30.16 -0.83 -26.87
C ASP C 172 -30.76 -0.51 -25.50
N LEU C 173 -30.38 -1.32 -24.51
CA LEU C 173 -30.81 -1.13 -23.15
C LEU C 173 -30.05 0.02 -22.46
N GLY C 174 -29.04 0.57 -23.12
CA GLY C 174 -28.34 1.75 -22.64
C GLY C 174 -26.92 1.49 -22.15
N PHE C 175 -26.49 0.24 -22.10
CA PHE C 175 -25.10 -0.04 -21.69
C PHE C 175 -24.16 0.40 -22.80
N ARG C 176 -23.03 0.98 -22.44
CA ARG C 176 -22.05 1.37 -23.44
C ARG C 176 -20.81 0.48 -23.36
N VAL C 177 -20.39 -0.03 -24.51
CA VAL C 177 -19.21 -0.86 -24.59
C VAL C 177 -17.97 -0.01 -24.36
N THR C 178 -17.09 -0.50 -23.48
CA THR C 178 -15.83 0.15 -23.16
C THR C 178 -14.65 -0.59 -23.73
N GLU C 179 -14.65 -1.92 -23.64
CA GLU C 179 -13.58 -2.75 -24.17
C GLU C 179 -14.14 -4.03 -24.76
N ASP C 180 -13.37 -4.63 -25.66
CA ASP C 180 -13.74 -5.95 -26.20
C ASP C 180 -12.51 -6.70 -26.69
N ILE C 181 -12.71 -7.98 -26.99
CA ILE C 181 -11.66 -8.86 -27.47
C ILE C 181 -12.17 -9.47 -28.79
N GLN C 182 -11.41 -9.28 -29.86
CA GLN C 182 -11.77 -9.76 -31.20
C GLN C 182 -10.54 -10.38 -31.87
N ASP C 183 -10.75 -11.03 -33.02
CA ASP C 183 -9.62 -11.40 -33.87
C ASP C 183 -9.79 -10.80 -35.27
N ASP C 184 -8.75 -10.97 -36.09
CA ASP C 184 -8.70 -10.33 -37.39
C ASP C 184 -9.73 -10.96 -38.33
N GLU C 185 -10.16 -12.17 -38.02
CA GLU C 185 -11.19 -12.88 -38.81
C GLU C 185 -12.60 -12.36 -38.52
N GLY C 186 -12.76 -11.50 -37.51
CA GLY C 186 -14.08 -10.90 -37.21
C GLY C 186 -14.86 -11.54 -36.06
N THR C 187 -14.26 -12.49 -35.36
CA THR C 187 -14.92 -13.08 -34.19
C THR C 187 -14.77 -12.19 -32.98
N THR C 188 -15.86 -12.04 -32.22
CA THR C 188 -15.81 -11.39 -30.91
C THR C 188 -15.87 -12.45 -29.84
N TYR C 189 -14.95 -12.35 -28.89
CA TYR C 189 -14.80 -13.30 -27.80
C TYR C 189 -15.38 -12.82 -26.46
N ALA C 190 -15.43 -11.49 -26.28
CA ALA C 190 -15.84 -10.90 -25.00
C ALA C 190 -16.08 -9.41 -25.19
N ALA C 191 -17.00 -8.84 -24.43
CA ALA C 191 -17.25 -7.40 -24.42
C ALA C 191 -17.64 -6.95 -23.01
N TRP C 192 -17.23 -5.73 -22.66
CA TRP C 192 -17.47 -5.09 -21.34
C TRP C 192 -18.33 -3.88 -21.56
N MET C 193 -19.35 -3.67 -20.74
CA MET C 193 -20.25 -2.55 -20.95
C MET C 193 -20.77 -1.96 -19.65
N HIS C 194 -20.99 -0.65 -19.65
CA HIS C 194 -21.31 0.07 -18.42
C HIS C 194 -22.50 0.99 -18.46
N ARG C 195 -23.03 1.25 -17.27
CA ARG C 195 -23.93 2.37 -16.99
C ARG C 195 -23.32 3.36 -15.98
N LYS C 196 -22.67 2.88 -14.92
CA LYS C 196 -22.25 3.78 -13.84
C LYS C 196 -20.94 4.52 -14.00
N GLY C 197 -20.19 4.28 -15.03
CA GLY C 197 -19.01 5.17 -15.23
C GLY C 197 -17.71 4.54 -14.77
N THR C 198 -17.78 3.24 -14.55
CA THR C 198 -16.58 2.38 -14.43
C THR C 198 -16.50 1.57 -15.73
N VAL C 199 -15.51 0.69 -15.84
CA VAL C 199 -15.35 -0.09 -17.07
C VAL C 199 -16.59 -0.93 -17.37
N HIS C 200 -17.26 -1.44 -16.35
CA HIS C 200 -18.48 -2.20 -16.58
C HIS C 200 -19.40 -2.39 -15.41
N ASP C 201 -20.68 -2.62 -15.74
CA ASP C 201 -21.68 -3.15 -14.82
C ASP C 201 -22.01 -4.59 -15.15
N THR C 202 -21.91 -4.95 -16.42
CA THR C 202 -21.97 -6.36 -16.80
C THR C 202 -21.05 -6.55 -18.00
N ALA C 203 -20.82 -7.81 -18.34
CA ALA C 203 -19.88 -8.17 -19.40
C ALA C 203 -20.36 -9.48 -19.98
N LEU C 204 -20.00 -9.71 -21.22
CA LEU C 204 -20.33 -10.95 -21.95
C LEU C 204 -19.03 -11.67 -22.27
N THR C 205 -18.96 -12.92 -21.87
CA THR C 205 -17.85 -13.79 -22.17
C THR C 205 -18.38 -14.88 -23.09
N GLY C 206 -17.73 -15.06 -24.24
CA GLY C 206 -18.20 -16.07 -25.18
C GLY C 206 -18.08 -17.47 -24.63
N GLY C 207 -19.16 -18.24 -24.72
CA GLY C 207 -19.15 -19.61 -24.26
C GLY C 207 -20.54 -20.18 -24.19
N ASN C 208 -20.63 -21.41 -23.73
CA ASN C 208 -21.92 -22.07 -23.64
C ASN C 208 -22.75 -21.35 -22.56
N GLY C 209 -23.98 -20.96 -22.91
CA GLY C 209 -24.84 -20.24 -21.95
C GLY C 209 -26.33 -20.34 -22.21
N PRO C 210 -27.16 -19.69 -21.36
CA PRO C 210 -26.71 -18.79 -20.28
C PRO C 210 -26.07 -19.45 -19.04
N ARG C 211 -24.91 -18.92 -18.66
CA ARG C 211 -24.30 -19.25 -17.36
C ARG C 211 -23.74 -17.96 -16.77
N LEU C 212 -23.67 -17.91 -15.45
CA LEU C 212 -23.06 -16.75 -14.77
C LEU C 212 -21.57 -17.01 -14.58
N HIS C 213 -20.74 -16.17 -15.17
CA HIS C 213 -19.31 -16.35 -15.02
C HIS C 213 -18.86 -15.96 -13.62
N HIS C 214 -19.20 -14.76 -13.18
CA HIS C 214 -18.80 -14.29 -11.84
C HIS C 214 -19.55 -13.08 -11.43
N VAL C 215 -19.49 -12.82 -10.13
CA VAL C 215 -19.87 -11.55 -9.53
C VAL C 215 -18.60 -10.93 -8.95
N ALA C 216 -18.41 -9.65 -9.14
CA ALA C 216 -17.18 -8.96 -8.72
C ALA C 216 -17.45 -7.88 -7.68
N PHE C 217 -16.61 -7.88 -6.66
CA PHE C 217 -16.57 -6.85 -5.60
C PHE C 217 -15.25 -6.13 -5.66
N SER C 218 -15.24 -4.84 -5.35
N SER C 218 -15.29 -4.84 -5.31
CA SER C 218 -14.00 -4.09 -5.35
CA SER C 218 -14.12 -3.97 -5.26
C SER C 218 -13.46 -3.88 -3.94
C SER C 218 -13.45 -3.97 -3.90
N THR C 219 -12.14 -3.68 -3.87
CA THR C 219 -11.43 -3.26 -2.65
C THR C 219 -10.88 -1.84 -2.87
N HIS C 220 -10.45 -1.20 -1.79
CA HIS C 220 -9.75 0.08 -1.91
C HIS C 220 -8.42 -0.03 -2.60
N GLU C 221 -7.61 -1.00 -2.20
CA GLU C 221 -6.21 -1.05 -2.63
C GLU C 221 -5.80 -2.44 -2.99
N LYS C 222 -4.65 -2.55 -3.64
CA LYS C 222 -4.17 -3.84 -4.12
C LYS C 222 -3.80 -4.76 -2.94
N HIS C 223 -3.30 -4.21 -1.85
CA HIS C 223 -2.92 -5.04 -0.70
C HIS C 223 -4.11 -5.74 -0.07
N ASN C 224 -5.30 -5.16 -0.23
CA ASN C 224 -6.52 -5.80 0.25
C ASN C 224 -6.78 -7.12 -0.46
N ILE C 225 -6.52 -7.17 -1.77
CA ILE C 225 -6.64 -8.38 -2.57
C ILE C 225 -5.58 -9.41 -2.18
N ILE C 226 -4.34 -8.95 -2.00
N ILE C 226 -4.34 -8.95 -1.97
CA ILE C 226 -3.26 -9.80 -1.56
CA ILE C 226 -3.26 -9.82 -1.56
C ILE C 226 -3.67 -10.49 -0.25
C ILE C 226 -3.60 -10.48 -0.21
N GLN C 227 -4.21 -9.71 0.70
CA GLN C 227 -4.66 -10.26 1.97
C GLN C 227 -5.66 -11.39 1.83
N ILE C 228 -6.61 -11.28 0.90
CA ILE C 228 -7.57 -12.36 0.67
C ILE C 228 -6.82 -13.65 0.33
N CYS C 229 -5.85 -13.55 -0.57
CA CYS C 229 -5.00 -14.70 -0.91
C CYS C 229 -4.27 -15.25 0.29
N ASP C 230 -3.63 -14.36 1.06
CA ASP C 230 -2.86 -14.78 2.23
C ASP C 230 -3.77 -15.49 3.24
N LYS C 231 -4.96 -14.97 3.45
CA LYS C 231 -5.93 -15.55 4.39
C LYS C 231 -6.38 -16.92 3.94
N MET C 232 -6.62 -17.07 2.64
CA MET C 232 -7.01 -18.36 2.10
C MET C 232 -5.88 -19.38 2.24
N GLY C 233 -4.63 -18.95 2.09
CA GLY C 233 -3.49 -19.82 2.41
C GLY C 233 -3.50 -20.25 3.89
N ALA C 234 -3.73 -19.29 4.79
CA ALA C 234 -3.71 -19.61 6.22
C ALA C 234 -4.82 -20.57 6.60
N LEU C 235 -5.97 -20.43 5.93
CA LEU C 235 -7.12 -21.32 6.13
C LEU C 235 -6.98 -22.65 5.37
N ARG C 236 -5.87 -22.79 4.65
CA ARG C 236 -5.57 -24.02 3.92
C ARG C 236 -6.68 -24.32 2.90
N ILE C 237 -7.15 -23.26 2.25
CA ILE C 237 -8.14 -23.36 1.15
C ILE C 237 -7.62 -22.64 -0.11
N SER C 238 -6.29 -22.69 -0.32
CA SER C 238 -5.68 -22.12 -1.51
C SER C 238 -6.17 -22.82 -2.77
N ASP C 239 -6.67 -24.05 -2.68
CA ASP C 239 -7.29 -24.70 -3.83
C ASP C 239 -8.55 -23.98 -4.31
N ARG C 240 -9.09 -23.09 -3.48
CA ARG C 240 -10.25 -22.27 -3.86
C ARG C 240 -9.86 -20.92 -4.49
N ILE C 241 -8.56 -20.66 -4.61
CA ILE C 241 -8.03 -19.56 -5.39
C ILE C 241 -7.92 -20.13 -6.80
N GLU C 242 -8.80 -19.68 -7.70
CA GLU C 242 -8.84 -20.21 -9.05
C GLU C 242 -7.75 -19.62 -9.95
N ARG C 243 -7.62 -18.29 -9.90
CA ARG C 243 -6.74 -17.58 -10.83
C ARG C 243 -6.37 -16.23 -10.25
N GLY C 244 -5.08 -15.91 -10.32
CA GLY C 244 -4.60 -14.63 -9.86
C GLY C 244 -3.75 -14.78 -8.60
N PRO C 245 -3.45 -13.65 -7.94
CA PRO C 245 -3.85 -12.31 -8.34
C PRO C 245 -3.08 -11.82 -9.57
N GLY C 246 -3.62 -10.80 -10.22
CA GLY C 246 -3.02 -10.27 -11.42
C GLY C 246 -3.44 -8.83 -11.70
N ARG C 247 -2.89 -8.31 -12.79
CA ARG C 247 -3.33 -7.05 -13.38
C ARG C 247 -4.03 -7.44 -14.69
N HIS C 248 -5.26 -7.00 -14.90
CA HIS C 248 -5.93 -7.23 -16.18
C HIS C 248 -5.36 -6.33 -17.23
N GLY C 249 -5.33 -6.78 -18.48
CA GLY C 249 -5.15 -5.89 -19.62
C GLY C 249 -6.44 -5.11 -19.86
N VAL C 250 -7.47 -5.80 -20.34
CA VAL C 250 -8.81 -5.26 -20.38
C VAL C 250 -9.22 -4.81 -18.98
N SER C 251 -9.55 -3.53 -18.87
CA SER C 251 -9.99 -2.84 -17.63
C SER C 251 -8.88 -2.23 -16.81
N ASN C 252 -7.65 -2.74 -16.96
CA ASN C 252 -6.51 -2.29 -16.15
C ASN C 252 -6.66 -2.51 -14.65
N ALA C 253 -7.61 -3.32 -14.23
CA ALA C 253 -7.84 -3.54 -12.80
C ALA C 253 -6.95 -4.62 -12.24
N PHE C 254 -6.58 -4.45 -10.97
CA PHE C 254 -5.93 -5.53 -10.20
C PHE C 254 -7.02 -6.50 -9.76
N TYR C 255 -6.76 -7.81 -9.82
CA TYR C 255 -7.83 -8.79 -9.71
C TYR C 255 -7.41 -10.10 -9.05
N LEU C 256 -8.42 -10.84 -8.66
CA LEU C 256 -8.32 -12.20 -8.12
C LEU C 256 -9.63 -12.93 -8.36
N PHE C 257 -9.56 -14.21 -8.73
CA PHE C 257 -10.75 -15.07 -8.86
C PHE C 257 -10.71 -16.21 -7.87
N ILE C 258 -11.77 -16.30 -7.09
CA ILE C 258 -11.91 -17.35 -6.11
C ILE C 258 -13.24 -18.08 -6.27
N LEU C 259 -13.36 -19.23 -5.61
CA LEU C 259 -14.55 -20.09 -5.76
C LEU C 259 -15.22 -20.29 -4.42
N ASP C 260 -16.54 -20.07 -4.38
CA ASP C 260 -17.34 -20.30 -3.16
C ASP C 260 -17.62 -21.80 -2.99
N PRO C 261 -18.32 -22.19 -1.90
CA PRO C 261 -18.51 -23.64 -1.65
C PRO C 261 -19.31 -24.40 -2.72
N ASP C 262 -20.16 -23.68 -3.46
CA ASP C 262 -20.90 -24.24 -4.58
C ASP C 262 -20.23 -24.00 -5.95
N ASN C 263 -18.98 -23.57 -5.91
N ASN C 263 -18.99 -23.56 -5.92
CA ASN C 263 -18.20 -23.20 -7.09
CA ASN C 263 -18.21 -23.23 -7.11
C ASN C 263 -18.69 -21.99 -7.84
C ASN C 263 -18.68 -21.98 -7.83
N HIS C 264 -19.50 -21.14 -7.21
CA HIS C 264 -19.80 -19.82 -7.79
C HIS C 264 -18.52 -19.03 -7.74
N ARG C 265 -18.16 -18.39 -8.84
CA ARG C 265 -16.92 -17.66 -8.94
C ARG C 265 -17.14 -16.20 -8.52
N ILE C 266 -16.23 -15.73 -7.66
CA ILE C 266 -16.22 -14.36 -7.17
C ILE C 266 -14.90 -13.71 -7.60
N GLU C 267 -15.00 -12.52 -8.19
CA GLU C 267 -13.81 -11.73 -8.53
C GLU C 267 -13.66 -10.64 -7.48
N ILE C 268 -12.41 -10.37 -7.10
CA ILE C 268 -12.08 -9.18 -6.30
C ILE C 268 -11.29 -8.29 -7.24
N TYR C 269 -11.57 -6.99 -7.23
CA TYR C 269 -11.21 -6.10 -8.33
C TYR C 269 -10.92 -4.70 -7.78
N THR C 270 -9.93 -4.02 -8.31
CA THR C 270 -9.69 -2.63 -7.90
C THR C 270 -8.97 -1.83 -8.97
N GLN C 271 -9.30 -0.54 -9.00
CA GLN C 271 -8.53 0.49 -9.72
C GLN C 271 -8.61 0.42 -11.25
N ASP C 272 -9.82 0.20 -11.74
CA ASP C 272 -10.10 0.53 -13.14
C ASP C 272 -10.30 2.05 -13.31
N TYR C 273 -10.73 2.46 -14.48
CA TYR C 273 -10.72 3.88 -14.89
C TYR C 273 -12.13 4.43 -15.17
N TYR C 274 -12.21 5.77 -15.30
CA TYR C 274 -13.49 6.48 -15.53
C TYR C 274 -13.94 6.41 -16.98
N THR C 275 -15.20 6.04 -17.17
CA THR C 275 -15.78 5.87 -18.50
C THR C 275 -17.04 6.71 -18.73
N GLY C 276 -17.34 7.65 -17.84
CA GLY C 276 -18.59 8.40 -17.91
C GLY C 276 -18.80 9.33 -19.06
N ASP C 277 -17.76 9.69 -19.80
CA ASP C 277 -17.95 10.65 -20.91
C ASP C 277 -18.54 9.83 -22.07
N PRO C 278 -19.44 10.44 -22.86
CA PRO C 278 -20.14 9.63 -23.85
C PRO C 278 -19.29 9.17 -25.03
N ASP C 279 -18.16 9.82 -25.24
CA ASP C 279 -17.22 9.46 -26.29
C ASP C 279 -15.98 8.77 -25.71
N ASN C 280 -16.13 8.24 -24.49
CA ASN C 280 -15.11 7.40 -23.92
C ASN C 280 -14.51 6.46 -24.96
N PRO C 281 -13.17 6.49 -25.16
CA PRO C 281 -12.59 5.69 -26.23
C PRO C 281 -12.74 4.19 -25.97
N THR C 282 -13.28 3.47 -26.93
N THR C 282 -13.31 3.47 -26.92
CA THR C 282 -13.44 2.02 -26.82
CA THR C 282 -13.36 2.04 -26.79
C THR C 282 -12.15 1.29 -27.24
C THR C 282 -11.96 1.48 -27.01
N ILE C 283 -11.73 0.30 -26.45
CA ILE C 283 -10.47 -0.40 -26.63
C ILE C 283 -10.75 -1.83 -27.09
N THR C 284 -10.16 -2.21 -28.22
CA THR C 284 -10.26 -3.57 -28.72
C THR C 284 -8.90 -4.25 -28.65
N TRP C 285 -8.87 -5.41 -28.02
CA TRP C 285 -7.69 -6.23 -27.95
C TRP C 285 -7.81 -7.41 -28.88
N ASN C 286 -6.69 -7.82 -29.43
CA ASN C 286 -6.61 -9.06 -30.20
C ASN C 286 -6.60 -10.26 -29.27
N VAL C 287 -7.35 -11.29 -29.64
CA VAL C 287 -7.48 -12.50 -28.80
C VAL C 287 -6.13 -13.16 -28.56
N HIS C 288 -5.18 -13.01 -29.48
CA HIS C 288 -3.88 -13.67 -29.32
C HIS C 288 -2.89 -12.88 -28.49
N ASP C 289 -3.27 -11.70 -28.01
CA ASP C 289 -2.39 -10.85 -27.21
C ASP C 289 -2.32 -11.42 -25.79
N ASN C 290 -1.17 -11.96 -25.43
CA ASN C 290 -1.00 -12.60 -24.12
C ASN C 290 -1.01 -11.66 -22.94
N GLN C 291 -1.16 -10.36 -23.19
CA GLN C 291 -1.29 -9.39 -22.10
C GLN C 291 -2.72 -8.88 -21.95
N ARG C 292 -3.68 -9.44 -22.69
CA ARG C 292 -5.05 -8.87 -22.70
C ARG C 292 -5.83 -9.20 -21.41
N ARG C 293 -5.63 -10.40 -20.88
CA ARG C 293 -6.38 -10.88 -19.73
C ARG C 293 -5.55 -10.74 -18.47
N ASP C 294 -4.30 -11.17 -18.52
CA ASP C 294 -3.33 -10.88 -17.48
C ASP C 294 -2.21 -10.11 -18.15
N TRP C 295 -2.04 -8.87 -17.72
CA TRP C 295 -1.07 -7.93 -18.27
C TRP C 295 0.36 -8.41 -18.16
N TRP C 296 0.62 -9.26 -17.17
CA TRP C 296 1.96 -9.78 -16.90
C TRP C 296 2.22 -11.05 -17.64
N GLY C 297 1.24 -11.48 -18.44
CA GLY C 297 1.40 -12.64 -19.29
C GLY C 297 1.22 -13.95 -18.58
N ASN C 298 0.75 -13.93 -17.33
CA ASN C 298 0.46 -15.19 -16.67
C ASN C 298 -0.66 -15.94 -17.38
N PRO C 299 -0.59 -17.28 -17.39
CA PRO C 299 -1.56 -18.02 -18.18
C PRO C 299 -2.95 -18.00 -17.57
N VAL C 300 -3.97 -18.01 -18.43
CA VAL C 300 -5.35 -18.09 -17.96
C VAL C 300 -5.68 -19.56 -17.68
N VAL C 301 -6.05 -19.84 -16.44
N VAL C 301 -6.02 -19.87 -16.43
CA VAL C 301 -6.40 -21.17 -15.97
CA VAL C 301 -6.30 -21.23 -16.05
C VAL C 301 -7.56 -21.74 -16.81
C VAL C 301 -7.50 -21.75 -16.84
N PRO C 302 -7.44 -22.99 -17.31
CA PRO C 302 -8.48 -23.49 -18.22
C PRO C 302 -9.90 -23.49 -17.67
N SER C 303 -10.04 -23.71 -16.36
CA SER C 303 -11.36 -23.70 -15.76
C SER C 303 -12.04 -22.35 -15.90
N TRP C 304 -11.24 -21.29 -16.02
CA TRP C 304 -11.79 -19.94 -16.19
C TRP C 304 -12.58 -19.87 -17.47
N TYR C 305 -12.15 -20.60 -18.49
CA TYR C 305 -12.86 -20.64 -19.76
C TYR C 305 -13.99 -21.66 -19.81
N THR C 306 -13.96 -22.70 -18.98
CA THR C 306 -14.91 -23.80 -19.10
C THR C 306 -16.01 -23.87 -18.06
N GLU C 307 -15.74 -23.34 -16.86
CA GLU C 307 -16.68 -23.46 -15.76
C GLU C 307 -17.41 -22.15 -15.48
N ALA C 308 -18.69 -22.27 -15.16
CA ALA C 308 -19.54 -21.14 -14.82
C ALA C 308 -20.83 -21.68 -14.20
N SER C 309 -21.58 -20.81 -13.55
CA SER C 309 -22.73 -21.23 -12.76
C SER C 309 -23.98 -21.32 -13.61
N LYS C 310 -24.80 -22.32 -13.33
CA LYS C 310 -26.14 -22.43 -13.87
C LYS C 310 -26.94 -21.17 -13.55
N VAL C 311 -27.95 -20.87 -14.37
CA VAL C 311 -28.92 -19.82 -14.03
C VAL C 311 -30.34 -20.37 -14.06
N LEU C 312 -31.21 -19.80 -13.23
CA LEU C 312 -32.59 -20.25 -13.11
C LEU C 312 -33.54 -19.41 -13.97
N ASP C 313 -34.62 -20.06 -14.43
CA ASP C 313 -35.78 -19.36 -14.99
C ASP C 313 -36.68 -18.87 -13.84
N LEU C 314 -37.79 -18.22 -14.17
CA LEU C 314 -38.66 -17.66 -13.14
C LEU C 314 -39.45 -18.68 -12.33
N ASP C 315 -39.48 -19.94 -12.78
CA ASP C 315 -40.07 -21.03 -12.01
C ASP C 315 -39.05 -21.72 -11.10
N GLY C 316 -37.79 -21.28 -11.12
CA GLY C 316 -36.75 -21.88 -10.32
C GLY C 316 -36.09 -23.11 -10.94
N ASN C 317 -36.33 -23.33 -12.23
CA ASN C 317 -35.69 -24.44 -12.97
C ASN C 317 -34.45 -23.96 -13.74
N VAL C 318 -33.44 -24.82 -13.84
CA VAL C 318 -32.22 -24.45 -14.55
C VAL C 318 -32.50 -24.21 -16.05
N GLN C 319 -31.95 -23.11 -16.57
CA GLN C 319 -32.05 -22.79 -17.98
C GLN C 319 -31.22 -23.74 -18.81
N GLU C 320 -31.81 -24.20 -19.90
CA GLU C 320 -31.09 -25.01 -20.88
C GLU C 320 -29.89 -24.24 -21.48
N ILE C 321 -28.79 -24.93 -21.72
CA ILE C 321 -27.56 -24.30 -22.17
C ILE C 321 -27.39 -24.48 -23.66
N ILE C 322 -27.09 -23.37 -24.35
CA ILE C 322 -26.90 -23.36 -25.81
C ILE C 322 -25.41 -23.27 -26.06
N GLU C 323 -24.90 -24.15 -26.93
CA GLU C 323 -23.46 -24.25 -27.13
C GLU C 323 -22.98 -23.17 -28.08
N ARG C 324 -21.83 -22.60 -27.77
CA ARG C 324 -21.19 -21.63 -28.66
C ARG C 324 -20.69 -22.33 -29.91
N THR C 325 -20.97 -21.73 -31.08
CA THR C 325 -20.45 -22.23 -32.35
C THR C 325 -19.29 -21.38 -32.89
N ASP C 326 -19.20 -20.11 -32.47
CA ASP C 326 -18.03 -19.28 -32.79
C ASP C 326 -16.78 -19.89 -32.13
N ASP C 327 -15.61 -19.44 -32.59
CA ASP C 327 -14.33 -19.97 -32.09
C ASP C 327 -14.20 -19.76 -30.58
N SER C 328 -13.54 -20.72 -29.96
CA SER C 328 -13.32 -20.73 -28.52
C SER C 328 -12.05 -19.97 -28.16
N GLU C 329 -12.15 -19.03 -27.24
CA GLU C 329 -10.96 -18.31 -26.78
C GLU C 329 -9.88 -19.23 -26.20
N LEU C 330 -10.28 -20.23 -25.41
CA LEU C 330 -9.34 -21.23 -24.92
C LEU C 330 -8.61 -21.90 -26.08
N GLU C 331 -9.36 -22.45 -27.01
CA GLU C 331 -8.74 -23.21 -28.10
C GLU C 331 -7.81 -22.36 -28.95
N VAL C 332 -8.15 -21.11 -29.24
CA VAL C 332 -7.31 -20.33 -30.15
C VAL C 332 -6.08 -19.71 -29.49
N THR C 333 -6.02 -19.73 -28.15
CA THR C 333 -4.90 -19.14 -27.41
C THR C 333 -4.00 -20.16 -26.69
N ILE C 334 -4.59 -21.13 -25.99
CA ILE C 334 -3.80 -22.08 -25.16
C ILE C 334 -4.05 -23.55 -25.49
N GLY C 335 -4.95 -23.83 -26.42
CA GLY C 335 -5.21 -25.18 -26.90
C GLY C 335 -4.12 -25.64 -27.85
N ALA C 336 -4.23 -26.90 -28.27
CA ALA C 336 -3.25 -27.53 -29.14
C ALA C 336 -2.98 -26.82 -30.45
N ASP C 337 -4.00 -26.16 -31.02
CA ASP C 337 -3.86 -25.43 -32.28
C ASP C 337 -3.90 -23.90 -32.09
N GLY C 338 -3.70 -23.46 -30.86
CA GLY C 338 -3.79 -22.05 -30.52
C GLY C 338 -2.43 -21.40 -30.47
N PHE C 339 -2.43 -20.08 -30.28
CA PHE C 339 -1.21 -19.37 -30.04
C PHE C 339 -1.47 -18.04 -29.35
N SER C 340 -0.44 -17.52 -28.71
CA SER C 340 -0.47 -16.15 -28.21
C SER C 340 0.90 -15.50 -28.37
N PHE C 341 0.92 -14.16 -28.31
CA PHE C 341 2.16 -13.40 -28.45
C PHE C 341 2.33 -12.41 -27.30
N THR C 342 3.58 -12.03 -27.04
CA THR C 342 3.89 -10.94 -26.14
C THR C 342 3.97 -9.65 -26.95
N ARG C 343 4.70 -9.70 -28.08
CA ARG C 343 4.82 -8.58 -29.02
C ARG C 343 4.27 -9.04 -30.35
N ALA C 344 3.31 -8.31 -30.91
CA ALA C 344 2.70 -8.74 -32.17
C ALA C 344 3.80 -8.87 -33.25
N GLY C 345 3.80 -10.01 -33.94
CA GLY C 345 4.76 -10.25 -34.99
C GLY C 345 6.11 -10.82 -34.58
N ASP C 346 6.34 -11.00 -33.27
CA ASP C 346 7.61 -11.47 -32.75
C ASP C 346 7.41 -12.91 -32.26
N GLU C 347 8.16 -13.85 -32.84
CA GLU C 347 8.10 -15.23 -32.41
C GLU C 347 8.72 -15.43 -31.03
N ASP C 348 9.68 -14.58 -30.69
CA ASP C 348 10.27 -14.58 -29.37
C ASP C 348 9.21 -14.06 -28.39
N GLY C 349 8.95 -14.82 -27.34
CA GLY C 349 7.86 -14.50 -26.43
C GLY C 349 6.47 -14.90 -26.93
N SER C 350 6.41 -15.73 -27.97
N SER C 350 6.42 -15.74 -27.96
CA SER C 350 5.15 -16.32 -28.42
CA SER C 350 5.15 -16.32 -28.42
C SER C 350 5.04 -17.77 -27.96
C SER C 350 5.04 -17.76 -27.94
N TYR C 351 3.81 -18.24 -27.83
CA TYR C 351 3.52 -19.56 -27.32
C TYR C 351 2.62 -20.24 -28.33
N HIS C 352 2.95 -21.47 -28.73
CA HIS C 352 2.21 -22.18 -29.76
C HIS C 352 1.78 -23.53 -29.26
N GLY C 353 0.48 -23.80 -29.20
CA GLY C 353 0.00 -25.09 -28.72
C GLY C 353 0.19 -25.31 -27.22
N GLN C 354 0.37 -24.23 -26.49
CA GLN C 354 0.51 -24.31 -25.05
C GLN C 354 0.31 -22.93 -24.45
N ALA C 355 0.30 -22.85 -23.12
CA ALA C 355 0.09 -21.60 -22.44
C ALA C 355 1.46 -20.92 -22.20
N SER C 356 1.43 -19.72 -21.63
CA SER C 356 2.64 -19.05 -21.26
C SER C 356 3.29 -19.67 -20.03
N LYS C 357 4.51 -19.23 -19.78
CA LYS C 357 5.29 -19.50 -18.54
C LYS C 357 5.71 -20.97 -18.40
N GLY C 358 5.63 -21.74 -19.49
CA GLY C 358 6.08 -23.13 -19.46
C GLY C 358 5.03 -24.20 -19.26
N PHE C 359 3.76 -23.80 -19.26
CA PHE C 359 2.65 -24.70 -18.99
C PHE C 359 1.85 -25.11 -20.22
N LYS C 360 1.32 -26.32 -20.17
CA LYS C 360 0.38 -26.90 -21.13
C LYS C 360 -0.93 -27.10 -20.36
N LEU C 361 -2.01 -27.34 -21.08
CA LEU C 361 -3.30 -27.63 -20.45
C LEU C 361 -3.28 -28.99 -19.77
N GLY C 362 -3.78 -29.05 -18.53
CA GLY C 362 -3.77 -30.30 -17.75
C GLY C 362 -4.83 -31.32 -18.18
N GLU D 4 -31.48 36.14 -3.84
CA GLU D 4 -31.63 34.74 -4.30
C GLU D 4 -31.50 34.69 -5.82
N ILE D 5 -30.95 33.58 -6.32
CA ILE D 5 -30.74 33.38 -7.74
C ILE D 5 -31.92 32.54 -8.25
N PRO D 6 -32.73 33.09 -9.18
CA PRO D 6 -33.92 32.37 -9.63
C PRO D 6 -33.57 31.17 -10.52
N LYS D 7 -34.42 30.16 -10.51
CA LYS D 7 -34.28 29.02 -11.43
C LYS D 7 -34.79 29.43 -12.81
N PRO D 8 -33.92 29.37 -13.83
CA PRO D 8 -34.38 29.75 -15.17
C PRO D 8 -35.47 28.82 -15.68
N VAL D 9 -36.24 29.30 -16.64
CA VAL D 9 -37.17 28.49 -17.41
C VAL D 9 -36.39 27.60 -18.38
N ALA D 10 -35.33 28.15 -18.96
CA ALA D 10 -34.43 27.41 -19.85
C ALA D 10 -33.83 26.20 -19.12
N PRO D 11 -33.73 25.05 -19.80
CA PRO D 11 -33.16 23.86 -19.17
C PRO D 11 -31.66 24.01 -18.91
N ALA D 12 -31.21 23.46 -17.77
CA ALA D 12 -29.78 23.42 -17.47
C ALA D 12 -29.02 22.59 -18.51
N PRO D 13 -27.79 22.99 -18.83
CA PRO D 13 -26.95 22.08 -19.62
C PRO D 13 -26.68 20.81 -18.80
N ASP D 14 -26.55 19.67 -19.48
CA ASP D 14 -26.20 18.40 -18.84
C ASP D 14 -24.68 18.34 -18.64
N ILE D 15 -24.26 18.55 -17.40
CA ILE D 15 -22.83 18.62 -17.06
C ILE D 15 -22.37 17.20 -16.67
N LEU D 16 -21.29 16.76 -17.31
CA LEU D 16 -20.71 15.44 -17.03
C LEU D 16 -19.83 15.42 -15.77
N ARG D 17 -18.95 16.40 -15.66
CA ARG D 17 -17.88 16.41 -14.71
C ARG D 17 -17.06 17.69 -14.81
N CYS D 18 -16.29 17.99 -13.77
CA CYS D 18 -15.19 18.94 -13.89
C CYS D 18 -14.17 18.35 -14.89
N ALA D 19 -13.56 19.23 -15.70
CA ALA D 19 -12.72 18.80 -16.82
C ALA D 19 -11.33 19.42 -16.82
N TYR D 20 -11.22 20.72 -16.60
CA TYR D 20 -9.91 21.36 -16.48
C TYR D 20 -10.03 22.70 -15.79
N ALA D 21 -8.91 23.20 -15.28
CA ALA D 21 -8.79 24.59 -14.81
C ALA D 21 -7.70 25.31 -15.60
N GLU D 22 -7.93 26.59 -15.89
CA GLU D 22 -6.89 27.45 -16.47
C GLU D 22 -6.45 28.41 -15.36
N LEU D 23 -5.18 28.27 -14.95
CA LEU D 23 -4.56 29.10 -13.92
C LEU D 23 -3.57 30.06 -14.56
N VAL D 24 -3.69 31.34 -14.23
CA VAL D 24 -2.64 32.28 -14.58
C VAL D 24 -1.51 32.17 -13.56
N VAL D 25 -0.29 32.10 -14.09
CA VAL D 25 0.93 31.98 -13.30
C VAL D 25 1.92 33.08 -13.74
N THR D 26 2.76 33.51 -12.82
CA THR D 26 3.67 34.64 -13.07
C THR D 26 5.00 34.24 -13.71
N ASP D 27 5.49 33.04 -13.41
CA ASP D 27 6.77 32.53 -13.94
C ASP D 27 6.51 31.12 -14.46
N LEU D 28 6.38 31.00 -15.77
CA LEU D 28 5.99 29.75 -16.39
C LEU D 28 6.99 28.62 -16.15
N ALA D 29 8.28 28.92 -16.17
CA ALA D 29 9.29 27.91 -15.94
C ALA D 29 9.25 27.38 -14.51
N LYS D 30 9.05 28.25 -13.52
CA LYS D 30 8.96 27.80 -12.12
C LYS D 30 7.69 26.98 -11.90
N SER D 31 6.61 27.41 -12.52
CA SER D 31 5.37 26.62 -12.48
C SER D 31 5.55 25.25 -13.14
N ARG D 32 6.21 25.22 -14.30
CA ARG D 32 6.49 23.94 -14.97
C ARG D 32 7.28 23.00 -14.06
N ASN D 33 8.30 23.52 -13.38
N ASN D 33 8.29 23.54 -13.37
CA ASN D 33 9.06 22.70 -12.47
CA ASN D 33 9.09 22.75 -12.44
C ASN D 33 8.11 22.02 -11.48
C ASN D 33 8.22 22.07 -11.36
N PHE D 34 7.23 22.80 -10.87
CA PHE D 34 6.32 22.28 -9.85
C PHE D 34 5.37 21.22 -10.42
N TYR D 35 4.65 21.55 -11.49
CA TYR D 35 3.63 20.66 -11.98
C TYR D 35 4.14 19.45 -12.75
N VAL D 36 5.28 19.61 -13.44
CA VAL D 36 5.83 18.54 -14.25
C VAL D 36 6.93 17.83 -13.48
N ASP D 37 7.95 18.55 -13.01
CA ASP D 37 9.08 17.86 -12.36
C ASP D 37 8.76 17.37 -10.94
N VAL D 38 8.03 18.17 -10.16
CA VAL D 38 7.70 17.71 -8.81
C VAL D 38 6.51 16.74 -8.86
N LEU D 39 5.40 17.18 -9.44
CA LEU D 39 4.15 16.42 -9.42
C LEU D 39 3.95 15.41 -10.57
N GLY D 40 4.72 15.50 -11.64
CA GLY D 40 4.67 14.48 -12.68
C GLY D 40 3.52 14.52 -13.66
N LEU D 41 2.80 15.64 -13.75
CA LEU D 41 1.75 15.71 -14.77
C LEU D 41 2.36 15.67 -16.17
N HIS D 42 1.54 15.24 -17.12
CA HIS D 42 1.96 14.96 -18.50
C HIS D 42 1.66 16.08 -19.42
N VAL D 43 2.64 16.45 -20.24
CA VAL D 43 2.54 17.61 -21.13
C VAL D 43 1.80 17.19 -22.40
N SER D 44 0.67 17.86 -22.66
CA SER D 44 -0.10 17.70 -23.89
C SER D 44 0.33 18.72 -24.96
N TYR D 45 0.74 19.91 -24.51
CA TYR D 45 1.26 20.93 -25.39
C TYR D 45 1.96 21.97 -24.52
N GLU D 46 3.00 22.58 -25.05
CA GLU D 46 3.56 23.77 -24.42
C GLU D 46 4.25 24.69 -25.40
N ASP D 47 4.29 25.95 -25.01
CA ASP D 47 5.06 26.98 -25.71
C ASP D 47 5.52 28.00 -24.66
N GLU D 48 5.96 29.18 -25.11
CA GLU D 48 6.50 30.19 -24.22
C GLU D 48 5.44 30.85 -23.34
N ASN D 49 4.17 30.71 -23.73
CA ASN D 49 3.05 31.36 -23.07
C ASN D 49 2.20 30.43 -22.17
N GLN D 50 2.08 29.15 -22.54
CA GLN D 50 1.17 28.23 -21.87
C GLN D 50 1.78 26.83 -21.76
N ILE D 51 1.39 26.12 -20.70
CA ILE D 51 1.68 24.69 -20.58
C ILE D 51 0.34 23.98 -20.36
N TYR D 52 0.09 22.96 -21.18
CA TYR D 52 -1.15 22.16 -21.12
C TYR D 52 -0.79 20.80 -20.53
N LEU D 53 -1.43 20.44 -19.42
CA LEU D 53 -1.08 19.25 -18.61
C LEU D 53 -2.27 18.34 -18.45
N ARG D 54 -2.01 17.02 -18.37
CA ARG D 54 -3.06 16.06 -18.06
C ARG D 54 -2.59 14.98 -17.12
N SER D 55 -3.58 14.38 -16.47
CA SER D 55 -3.34 13.27 -15.56
C SER D 55 -3.17 11.94 -16.30
N PHE D 56 -2.76 10.92 -15.54
CA PHE D 56 -2.35 9.63 -16.11
C PHE D 56 -3.47 8.95 -16.87
N GLU D 57 -4.70 9.05 -16.38
CA GLU D 57 -5.81 8.30 -17.01
C GLU D 57 -6.69 9.13 -17.96
N GLU D 58 -6.29 10.37 -18.22
CA GLU D 58 -7.16 11.27 -19.01
C GLU D 58 -7.02 11.02 -20.51
N PHE D 59 -8.13 11.13 -21.24
CA PHE D 59 -8.11 11.05 -22.73
C PHE D 59 -8.46 12.38 -23.38
N ILE D 60 -9.15 13.29 -22.67
CA ILE D 60 -9.33 14.64 -23.22
C ILE D 60 -8.01 15.41 -23.20
N HIS D 61 -7.95 16.52 -23.93
CA HIS D 61 -6.65 17.14 -24.21
C HIS D 61 -5.84 17.52 -22.98
N HIS D 62 -6.52 18.03 -21.94
CA HIS D 62 -5.84 18.49 -20.73
C HIS D 62 -6.78 18.58 -19.56
N ASN D 63 -6.17 18.56 -18.37
CA ASN D 63 -6.85 18.87 -17.11
C ASN D 63 -6.42 20.19 -16.47
N LEU D 64 -5.34 20.79 -16.96
CA LEU D 64 -4.79 21.99 -16.35
C LEU D 64 -4.07 22.77 -17.44
N VAL D 65 -4.35 24.05 -17.51
CA VAL D 65 -3.66 24.94 -18.44
C VAL D 65 -3.01 26.02 -17.57
N LEU D 66 -1.71 26.15 -17.71
CA LEU D 66 -0.96 27.20 -17.04
C LEU D 66 -0.70 28.29 -18.08
N THR D 67 -1.19 29.49 -17.82
CA THR D 67 -1.06 30.64 -18.73
C THR D 67 -0.24 31.73 -18.05
N LYS D 68 0.84 32.17 -18.71
CA LYS D 68 1.64 33.26 -18.16
C LYS D 68 0.80 34.53 -18.16
N GLY D 69 0.85 35.26 -17.06
CA GLY D 69 0.13 36.53 -16.95
C GLY D 69 0.69 37.35 -15.82
N PRO D 70 0.21 38.60 -15.69
CA PRO D 70 0.81 39.50 -14.70
C PRO D 70 0.38 39.25 -13.27
N VAL D 71 -0.82 38.69 -13.08
CA VAL D 71 -1.36 38.50 -11.75
C VAL D 71 -1.86 37.07 -11.67
N ALA D 72 -1.30 36.30 -10.72
CA ALA D 72 -1.71 34.91 -10.55
C ALA D 72 -3.17 34.87 -10.15
N ALA D 73 -3.96 34.02 -10.81
CA ALA D 73 -5.40 33.97 -10.60
C ALA D 73 -6.02 32.79 -11.33
N LEU D 74 -7.23 32.41 -10.94
CA LEU D 74 -8.04 31.49 -11.77
C LEU D 74 -8.61 32.24 -12.95
N LYS D 75 -8.36 31.73 -14.15
CA LYS D 75 -8.96 32.29 -15.37
C LYS D 75 -10.25 31.58 -15.80
N ALA D 76 -10.32 30.25 -15.63
CA ALA D 76 -11.54 29.52 -15.91
C ALA D 76 -11.56 28.18 -15.22
N MET D 77 -12.71 27.79 -14.72
N MET D 77 -12.73 27.82 -14.68
CA MET D 77 -12.91 26.42 -14.25
CA MET D 77 -13.04 26.45 -14.21
C MET D 77 -13.93 25.80 -15.18
C MET D 77 -13.92 25.87 -15.28
N ALA D 78 -13.52 24.75 -15.88
CA ALA D 78 -14.25 24.19 -17.01
C ALA D 78 -14.88 22.86 -16.68
N PHE D 79 -16.15 22.77 -17.08
CA PHE D 79 -16.95 21.56 -16.99
C PHE D 79 -17.28 21.02 -18.39
N ARG D 80 -17.14 19.72 -18.57
CA ARG D 80 -17.54 19.14 -19.84
C ARG D 80 -19.02 18.80 -19.78
N VAL D 81 -19.70 19.07 -20.88
CA VAL D 81 -21.14 18.81 -21.00
C VAL D 81 -21.36 17.64 -21.98
N ARG D 82 -22.56 17.07 -21.95
CA ARG D 82 -22.79 15.75 -22.55
C ARG D 82 -22.79 15.78 -24.08
N THR D 83 -23.35 16.84 -24.64
CA THR D 83 -23.49 16.96 -26.11
C THR D 83 -23.13 18.37 -26.58
N PRO D 84 -22.82 18.52 -27.86
CA PRO D 84 -22.60 19.85 -28.41
C PRO D 84 -23.75 20.81 -28.14
N GLU D 85 -24.97 20.29 -28.18
CA GLU D 85 -26.17 21.11 -27.95
C GLU D 85 -26.28 21.65 -26.52
N ASP D 86 -25.60 20.99 -25.58
CA ASP D 86 -25.56 21.47 -24.20
C ASP D 86 -24.80 22.78 -24.03
N VAL D 87 -23.89 23.11 -24.96
CA VAL D 87 -23.22 24.40 -24.94
C VAL D 87 -24.24 25.52 -25.25
N ASP D 88 -25.09 25.30 -26.25
CA ASP D 88 -26.22 26.22 -26.51
C ASP D 88 -27.15 26.33 -25.31
N LYS D 89 -27.39 25.21 -24.62
CA LYS D 89 -28.25 25.25 -23.43
C LYS D 89 -27.61 26.10 -22.34
N ALA D 90 -26.30 25.93 -22.14
CA ALA D 90 -25.54 26.72 -21.16
C ALA D 90 -25.66 28.21 -21.45
N GLU D 91 -25.50 28.57 -22.72
CA GLU D 91 -25.60 29.98 -23.11
C GLU D 91 -26.98 30.55 -22.80
N ALA D 92 -28.04 29.84 -23.21
CA ALA D 92 -29.41 30.29 -22.96
C ALA D 92 -29.71 30.36 -21.47
N TYR D 93 -29.14 29.40 -20.72
CA TYR D 93 -29.36 29.36 -19.27
C TYR D 93 -28.75 30.60 -18.57
N TYR D 94 -27.48 30.89 -18.87
CA TYR D 94 -26.79 32.00 -18.22
C TYR D 94 -27.26 33.34 -18.73
N GLN D 95 -27.72 33.40 -19.98
CA GLN D 95 -28.34 34.63 -20.46
C GLN D 95 -29.63 34.93 -19.71
N GLU D 96 -30.43 33.90 -19.43
CA GLU D 96 -31.64 34.12 -18.62
C GLU D 96 -31.30 34.57 -17.19
N LEU D 97 -30.22 34.04 -16.61
CA LEU D 97 -29.77 34.49 -15.29
C LEU D 97 -29.25 35.93 -15.30
N GLY D 98 -28.99 36.47 -16.47
CA GLY D 98 -28.53 37.85 -16.62
C GLY D 98 -27.03 37.97 -16.56
N CYS D 99 -26.33 36.87 -16.80
CA CYS D 99 -24.89 36.82 -16.66
C CYS D 99 -24.20 37.17 -17.97
N ARG D 100 -23.03 37.75 -17.84
CA ARG D 100 -22.18 37.99 -18.99
C ARG D 100 -21.66 36.67 -19.54
N THR D 101 -21.77 36.49 -20.85
CA THR D 101 -21.30 35.29 -21.54
C THR D 101 -20.44 35.63 -22.76
N GLU D 102 -19.54 34.73 -23.08
CA GLU D 102 -18.72 34.83 -24.27
C GLU D 102 -18.61 33.44 -24.92
N ARG D 103 -18.90 33.37 -26.21
CA ARG D 103 -18.95 32.10 -26.95
C ARG D 103 -17.85 32.14 -28.01
N ARG D 104 -17.04 31.07 -28.07
CA ARG D 104 -16.02 30.94 -29.10
C ARG D 104 -16.15 29.59 -29.76
N LYS D 105 -16.58 29.60 -31.03
CA LYS D 105 -16.81 28.37 -31.79
C LYS D 105 -15.54 27.50 -31.89
N ASP D 106 -14.37 28.11 -31.80
CA ASP D 106 -13.12 27.37 -31.87
C ASP D 106 -12.32 27.34 -30.55
N GLY D 107 -12.98 27.70 -29.43
CA GLY D 107 -12.41 27.54 -28.09
C GLY D 107 -11.64 28.72 -27.57
N PHE D 108 -11.37 28.72 -26.27
CA PHE D 108 -10.54 29.73 -25.63
C PHE D 108 -9.10 29.27 -25.44
N VAL D 109 -8.90 27.95 -25.36
CA VAL D 109 -7.58 27.39 -25.22
C VAL D 109 -7.45 26.24 -26.24
N LYS D 110 -6.21 25.84 -26.50
CA LYS D 110 -5.95 24.77 -27.44
C LYS D 110 -6.56 23.46 -26.95
N GLY D 111 -7.01 22.64 -27.89
CA GLY D 111 -7.57 21.33 -27.58
C GLY D 111 -9.00 21.32 -27.11
N ILE D 112 -9.64 22.49 -27.09
CA ILE D 112 -11.06 22.63 -26.83
C ILE D 112 -11.70 23.30 -28.05
N GLY D 113 -12.87 22.81 -28.45
CA GLY D 113 -13.63 23.41 -29.52
C GLY D 113 -14.66 24.38 -29.00
N ASP D 114 -15.85 24.35 -29.58
CA ASP D 114 -16.93 25.24 -29.22
C ASP D 114 -17.10 25.31 -27.69
N ALA D 115 -16.96 26.51 -27.13
CA ALA D 115 -16.98 26.73 -25.70
C ALA D 115 -17.65 28.03 -25.32
N LEU D 116 -18.32 28.00 -24.18
CA LEU D 116 -18.95 29.15 -23.59
C LEU D 116 -18.26 29.46 -22.25
N ARG D 117 -17.77 30.68 -22.07
CA ARG D 117 -17.37 31.18 -20.77
C ARG D 117 -18.36 32.18 -20.22
N VAL D 118 -18.61 32.10 -18.92
CA VAL D 118 -19.56 32.99 -18.24
C VAL D 118 -18.94 33.57 -16.97
N GLU D 119 -19.35 34.77 -16.59
CA GLU D 119 -19.16 35.28 -15.23
C GLU D 119 -20.42 34.87 -14.48
N ASP D 120 -20.32 33.85 -13.65
CA ASP D 120 -21.53 33.26 -13.07
C ASP D 120 -22.05 34.13 -11.91
N PRO D 121 -23.24 33.78 -11.36
CA PRO D 121 -23.86 34.62 -10.33
C PRO D 121 -23.02 34.82 -9.06
N LEU D 122 -22.07 33.93 -8.83
CA LEU D 122 -21.16 34.04 -7.69
C LEU D 122 -19.84 34.70 -8.07
N GLY D 123 -19.72 35.16 -9.31
CA GLY D 123 -18.53 35.86 -9.77
C GLY D 123 -17.40 34.98 -10.27
N PHE D 124 -17.68 33.70 -10.48
CA PHE D 124 -16.66 32.77 -10.97
C PHE D 124 -16.69 32.60 -12.50
N PRO D 125 -15.50 32.45 -13.10
CA PRO D 125 -15.42 32.22 -14.53
C PRO D 125 -15.58 30.73 -14.85
N TYR D 126 -16.78 30.31 -15.22
CA TYR D 126 -17.05 28.95 -15.61
C TYR D 126 -16.94 28.82 -17.12
N GLU D 127 -16.43 27.69 -17.59
CA GLU D 127 -16.50 27.32 -18.99
C GLU D 127 -17.33 26.05 -19.16
N PHE D 128 -18.14 26.02 -20.21
CA PHE D 128 -18.81 24.80 -20.65
C PHE D 128 -18.39 24.45 -22.06
N PHE D 129 -18.01 23.20 -22.27
CA PHE D 129 -17.65 22.73 -23.60
C PHE D 129 -18.01 21.25 -23.76
N PHE D 130 -18.13 20.82 -25.00
CA PHE D 130 -18.18 19.39 -25.34
C PHE D 130 -16.94 18.96 -26.11
N GLU D 131 -16.66 19.65 -27.21
CA GLU D 131 -15.63 19.27 -28.16
C GLU D 131 -14.25 19.43 -27.56
N THR D 132 -13.47 18.35 -27.63
CA THR D 132 -12.07 18.39 -27.24
C THR D 132 -11.25 17.39 -28.03
N THR D 133 -9.99 17.75 -28.27
CA THR D 133 -9.06 16.87 -28.95
C THR D 133 -8.63 15.72 -28.03
N HIS D 134 -8.90 14.49 -28.45
CA HIS D 134 -8.45 13.30 -27.73
C HIS D 134 -6.96 13.12 -27.90
N VAL D 135 -6.34 12.61 -26.86
CA VAL D 135 -4.93 12.36 -26.79
C VAL D 135 -4.75 10.90 -26.32
N GLU D 136 -3.50 10.43 -26.34
CA GLU D 136 -3.19 9.07 -25.89
C GLU D 136 -3.55 8.94 -24.42
N ARG D 137 -4.45 8.02 -24.12
CA ARG D 137 -4.81 7.75 -22.73
C ARG D 137 -3.65 6.96 -22.09
N LEU D 138 -3.01 7.54 -21.10
CA LEU D 138 -1.77 6.94 -20.53
C LEU D 138 -2.00 5.94 -19.41
N HIS D 139 -3.22 5.45 -19.25
CA HIS D 139 -3.59 4.66 -18.05
C HIS D 139 -2.84 3.37 -17.82
N MET D 140 -2.24 2.82 -18.88
CA MET D 140 -1.42 1.61 -18.76
C MET D 140 0.04 1.85 -19.10
N ARG D 141 0.44 3.12 -19.10
CA ARG D 141 1.81 3.49 -19.41
C ARG D 141 2.65 3.46 -18.12
N TYR D 142 2.81 2.26 -17.58
CA TYR D 142 3.51 2.08 -16.33
C TYR D 142 5.01 2.34 -16.44
N ASP D 143 5.52 2.44 -17.66
CA ASP D 143 6.87 2.92 -17.91
C ASP D 143 7.05 4.42 -17.61
N LEU D 144 5.94 5.15 -17.53
CA LEU D 144 5.94 6.57 -17.17
C LEU D 144 5.44 6.83 -15.74
N TYR D 145 4.89 5.82 -15.09
CA TYR D 145 4.20 5.99 -13.81
C TYR D 145 5.16 6.37 -12.70
N SER D 146 4.92 7.50 -12.04
N SER D 146 4.83 7.48 -12.04
CA SER D 146 5.74 7.91 -10.92
CA SER D 146 5.57 8.00 -10.90
C SER D 146 5.14 7.41 -9.62
C SER D 146 5.11 7.37 -9.60
N ALA D 147 5.99 7.33 -8.61
CA ALA D 147 5.60 6.89 -7.29
C ALA D 147 4.53 7.79 -6.65
N GLY D 148 4.40 9.02 -7.13
CA GLY D 148 3.30 9.90 -6.71
C GLY D 148 2.26 10.18 -7.78
N GLU D 149 2.05 9.25 -8.71
CA GLU D 149 1.27 9.57 -9.93
C GLU D 149 -0.14 10.13 -9.68
N LEU D 150 -0.42 11.26 -10.32
CA LEU D 150 -1.75 11.86 -10.34
C LEU D 150 -2.55 11.30 -11.49
N VAL D 151 -3.67 10.64 -11.16
CA VAL D 151 -4.36 9.81 -12.14
C VAL D 151 -5.61 10.42 -12.77
N ARG D 152 -6.30 11.31 -12.03
N ARG D 152 -6.31 11.29 -12.03
CA ARG D 152 -7.50 11.99 -12.52
CA ARG D 152 -7.52 11.97 -12.53
C ARG D 152 -7.55 13.40 -11.95
C ARG D 152 -7.59 13.38 -11.93
N LEU D 153 -8.27 14.29 -12.63
CA LEU D 153 -8.77 15.50 -12.00
C LEU D 153 -10.04 15.13 -11.24
N ASP D 154 -10.13 15.50 -9.98
CA ASP D 154 -11.33 15.18 -9.18
C ASP D 154 -12.33 16.31 -8.96
N HIS D 155 -11.88 17.50 -8.59
CA HIS D 155 -12.81 18.57 -8.24
C HIS D 155 -12.15 19.91 -8.11
N PHE D 156 -13.01 20.92 -8.05
CA PHE D 156 -12.68 22.29 -7.69
C PHE D 156 -13.28 22.57 -6.31
N ASN D 157 -12.78 23.60 -5.63
CA ASN D 157 -13.39 24.08 -4.41
C ASN D 157 -13.30 25.60 -4.44
N GLN D 158 -14.47 26.23 -4.27
CA GLN D 158 -14.69 27.67 -4.43
C GLN D 158 -14.99 28.35 -3.11
N VAL D 159 -14.37 29.51 -2.86
CA VAL D 159 -14.68 30.31 -1.67
C VAL D 159 -15.75 31.36 -2.05
N THR D 160 -16.84 31.36 -1.32
CA THR D 160 -17.95 32.27 -1.58
C THR D 160 -18.60 32.66 -0.26
N PRO D 161 -19.12 33.92 -0.13
CA PRO D 161 -19.53 34.35 1.21
C PRO D 161 -20.83 33.77 1.74
N ASP D 162 -21.77 33.44 0.85
CA ASP D 162 -23.11 32.97 1.24
C ASP D 162 -23.28 31.56 0.66
N VAL D 163 -23.11 30.54 1.48
CA VAL D 163 -23.11 29.19 0.98
C VAL D 163 -24.49 28.71 0.51
N PRO D 164 -25.56 28.95 1.29
CA PRO D 164 -26.87 28.52 0.80
C PRO D 164 -27.28 29.15 -0.55
N ARG D 165 -26.92 30.41 -0.76
CA ARG D 165 -27.26 31.10 -2.02
C ARG D 165 -26.59 30.40 -3.20
N GLY D 166 -25.30 30.09 -3.04
CA GLY D 166 -24.56 29.37 -4.06
C GLY D 166 -25.03 27.94 -4.24
N ARG D 167 -25.37 27.28 -3.14
N ARG D 167 -25.36 27.29 -3.15
CA ARG D 167 -25.80 25.89 -3.21
CA ARG D 167 -25.81 25.90 -3.20
C ARG D 167 -27.09 25.74 -4.01
C ARG D 167 -27.08 25.76 -4.02
N LYS D 168 -28.05 26.64 -3.79
CA LYS D 168 -29.33 26.58 -4.47
C LYS D 168 -29.10 26.75 -5.98
N TYR D 169 -28.25 27.71 -6.32
CA TYR D 169 -27.88 27.95 -7.74
C TYR D 169 -27.24 26.71 -8.37
N LEU D 170 -26.33 26.08 -7.66
CA LEU D 170 -25.69 24.89 -8.21
C LEU D 170 -26.64 23.69 -8.29
N GLU D 171 -27.60 23.60 -7.36
CA GLU D 171 -28.61 22.54 -7.43
C GLU D 171 -29.49 22.72 -8.67
N ASP D 172 -29.86 23.95 -8.96
CA ASP D 172 -30.69 24.22 -10.16
C ASP D 172 -29.91 23.86 -11.43
N LEU D 173 -28.59 24.01 -11.38
CA LEU D 173 -27.70 23.69 -12.49
C LEU D 173 -27.49 22.17 -12.62
N GLY D 174 -27.96 21.42 -11.63
CA GLY D 174 -27.98 19.97 -11.70
C GLY D 174 -27.04 19.27 -10.74
N PHE D 175 -26.20 20.02 -10.01
CA PHE D 175 -25.31 19.41 -9.00
C PHE D 175 -26.15 18.88 -7.83
N ARG D 176 -25.80 17.72 -7.29
CA ARG D 176 -26.47 17.20 -6.07
C ARG D 176 -25.55 17.31 -4.86
N VAL D 177 -26.04 17.90 -3.78
CA VAL D 177 -25.27 17.97 -2.54
C VAL D 177 -25.13 16.58 -1.93
N THR D 178 -23.91 16.29 -1.51
CA THR D 178 -23.57 15.03 -0.85
C THR D 178 -23.28 15.22 0.63
N GLU D 179 -22.50 16.23 0.96
CA GLU D 179 -22.16 16.52 2.34
C GLU D 179 -22.14 18.02 2.59
N ASP D 180 -22.33 18.41 3.84
CA ASP D 180 -22.19 19.79 4.25
C ASP D 180 -21.79 19.91 5.72
N ILE D 181 -21.39 21.13 6.10
CA ILE D 181 -21.02 21.48 7.48
C ILE D 181 -21.90 22.64 7.92
N GLN D 182 -22.60 22.44 9.03
CA GLN D 182 -23.51 23.44 9.61
C GLN D 182 -23.30 23.52 11.10
N ASP D 183 -23.89 24.52 11.74
CA ASP D 183 -24.01 24.51 13.19
C ASP D 183 -25.45 24.41 13.67
N ASP D 184 -25.64 24.34 14.97
CA ASP D 184 -26.95 24.15 15.55
C ASP D 184 -27.85 25.36 15.42
N GLU D 185 -27.25 26.51 15.15
CA GLU D 185 -27.97 27.78 15.05
C GLU D 185 -28.26 28.13 13.57
N GLY D 186 -28.05 27.17 12.66
CA GLY D 186 -28.57 27.29 11.32
C GLY D 186 -27.64 27.89 10.28
N THR D 187 -26.37 28.11 10.64
CA THR D 187 -25.35 28.63 9.72
C THR D 187 -24.72 27.49 8.93
N THR D 188 -24.54 27.70 7.63
CA THR D 188 -23.86 26.75 6.74
C THR D 188 -22.46 27.28 6.44
N TYR D 189 -21.46 26.42 6.64
CA TYR D 189 -20.06 26.78 6.45
C TYR D 189 -19.43 26.24 5.17
N ALA D 190 -19.99 25.17 4.65
CA ALA D 190 -19.42 24.49 3.47
C ALA D 190 -20.40 23.46 2.92
N ALA D 191 -20.37 23.25 1.61
CA ALA D 191 -21.18 22.23 0.93
C ALA D 191 -20.41 21.62 -0.23
N TRP D 192 -20.67 20.34 -0.48
CA TRP D 192 -20.02 19.53 -1.49
C TRP D 192 -21.06 19.04 -2.45
N MET D 193 -20.78 19.09 -3.74
CA MET D 193 -21.82 18.71 -4.72
C MET D 193 -21.27 18.13 -6.01
N HIS D 194 -22.01 17.18 -6.58
CA HIS D 194 -21.48 16.37 -7.67
C HIS D 194 -22.39 16.28 -8.88
N ARG D 195 -21.73 15.99 -9.99
CA ARG D 195 -22.39 15.43 -11.18
C ARG D 195 -21.93 14.02 -11.49
N LYS D 196 -20.62 13.75 -11.42
CA LYS D 196 -20.08 12.47 -11.91
C LYS D 196 -20.14 11.23 -11.02
N GLY D 197 -20.70 11.34 -9.84
CA GLY D 197 -20.88 10.10 -9.01
C GLY D 197 -19.76 9.80 -8.03
N THR D 198 -18.93 10.82 -7.79
CA THR D 198 -18.02 10.88 -6.65
C THR D 198 -18.59 11.90 -5.66
N VAL D 199 -17.89 12.15 -4.55
CA VAL D 199 -18.44 13.06 -3.56
C VAL D 199 -18.65 14.45 -4.11
N HIS D 200 -17.76 14.91 -5.00
CA HIS D 200 -17.99 16.20 -5.62
C HIS D 200 -17.28 16.45 -6.92
N ASP D 201 -17.82 17.39 -7.70
CA ASP D 201 -17.13 18.01 -8.81
C ASP D 201 -16.74 19.46 -8.47
N THR D 202 -17.54 20.13 -7.66
CA THR D 202 -17.13 21.39 -7.05
C THR D 202 -17.67 21.44 -5.61
N ALA D 203 -17.24 22.44 -4.87
CA ALA D 203 -17.61 22.58 -3.49
C ALA D 203 -17.58 24.04 -3.18
N LEU D 204 -18.38 24.44 -2.20
CA LEU D 204 -18.41 25.83 -1.71
C LEU D 204 -17.85 25.84 -0.30
N THR D 205 -16.89 26.74 -0.06
CA THR D 205 -16.32 26.96 1.23
C THR D 205 -16.69 28.39 1.62
N GLY D 206 -17.32 28.59 2.77
CA GLY D 206 -17.73 29.92 3.21
C GLY D 206 -16.53 30.81 3.48
N GLY D 207 -16.53 31.99 2.89
CA GLY D 207 -15.43 32.94 3.11
C GLY D 207 -15.54 34.09 2.14
N ASN D 208 -14.65 35.06 2.24
CA ASN D 208 -14.69 36.19 1.31
C ASN D 208 -14.44 35.70 -0.11
N GLY D 209 -15.26 36.13 -1.06
CA GLY D 209 -15.12 35.64 -2.42
C GLY D 209 -15.68 36.58 -3.45
N PRO D 210 -15.55 36.22 -4.74
CA PRO D 210 -15.08 34.90 -5.22
C PRO D 210 -13.58 34.72 -5.15
N ARG D 211 -13.15 33.56 -4.62
CA ARG D 211 -11.76 33.13 -4.70
C ARG D 211 -11.78 31.63 -4.95
N LEU D 212 -10.73 31.12 -5.57
CA LEU D 212 -10.59 29.69 -5.80
C LEU D 212 -9.82 29.09 -4.62
N HIS D 213 -10.46 28.15 -3.93
CA HIS D 213 -9.79 27.51 -2.80
C HIS D 213 -8.70 26.56 -3.27
N HIS D 214 -9.07 25.61 -4.12
CA HIS D 214 -8.12 24.63 -4.65
C HIS D 214 -8.67 23.89 -5.86
N VAL D 215 -7.75 23.22 -6.56
CA VAL D 215 -8.03 22.19 -7.57
C VAL D 215 -7.48 20.88 -7.02
N ALA D 216 -8.24 19.80 -7.19
CA ALA D 216 -7.85 18.49 -6.63
C ALA D 216 -7.64 17.44 -7.71
N PHE D 217 -6.53 16.73 -7.60
CA PHE D 217 -6.21 15.54 -8.40
C PHE D 217 -6.21 14.28 -7.51
N SER D 218 -6.60 13.17 -8.11
CA SER D 218 -6.64 11.86 -7.46
C SER D 218 -5.35 11.08 -7.70
N THR D 219 -5.05 10.18 -6.78
CA THR D 219 -4.06 9.11 -6.94
C THR D 219 -4.79 7.77 -6.81
N HIS D 220 -4.11 6.69 -7.12
CA HIS D 220 -4.69 5.36 -6.97
C HIS D 220 -4.76 4.98 -5.51
N GLU D 221 -3.66 5.19 -4.80
CA GLU D 221 -3.51 4.66 -3.43
C GLU D 221 -2.98 5.72 -2.48
N LYS D 222 -3.11 5.42 -1.19
CA LYS D 222 -2.69 6.35 -0.16
C LYS D 222 -1.17 6.55 -0.21
N HIS D 223 -0.42 5.50 -0.53
CA HIS D 223 1.06 5.60 -0.53
C HIS D 223 1.53 6.59 -1.58
N ASN D 224 0.72 6.80 -2.62
CA ASN D 224 1.10 7.75 -3.67
C ASN D 224 1.11 9.18 -3.10
N ILE D 225 0.17 9.46 -2.21
CA ILE D 225 0.13 10.75 -1.52
C ILE D 225 1.28 10.92 -0.53
N ILE D 226 1.58 9.86 0.21
N ILE D 226 1.58 9.86 0.21
CA ILE D 226 2.74 9.85 1.11
CA ILE D 226 2.75 9.88 1.10
C ILE D 226 4.03 10.16 0.34
C ILE D 226 4.03 10.17 0.33
N GLN D 227 4.19 9.55 -0.84
CA GLN D 227 5.38 9.80 -1.67
C GLN D 227 5.52 11.27 -2.09
N ILE D 228 4.41 11.95 -2.37
CA ILE D 228 4.48 13.38 -2.72
C ILE D 228 5.09 14.16 -1.56
N CYS D 229 4.63 13.86 -0.35
CA CYS D 229 5.20 14.48 0.85
C CYS D 229 6.69 14.18 0.97
N ASP D 230 7.03 12.89 0.83
CA ASP D 230 8.41 12.45 0.95
C ASP D 230 9.34 13.15 -0.04
N LYS D 231 8.86 13.26 -1.27
CA LYS D 231 9.61 13.90 -2.34
C LYS D 231 9.82 15.38 -2.04
N MET D 232 8.77 16.05 -1.56
CA MET D 232 8.87 17.48 -1.20
C MET D 232 9.89 17.65 -0.05
N GLY D 233 9.93 16.74 0.90
CA GLY D 233 11.00 16.77 1.90
C GLY D 233 12.39 16.61 1.27
N ALA D 234 12.54 15.67 0.36
CA ALA D 234 13.85 15.44 -0.28
C ALA D 234 14.31 16.65 -1.10
N LEU D 235 13.35 17.33 -1.72
CA LEU D 235 13.61 18.56 -2.49
C LEU D 235 13.73 19.79 -1.57
N ARG D 236 13.57 19.60 -0.26
CA ARG D 236 13.69 20.66 0.72
C ARG D 236 12.72 21.80 0.42
N ILE D 237 11.51 21.40 0.08
CA ILE D 237 10.38 22.32 -0.13
C ILE D 237 9.16 21.90 0.74
N SER D 238 9.44 21.35 1.91
CA SER D 238 8.39 20.94 2.84
C SER D 238 7.58 22.13 3.32
N ASP D 239 8.13 23.33 3.21
CA ASP D 239 7.37 24.55 3.51
C ASP D 239 6.20 24.80 2.55
N ARG D 240 6.21 24.12 1.42
CA ARG D 240 5.10 24.17 0.45
C ARG D 240 4.06 23.06 0.69
N ILE D 241 4.26 22.22 1.70
CA ILE D 241 3.20 21.32 2.19
C ILE D 241 2.41 22.16 3.19
N GLU D 242 1.20 22.54 2.79
CA GLU D 242 0.37 23.41 3.64
C GLU D 242 -0.28 22.63 4.78
N ARG D 243 -0.86 21.49 4.46
CA ARG D 243 -1.72 20.81 5.42
C ARG D 243 -1.84 19.36 5.02
N GLY D 244 -1.66 18.46 5.99
CA GLY D 244 -1.81 17.03 5.79
C GLY D 244 -0.47 16.32 5.85
N PRO D 245 -0.45 15.06 5.39
CA PRO D 245 -1.56 14.30 4.83
C PRO D 245 -2.55 13.90 5.92
N GLY D 246 -3.76 13.59 5.50
CA GLY D 246 -4.76 13.16 6.43
C GLY D 246 -5.86 12.36 5.81
N ARG D 247 -6.83 11.99 6.64
CA ARG D 247 -8.10 11.43 6.19
C ARG D 247 -9.15 12.49 6.42
N HIS D 248 -9.96 12.79 5.41
CA HIS D 248 -11.07 13.70 5.64
C HIS D 248 -12.19 13.02 6.39
N GLY D 249 -12.96 13.79 7.16
CA GLY D 249 -14.25 13.31 7.65
C GLY D 249 -15.24 13.40 6.50
N VAL D 250 -15.61 14.62 6.17
CA VAL D 250 -16.39 14.89 4.96
C VAL D 250 -15.65 14.29 3.76
N SER D 251 -16.30 13.41 3.03
CA SER D 251 -15.81 12.72 1.83
C SER D 251 -15.09 11.42 2.09
N ASN D 252 -14.56 11.24 3.30
CA ASN D 252 -13.80 10.06 3.69
C ASN D 252 -12.52 9.84 2.87
N ALA D 253 -12.07 10.86 2.15
CA ALA D 253 -10.90 10.70 1.28
C ALA D 253 -9.60 10.95 2.01
N PHE D 254 -8.56 10.24 1.60
CA PHE D 254 -7.20 10.54 2.05
C PHE D 254 -6.71 11.75 1.26
N TYR D 255 -6.00 12.66 1.90
CA TYR D 255 -5.74 13.96 1.30
C TYR D 255 -4.41 14.58 1.65
N LEU D 256 -4.05 15.59 0.87
CA LEU D 256 -2.87 16.44 1.11
C LEU D 256 -3.12 17.76 0.42
N PHE D 257 -2.76 18.87 1.06
CA PHE D 257 -2.76 20.21 0.42
C PHE D 257 -1.36 20.78 0.31
N ILE D 258 -1.01 21.19 -0.91
CA ILE D 258 0.29 21.78 -1.22
C ILE D 258 0.06 23.09 -1.98
N LEU D 259 1.12 23.90 -2.06
CA LEU D 259 1.05 25.22 -2.66
C LEU D 259 2.03 25.33 -3.84
N ASP D 260 1.52 25.77 -4.97
CA ASP D 260 2.33 26.01 -6.17
C ASP D 260 3.13 27.33 -6.02
N PRO D 261 4.00 27.64 -6.99
CA PRO D 261 4.88 28.82 -6.82
C PRO D 261 4.15 30.16 -6.69
N ASP D 262 2.91 30.24 -7.17
CA ASP D 262 2.06 31.44 -7.04
C ASP D 262 1.05 31.32 -5.89
N ASN D 263 1.29 30.33 -5.02
N ASN D 263 1.30 30.36 -5.00
CA ASN D 263 0.42 30.02 -3.88
CA ASN D 263 0.40 30.02 -3.88
C ASN D 263 -0.95 29.44 -4.23
C ASN D 263 -1.00 29.57 -4.28
N HIS D 264 -1.16 29.02 -5.48
CA HIS D 264 -2.37 28.29 -5.83
C HIS D 264 -2.31 26.98 -5.07
N ARG D 265 -3.42 26.63 -4.41
CA ARG D 265 -3.50 25.44 -3.61
C ARG D 265 -3.96 24.26 -4.44
N ILE D 266 -3.22 23.17 -4.32
CA ILE D 266 -3.55 21.92 -5.02
C ILE D 266 -3.79 20.86 -3.93
N GLU D 267 -4.87 20.11 -4.07
CA GLU D 267 -5.18 18.98 -3.21
C GLU D 267 -4.88 17.71 -3.99
N ILE D 268 -4.33 16.72 -3.29
CA ILE D 268 -4.20 15.37 -3.79
C ILE D 268 -5.16 14.55 -2.91
N TYR D 269 -5.89 13.63 -3.52
CA TYR D 269 -7.11 13.07 -2.95
C TYR D 269 -7.27 11.62 -3.41
N THR D 270 -7.77 10.75 -2.56
CA THR D 270 -8.09 9.42 -3.03
C THR D 270 -9.12 8.73 -2.14
N GLN D 271 -9.90 7.86 -2.77
CA GLN D 271 -10.72 6.88 -2.07
C GLN D 271 -11.93 7.43 -1.33
N ASP D 272 -12.62 8.36 -1.98
CA ASP D 272 -13.99 8.68 -1.58
C ASP D 272 -14.95 7.61 -2.13
N TYR D 273 -16.26 7.83 -1.99
CA TYR D 273 -17.26 6.81 -2.21
C TYR D 273 -18.21 7.18 -3.37
N TYR D 274 -19.03 6.23 -3.76
CA TYR D 274 -19.97 6.36 -4.88
C TYR D 274 -21.26 7.10 -4.47
N THR D 275 -21.62 8.10 -5.28
CA THR D 275 -22.78 8.95 -4.98
C THR D 275 -23.81 8.98 -6.10
N GLY D 276 -23.64 8.11 -7.08
CA GLY D 276 -24.44 8.19 -8.30
C GLY D 276 -25.92 7.83 -8.17
N ASP D 277 -26.35 7.19 -7.08
CA ASP D 277 -27.80 6.93 -6.92
C ASP D 277 -28.54 8.24 -6.54
N PRO D 278 -29.76 8.45 -7.06
CA PRO D 278 -30.39 9.77 -6.89
C PRO D 278 -30.85 10.04 -5.47
N ASP D 279 -30.99 9.00 -4.67
CA ASP D 279 -31.31 9.13 -3.25
C ASP D 279 -30.09 8.88 -2.35
N ASN D 280 -28.90 9.09 -2.88
CA ASN D 280 -27.66 9.01 -2.11
C ASN D 280 -27.84 9.78 -0.81
N PRO D 281 -27.59 9.12 0.33
CA PRO D 281 -27.77 9.82 1.62
C PRO D 281 -26.86 11.01 1.81
N THR D 282 -27.43 12.15 2.18
CA THR D 282 -26.63 13.33 2.43
C THR D 282 -26.09 13.23 3.87
N ILE D 283 -24.94 13.83 4.11
CA ILE D 283 -24.33 13.79 5.44
C ILE D 283 -24.05 15.23 5.88
N THR D 284 -24.56 15.63 7.02
CA THR D 284 -24.28 16.93 7.59
C THR D 284 -23.43 16.77 8.86
N TRP D 285 -22.32 17.50 8.92
CA TRP D 285 -21.46 17.50 10.06
C TRP D 285 -21.62 18.78 10.83
N ASN D 286 -21.42 18.70 12.15
CA ASN D 286 -21.40 19.91 12.97
C ASN D 286 -20.05 20.59 12.85
N VAL D 287 -20.06 21.93 12.74
CA VAL D 287 -18.83 22.70 12.59
C VAL D 287 -17.85 22.50 13.75
N HIS D 288 -18.34 22.14 14.94
CA HIS D 288 -17.47 21.96 16.10
C HIS D 288 -16.91 20.56 16.22
N ASP D 289 -17.30 19.68 15.31
CA ASP D 289 -16.80 18.31 15.33
C ASP D 289 -15.35 18.30 14.81
N ASN D 290 -14.41 17.99 15.70
CA ASN D 290 -13.00 18.04 15.33
C ASN D 290 -12.57 16.89 14.43
N GLN D 291 -13.48 15.98 14.10
CA GLN D 291 -13.17 14.93 13.11
C GLN D 291 -13.75 15.23 11.71
N ARG D 292 -14.37 16.40 11.51
CA ARG D 292 -15.07 16.63 10.25
C ARG D 292 -14.16 16.91 9.05
N ARG D 293 -13.05 17.60 9.30
CA ARG D 293 -12.14 17.99 8.23
C ARG D 293 -10.91 17.08 8.18
N ASP D 294 -10.36 16.78 9.34
CA ASP D 294 -9.36 15.75 9.54
C ASP D 294 -9.93 14.75 10.56
N TRP D 295 -10.19 13.54 10.09
CA TRP D 295 -10.83 12.49 10.83
C TRP D 295 -10.03 12.09 12.04
N TRP D 296 -8.72 12.32 11.98
CA TRP D 296 -7.81 11.99 13.06
C TRP D 296 -7.66 13.09 14.08
N GLY D 297 -8.39 14.17 13.87
CA GLY D 297 -8.38 15.31 14.76
C GLY D 297 -7.23 16.27 14.61
N ASN D 298 -6.36 16.07 13.63
CA ASN D 298 -5.28 17.03 13.43
C ASN D 298 -5.83 18.42 13.10
N PRO D 299 -5.14 19.46 13.59
CA PRO D 299 -5.68 20.81 13.48
C PRO D 299 -5.68 21.30 12.02
N VAL D 300 -6.69 22.07 11.65
CA VAL D 300 -6.70 22.70 10.34
C VAL D 300 -5.82 23.95 10.40
N VAL D 301 -4.80 23.99 9.55
CA VAL D 301 -3.86 25.09 9.54
C VAL D 301 -4.61 26.37 9.17
N PRO D 302 -4.32 27.48 9.85
CA PRO D 302 -5.13 28.70 9.66
C PRO D 302 -5.15 29.27 8.23
N SER D 303 -4.04 29.14 7.52
CA SER D 303 -3.98 29.58 6.12
C SER D 303 -5.01 28.90 5.25
N TRP D 304 -5.41 27.69 5.63
CA TRP D 304 -6.45 26.96 4.91
C TRP D 304 -7.77 27.69 4.91
N TYR D 305 -8.04 28.42 5.99
CA TYR D 305 -9.25 29.20 6.11
C TYR D 305 -9.13 30.62 5.56
N THR D 306 -7.92 31.15 5.44
CA THR D 306 -7.75 32.56 5.10
C THR D 306 -7.26 32.84 3.68
N GLU D 307 -6.50 31.90 3.11
CA GLU D 307 -5.82 32.12 1.84
C GLU D 307 -6.53 31.37 0.74
N ALA D 308 -6.65 32.02 -0.40
CA ALA D 308 -7.25 31.42 -1.60
C ALA D 308 -6.89 32.31 -2.79
N SER D 309 -7.02 31.78 -3.99
CA SER D 309 -6.59 32.48 -5.20
C SER D 309 -7.62 33.47 -5.72
N LYS D 310 -7.11 34.57 -6.28
CA LYS D 310 -7.94 35.51 -6.99
C LYS D 310 -8.60 34.83 -8.21
N VAL D 311 -9.72 35.37 -8.66
CA VAL D 311 -10.35 34.90 -9.89
C VAL D 311 -10.55 36.08 -10.83
N LEU D 312 -10.48 35.79 -12.12
CA LEU D 312 -10.62 36.82 -13.16
C LEU D 312 -12.01 36.88 -13.76
N ASP D 313 -12.39 38.07 -14.20
CA ASP D 313 -13.57 38.22 -15.06
C ASP D 313 -13.18 37.94 -16.53
N LEU D 314 -14.14 38.09 -17.45
CA LEU D 314 -13.90 37.74 -18.85
C LEU D 314 -12.99 38.73 -19.58
N ASP D 315 -12.68 39.87 -18.96
CA ASP D 315 -11.70 40.82 -19.49
C ASP D 315 -10.29 40.60 -18.94
N GLY D 316 -10.11 39.63 -18.05
CA GLY D 316 -8.81 39.38 -17.48
C GLY D 316 -8.50 40.20 -16.23
N ASN D 317 -9.51 40.89 -15.68
CA ASN D 317 -9.34 41.68 -14.49
C ASN D 317 -9.81 40.91 -13.26
N VAL D 318 -9.15 41.16 -12.14
CA VAL D 318 -9.45 40.45 -10.88
C VAL D 318 -10.84 40.86 -10.40
N GLN D 319 -11.64 39.86 -10.02
CA GLN D 319 -12.99 40.09 -9.46
C GLN D 319 -12.88 40.68 -8.07
N GLU D 320 -13.72 41.68 -7.81
N GLU D 320 -13.73 41.68 -7.81
CA GLU D 320 -13.81 42.29 -6.50
CA GLU D 320 -13.87 42.29 -6.50
C GLU D 320 -14.31 41.27 -5.46
C GLU D 320 -14.29 41.24 -5.47
N ILE D 321 -13.74 41.35 -4.27
CA ILE D 321 -14.08 40.43 -3.17
C ILE D 321 -15.23 40.97 -2.33
N ILE D 322 -16.22 40.12 -2.06
N ILE D 322 -16.20 40.11 -2.05
CA ILE D 322 -17.33 40.42 -1.17
CA ILE D 322 -17.33 40.43 -1.18
C ILE D 322 -17.12 39.67 0.13
C ILE D 322 -17.13 39.67 0.13
N GLU D 323 -17.23 40.38 1.25
CA GLU D 323 -16.94 39.81 2.55
C GLU D 323 -18.06 38.92 3.06
N ARG D 324 -17.69 37.79 3.64
CA ARG D 324 -18.66 36.96 4.35
C ARG D 324 -19.13 37.65 5.62
N THR D 325 -20.44 37.60 5.86
CA THR D 325 -21.04 38.14 7.09
C THR D 325 -21.54 37.06 8.05
N ASP D 326 -21.81 35.86 7.54
CA ASP D 326 -22.09 34.70 8.40
C ASP D 326 -20.83 34.33 9.22
N ASP D 327 -21.00 33.52 10.25
CA ASP D 327 -19.90 33.15 11.13
C ASP D 327 -18.75 32.49 10.37
N SER D 328 -17.54 32.70 10.90
CA SER D 328 -16.29 32.18 10.34
C SER D 328 -15.96 30.83 10.94
N GLU D 329 -15.78 29.83 10.08
CA GLU D 329 -15.37 28.50 10.55
C GLU D 329 -14.07 28.54 11.38
N LEU D 330 -13.09 29.30 10.94
CA LEU D 330 -11.86 29.47 11.71
C LEU D 330 -12.20 29.98 13.11
N GLU D 331 -12.95 31.08 13.17
CA GLU D 331 -13.18 31.69 14.49
C GLU D 331 -13.95 30.77 15.42
N VAL D 332 -14.94 30.05 14.91
CA VAL D 332 -15.84 29.30 15.80
C VAL D 332 -15.20 27.98 16.24
N THR D 333 -14.11 27.58 15.59
CA THR D 333 -13.46 26.31 15.91
C THR D 333 -12.08 26.41 16.57
N ILE D 334 -11.20 27.26 16.03
CA ILE D 334 -9.83 27.34 16.48
C ILE D 334 -9.38 28.73 16.94
N GLY D 335 -10.27 29.72 16.82
CA GLY D 335 -9.98 31.08 17.29
C GLY D 335 -10.10 31.20 18.79
N ALA D 336 -9.77 32.36 19.33
CA ALA D 336 -9.76 32.58 20.77
C ALA D 336 -11.10 32.27 21.45
N ASP D 337 -12.21 32.42 20.74
CA ASP D 337 -13.53 32.08 21.29
C ASP D 337 -14.18 30.88 20.66
N GLY D 338 -13.36 30.11 19.97
CA GLY D 338 -13.84 28.91 19.32
C GLY D 338 -13.77 27.68 20.20
N PHE D 339 -14.39 26.60 19.72
CA PHE D 339 -14.18 25.33 20.33
C PHE D 339 -14.42 24.21 19.36
N SER D 340 -13.86 23.06 19.69
CA SER D 340 -14.17 21.83 18.97
C SER D 340 -14.20 20.66 19.94
N PHE D 341 -14.84 19.58 19.52
CA PHE D 341 -14.99 18.38 20.32
C PHE D 341 -14.53 17.15 19.57
N THR D 342 -14.16 16.11 20.32
CA THR D 342 -13.95 14.79 19.79
C THR D 342 -15.22 14.00 19.88
N ARG D 343 -15.88 14.04 21.04
CA ARG D 343 -17.17 13.40 21.25
C ARG D 343 -18.15 14.48 21.64
N ALA D 344 -19.29 14.57 20.95
CA ALA D 344 -20.26 15.62 21.23
C ALA D 344 -20.68 15.56 22.70
N GLY D 345 -20.65 16.72 23.35
CA GLY D 345 -21.02 16.84 24.74
C GLY D 345 -19.97 16.45 25.78
N ASP D 346 -18.80 16.00 25.35
CA ASP D 346 -17.72 15.56 26.26
C ASP D 346 -16.64 16.63 26.33
N GLU D 347 -16.35 17.08 27.55
CA GLU D 347 -15.28 18.03 27.77
C GLU D 347 -13.91 17.41 27.55
N ASP D 348 -13.78 16.12 27.88
CA ASP D 348 -12.53 15.38 27.59
C ASP D 348 -12.37 15.29 26.09
N GLY D 349 -11.21 15.68 25.57
CA GLY D 349 -11.00 15.68 24.13
C GLY D 349 -11.60 16.86 23.42
N SER D 350 -12.01 17.89 24.17
N SER D 350 -12.03 17.88 24.18
CA SER D 350 -12.46 19.15 23.59
CA SER D 350 -12.48 19.15 23.59
C SER D 350 -11.38 20.22 23.71
C SER D 350 -11.37 20.21 23.69
N TYR D 351 -11.45 21.20 22.81
CA TYR D 351 -10.46 22.26 22.69
C TYR D 351 -11.21 23.57 22.72
N HIS D 352 -10.79 24.48 23.61
CA HIS D 352 -11.45 25.78 23.76
C HIS D 352 -10.42 26.87 23.59
N GLY D 353 -10.63 27.73 22.61
CA GLY D 353 -9.78 28.88 22.39
C GLY D 353 -8.47 28.57 21.72
N GLN D 354 -8.40 27.36 21.15
CA GLN D 354 -7.20 26.90 20.49
C GLN D 354 -7.51 25.69 19.65
N ALA D 355 -6.53 25.29 18.86
CA ALA D 355 -6.64 24.14 18.00
C ALA D 355 -6.37 22.85 18.80
N SER D 356 -6.57 21.72 18.15
CA SER D 356 -6.26 20.45 18.71
C SER D 356 -4.74 20.23 18.80
N LYS D 357 -4.38 19.17 19.52
CA LYS D 357 -3.01 18.65 19.60
C LYS D 357 -2.04 19.60 20.28
N GLY D 358 -2.57 20.61 20.97
CA GLY D 358 -1.73 21.48 21.83
C GLY D 358 -1.28 22.79 21.20
N PHE D 359 -1.83 23.11 20.04
CA PHE D 359 -1.47 24.33 19.31
C PHE D 359 -2.50 25.44 19.40
N LYS D 360 -2.04 26.68 19.37
CA LYS D 360 -2.92 27.80 19.10
C LYS D 360 -2.49 28.47 17.81
N LEU D 361 -3.26 29.47 17.36
CA LEU D 361 -3.01 30.15 16.09
C LEU D 361 -1.71 30.96 16.21
N GLY D 362 -0.84 30.87 15.20
CA GLY D 362 0.39 31.66 15.16
C GLY D 362 0.18 33.09 14.67
FE FE2 E . 15.13 -16.20 -3.01
CL CL F . 10.07 -20.49 -3.99
C1 GOL G . 2.48 -17.10 -10.47
O1 GOL G . 3.26 -17.54 -9.30
C2 GOL G . 2.86 -17.58 -11.91
O2 GOL G . 3.87 -16.81 -12.60
C3 GOL G . 3.29 -19.03 -11.89
O3 GOL G . 2.22 -19.75 -11.30
C1 GOL H . 5.34 -26.07 8.82
O1 GOL H . 5.11 -24.68 8.50
C2 GOL H . 5.03 -26.75 7.52
O2 GOL H . 5.02 -28.17 7.67
C3 GOL H . 3.67 -26.24 7.06
O3 GOL H . 2.94 -25.82 8.22
FE FE2 I . 10.57 6.13 18.61
CA CA J . 23.37 27.89 17.82
CL CL K . 10.47 12.45 16.32
C1 GOL L . 0.42 16.60 14.59
O1 GOL L . -0.25 15.35 14.55
C2 GOL L . 0.89 17.00 13.21
O2 GOL L . 1.81 18.08 13.48
C3 GOL L . 1.37 15.84 12.30
O3 GOL L . 2.66 15.19 12.59
C1 GOL M . 22.45 16.25 7.94
O1 GOL M . 22.24 17.31 8.86
C2 GOL M . 21.07 15.89 7.40
O2 GOL M . 21.04 16.06 5.98
C3 GOL M . 20.69 14.47 7.78
O3 GOL M . 21.10 13.55 6.74
FE FE2 N . -14.78 -9.43 -14.05
CL CL O . -9.59 -11.78 -17.60
C1 GOL P . -3.58 -1.42 -27.56
O1 GOL P . -2.45 -2.10 -27.02
C2 GOL P . -4.75 -2.33 -27.39
O2 GOL P . -5.05 -2.43 -26.00
C3 GOL P . -4.39 -3.72 -27.86
O3 GOL P . -4.61 -3.82 -29.26
C1 GOL Q . -2.87 -18.53 -12.04
O1 GOL Q . -3.30 -18.09 -10.76
C2 GOL Q . -1.73 -17.67 -12.56
O2 GOL Q . -1.70 -17.88 -14.00
C3 GOL Q . -1.79 -16.21 -12.07
O3 GOL Q . -2.70 -15.33 -12.77
FE FE2 R . -11.09 19.34 -1.81
CL CL S . -11.01 19.70 4.85
C1 GOL T . -21.99 11.16 11.27
O1 GOL T . -21.15 11.21 12.43
C2 GOL T . -22.33 12.58 10.97
O2 GOL T . -21.20 13.11 10.30
C3 GOL T . -22.49 13.28 12.29
O3 GOL T . -22.42 14.67 12.05
C1 GOL U . -1.22 19.91 9.36
O1 GOL U . -0.30 19.49 8.38
C2 GOL U . -1.54 18.80 10.34
O2 GOL U . -2.46 19.48 11.20
C3 GOL U . -1.97 17.49 9.64
O3 GOL U . -3.20 17.52 8.88
C1 GOL V . -24.61 19.11 13.37
O1 GOL V . -25.24 18.54 14.50
C2 GOL V . -25.54 19.56 12.27
O2 GOL V . -26.60 18.63 12.11
C3 GOL V . -26.02 20.92 12.65
O3 GOL V . -25.41 21.23 13.91
#